data_2I5H
# 
_entry.id   2I5H 
# 
_audit_conform.dict_name       mmcif_pdbx.dic 
_audit_conform.dict_version    5.387 
_audit_conform.dict_location   http://mmcif.pdb.org/dictionaries/ascii/mmcif_pdbx.dic 
# 
loop_
_database_2.database_id 
_database_2.database_code 
_database_2.pdbx_database_accession 
_database_2.pdbx_DOI 
PDB   2I5H         pdb_00002i5h 10.2210/pdb2i5h/pdb 
RCSB  RCSB039161   ?            ?                   
WWPDB D_1000039161 ?            ?                   
# 
loop_
_pdbx_audit_revision_history.ordinal 
_pdbx_audit_revision_history.data_content_type 
_pdbx_audit_revision_history.major_revision 
_pdbx_audit_revision_history.minor_revision 
_pdbx_audit_revision_history.revision_date 
1 'Structure model' 1 0 2006-09-05 
2 'Structure model' 1 1 2008-05-01 
3 'Structure model' 1 2 2011-07-13 
4 'Structure model' 1 3 2021-02-03 
5 'Structure model' 1 4 2024-02-21 
# 
_pdbx_audit_revision_details.ordinal             1 
_pdbx_audit_revision_details.revision_ordinal    1 
_pdbx_audit_revision_details.data_content_type   'Structure model' 
_pdbx_audit_revision_details.provider            repository 
_pdbx_audit_revision_details.type                'Initial release' 
_pdbx_audit_revision_details.description         ? 
_pdbx_audit_revision_details.details             ? 
# 
loop_
_pdbx_audit_revision_group.ordinal 
_pdbx_audit_revision_group.revision_ordinal 
_pdbx_audit_revision_group.data_content_type 
_pdbx_audit_revision_group.group 
1 2 'Structure model' 'Version format compliance' 
2 3 'Structure model' 'Version format compliance' 
3 4 'Structure model' 'Database references'       
4 4 'Structure model' 'Structure summary'         
5 5 'Structure model' 'Data collection'           
6 5 'Structure model' 'Database references'       
# 
loop_
_pdbx_audit_revision_category.ordinal 
_pdbx_audit_revision_category.revision_ordinal 
_pdbx_audit_revision_category.data_content_type 
_pdbx_audit_revision_category.category 
1 4 'Structure model' audit_author       
2 4 'Structure model' citation_author    
3 4 'Structure model' struct_ref_seq_dif 
4 5 'Structure model' chem_comp_atom     
5 5 'Structure model' chem_comp_bond     
6 5 'Structure model' database_2         
# 
loop_
_pdbx_audit_revision_item.ordinal 
_pdbx_audit_revision_item.revision_ordinal 
_pdbx_audit_revision_item.data_content_type 
_pdbx_audit_revision_item.item 
1 4 'Structure model' '_audit_author.identifier_ORCID'      
2 4 'Structure model' '_citation_author.identifier_ORCID'   
3 4 'Structure model' '_struct_ref_seq_dif.details'         
4 5 'Structure model' '_database_2.pdbx_DOI'                
5 5 'Structure model' '_database_2.pdbx_database_accession' 
# 
_pdbx_database_status.status_code                     REL 
_pdbx_database_status.entry_id                        2I5H 
_pdbx_database_status.recvd_initial_deposition_date   2006-08-24 
_pdbx_database_status.deposit_site                    RCSB 
_pdbx_database_status.process_site                    RCSB 
_pdbx_database_status.status_code_sf                  REL 
_pdbx_database_status.status_code_mr                  ? 
_pdbx_database_status.SG_entry                        Y 
_pdbx_database_status.pdb_format_compatible           Y 
_pdbx_database_status.status_code_cs                  ? 
_pdbx_database_status.status_code_nmr_data            ? 
_pdbx_database_status.methods_development_category    ? 
# 
_pdbx_database_related.db_name        TargetDB 
_pdbx_database_related.db_id          NYSGXRC-10225b 
_pdbx_database_related.details        . 
_pdbx_database_related.content_type   unspecified 
# 
loop_
_audit_author.name 
_audit_author.pdbx_ordinal 
_audit_author.identifier_ORCID 
'Eswaramoorthy, S.'                                              1 ?                   
'Burley, S.K.'                                                   2 0000-0002-2487-9713 
'Swaminathan, S.'                                                3 ?                   
'New York SGX Research Center for Structural Genomics (NYSGXRC)' 4 ?                   
# 
_citation.id                        primary 
_citation.title                     'Crystal structure of a hypothetical protein AF1531 from Archaeoglobus fulgidus.' 
_citation.journal_abbrev            'To be Published' 
_citation.journal_volume            ? 
_citation.page_first                ? 
_citation.page_last                 ? 
_citation.year                      ? 
_citation.journal_id_ASTM           ? 
_citation.country                   ? 
_citation.journal_id_ISSN           ? 
_citation.journal_id_CSD            0353 
_citation.book_publisher            ? 
_citation.pdbx_database_id_PubMed   ? 
_citation.pdbx_database_id_DOI      ? 
# 
loop_
_citation_author.citation_id 
_citation_author.name 
_citation_author.ordinal 
_citation_author.identifier_ORCID 
primary 'Eswaramoorthy, S.' 1 ?                   
primary 'Burley, S.K.'      2 0000-0002-2487-9713 
primary 'Swaminathan, S.'   3 ?                   
# 
loop_
_entity.id 
_entity.type 
_entity.src_method 
_entity.pdbx_description 
_entity.formula_weight 
_entity.pdbx_number_of_molecules 
_entity.pdbx_ec 
_entity.pdbx_mutation 
_entity.pdbx_fragment 
_entity.details 
1 polymer man 'Hypothetical protein AF1531' 24454.461 1   ? ? ? ? 
2 water   nat water                         18.015    132 ? ? ? ? 
# 
_entity_poly.entity_id                      1 
_entity_poly.type                           'polypeptide(L)' 
_entity_poly.nstd_linkage                   no 
_entity_poly.nstd_monomer                   no 
_entity_poly.pdbx_seq_one_letter_code       
;MSLEKPKVERSEGKEKLEDYAYVLDFMPYGHPDDKRPIHRREPLAQVVGERNFTLLEVSIRKGKQPLVMDRVYIGKGERD
VVYKIKRRLRYEDLTPAAKTELPYVIEHIIKQDEKKYVDFFNKADSITTRMHQLELLPGVGKKMMWAIIEERKKRPFESF
EDIAQRVKGIQRPEKLIVSRIIYEIKNPQTKYKLFTAEGHHHHHH
;
_entity_poly.pdbx_seq_one_letter_code_can   
;MSLEKPKVERSEGKEKLEDYAYVLDFMPYGHPDDKRPIHRREPLAQVVGERNFTLLEVSIRKGKQPLVMDRVYIGKGERD
VVYKIKRRLRYEDLTPAAKTELPYVIEHIIKQDEKKYVDFFNKADSITTRMHQLELLPGVGKKMMWAIIEERKKRPFESF
EDIAQRVKGIQRPEKLIVSRIIYEIKNPQTKYKLFTAEGHHHHHH
;
_entity_poly.pdbx_strand_id                 A 
_entity_poly.pdbx_target_identifier         NYSGXRC-10225b 
# 
_pdbx_entity_nonpoly.entity_id   2 
_pdbx_entity_nonpoly.name        water 
_pdbx_entity_nonpoly.comp_id     HOH 
# 
loop_
_entity_poly_seq.entity_id 
_entity_poly_seq.num 
_entity_poly_seq.mon_id 
_entity_poly_seq.hetero 
1 1   MET n 
1 2   SER n 
1 3   LEU n 
1 4   GLU n 
1 5   LYS n 
1 6   PRO n 
1 7   LYS n 
1 8   VAL n 
1 9   GLU n 
1 10  ARG n 
1 11  SER n 
1 12  GLU n 
1 13  GLY n 
1 14  LYS n 
1 15  GLU n 
1 16  LYS n 
1 17  LEU n 
1 18  GLU n 
1 19  ASP n 
1 20  TYR n 
1 21  ALA n 
1 22  TYR n 
1 23  VAL n 
1 24  LEU n 
1 25  ASP n 
1 26  PHE n 
1 27  MET n 
1 28  PRO n 
1 29  TYR n 
1 30  GLY n 
1 31  HIS n 
1 32  PRO n 
1 33  ASP n 
1 34  ASP n 
1 35  LYS n 
1 36  ARG n 
1 37  PRO n 
1 38  ILE n 
1 39  HIS n 
1 40  ARG n 
1 41  ARG n 
1 42  GLU n 
1 43  PRO n 
1 44  LEU n 
1 45  ALA n 
1 46  GLN n 
1 47  VAL n 
1 48  VAL n 
1 49  GLY n 
1 50  GLU n 
1 51  ARG n 
1 52  ASN n 
1 53  PHE n 
1 54  THR n 
1 55  LEU n 
1 56  LEU n 
1 57  GLU n 
1 58  VAL n 
1 59  SER n 
1 60  ILE n 
1 61  ARG n 
1 62  LYS n 
1 63  GLY n 
1 64  LYS n 
1 65  GLN n 
1 66  PRO n 
1 67  LEU n 
1 68  VAL n 
1 69  MET n 
1 70  ASP n 
1 71  ARG n 
1 72  VAL n 
1 73  TYR n 
1 74  ILE n 
1 75  GLY n 
1 76  LYS n 
1 77  GLY n 
1 78  GLU n 
1 79  ARG n 
1 80  ASP n 
1 81  VAL n 
1 82  VAL n 
1 83  TYR n 
1 84  LYS n 
1 85  ILE n 
1 86  LYS n 
1 87  ARG n 
1 88  ARG n 
1 89  LEU n 
1 90  ARG n 
1 91  TYR n 
1 92  GLU n 
1 93  ASP n 
1 94  LEU n 
1 95  THR n 
1 96  PRO n 
1 97  ALA n 
1 98  ALA n 
1 99  LYS n 
1 100 THR n 
1 101 GLU n 
1 102 LEU n 
1 103 PRO n 
1 104 TYR n 
1 105 VAL n 
1 106 ILE n 
1 107 GLU n 
1 108 HIS n 
1 109 ILE n 
1 110 ILE n 
1 111 LYS n 
1 112 GLN n 
1 113 ASP n 
1 114 GLU n 
1 115 LYS n 
1 116 LYS n 
1 117 TYR n 
1 118 VAL n 
1 119 ASP n 
1 120 PHE n 
1 121 PHE n 
1 122 ASN n 
1 123 LYS n 
1 124 ALA n 
1 125 ASP n 
1 126 SER n 
1 127 ILE n 
1 128 THR n 
1 129 THR n 
1 130 ARG n 
1 131 MET n 
1 132 HIS n 
1 133 GLN n 
1 134 LEU n 
1 135 GLU n 
1 136 LEU n 
1 137 LEU n 
1 138 PRO n 
1 139 GLY n 
1 140 VAL n 
1 141 GLY n 
1 142 LYS n 
1 143 LYS n 
1 144 MET n 
1 145 MET n 
1 146 TRP n 
1 147 ALA n 
1 148 ILE n 
1 149 ILE n 
1 150 GLU n 
1 151 GLU n 
1 152 ARG n 
1 153 LYS n 
1 154 LYS n 
1 155 ARG n 
1 156 PRO n 
1 157 PHE n 
1 158 GLU n 
1 159 SER n 
1 160 PHE n 
1 161 GLU n 
1 162 ASP n 
1 163 ILE n 
1 164 ALA n 
1 165 GLN n 
1 166 ARG n 
1 167 VAL n 
1 168 LYS n 
1 169 GLY n 
1 170 ILE n 
1 171 GLN n 
1 172 ARG n 
1 173 PRO n 
1 174 GLU n 
1 175 LYS n 
1 176 LEU n 
1 177 ILE n 
1 178 VAL n 
1 179 SER n 
1 180 ARG n 
1 181 ILE n 
1 182 ILE n 
1 183 TYR n 
1 184 GLU n 
1 185 ILE n 
1 186 LYS n 
1 187 ASN n 
1 188 PRO n 
1 189 GLN n 
1 190 THR n 
1 191 LYS n 
1 192 TYR n 
1 193 LYS n 
1 194 LEU n 
1 195 PHE n 
1 196 THR n 
1 197 ALA n 
1 198 GLU n 
1 199 GLY n 
1 200 HIS n 
1 201 HIS n 
1 202 HIS n 
1 203 HIS n 
1 204 HIS n 
1 205 HIS n 
# 
_entity_src_gen.entity_id                          1 
_entity_src_gen.pdbx_src_id                        1 
_entity_src_gen.pdbx_alt_source_flag               sample 
_entity_src_gen.pdbx_seq_type                      ? 
_entity_src_gen.pdbx_beg_seq_num                   ? 
_entity_src_gen.pdbx_end_seq_num                   ? 
_entity_src_gen.gene_src_common_name               ? 
_entity_src_gen.gene_src_genus                     Archaeoglobus 
_entity_src_gen.pdbx_gene_src_gene                 ? 
_entity_src_gen.gene_src_species                   ? 
_entity_src_gen.gene_src_strain                    ? 
_entity_src_gen.gene_src_tissue                    ? 
_entity_src_gen.gene_src_tissue_fraction           ? 
_entity_src_gen.gene_src_details                   ? 
_entity_src_gen.pdbx_gene_src_fragment             ? 
_entity_src_gen.pdbx_gene_src_scientific_name      'Archaeoglobus fulgidus' 
_entity_src_gen.pdbx_gene_src_ncbi_taxonomy_id     2234 
_entity_src_gen.pdbx_gene_src_variant              ? 
_entity_src_gen.pdbx_gene_src_cell_line            ? 
_entity_src_gen.pdbx_gene_src_atcc                 ? 
_entity_src_gen.pdbx_gene_src_organ                ? 
_entity_src_gen.pdbx_gene_src_organelle            ? 
_entity_src_gen.pdbx_gene_src_cell                 ? 
_entity_src_gen.pdbx_gene_src_cellular_location    ? 
_entity_src_gen.host_org_common_name               ? 
_entity_src_gen.pdbx_host_org_scientific_name      'Escherichia coli' 
_entity_src_gen.pdbx_host_org_ncbi_taxonomy_id     562 
_entity_src_gen.host_org_genus                     Escherichia 
_entity_src_gen.pdbx_host_org_gene                 ? 
_entity_src_gen.pdbx_host_org_organ                ? 
_entity_src_gen.host_org_species                   ? 
_entity_src_gen.pdbx_host_org_tissue               ? 
_entity_src_gen.pdbx_host_org_tissue_fraction      ? 
_entity_src_gen.pdbx_host_org_strain               ? 
_entity_src_gen.pdbx_host_org_variant              ? 
_entity_src_gen.pdbx_host_org_cell_line            ? 
_entity_src_gen.pdbx_host_org_atcc                 ? 
_entity_src_gen.pdbx_host_org_culture_collection   ? 
_entity_src_gen.pdbx_host_org_cell                 ? 
_entity_src_gen.pdbx_host_org_organelle            ? 
_entity_src_gen.pdbx_host_org_cellular_location    ? 
_entity_src_gen.pdbx_host_org_vector_type          ? 
_entity_src_gen.pdbx_host_org_vector               ? 
_entity_src_gen.host_org_details                   ? 
_entity_src_gen.expression_system_id               ? 
_entity_src_gen.plasmid_name                       ? 
_entity_src_gen.plasmid_details                    ? 
_entity_src_gen.pdbx_description                   ? 
# 
loop_
_chem_comp.id 
_chem_comp.type 
_chem_comp.mon_nstd_flag 
_chem_comp.name 
_chem_comp.pdbx_synonyms 
_chem_comp.formula 
_chem_comp.formula_weight 
ALA 'L-peptide linking' y ALANINE         ? 'C3 H7 N O2'     89.093  
ARG 'L-peptide linking' y ARGININE        ? 'C6 H15 N4 O2 1' 175.209 
ASN 'L-peptide linking' y ASPARAGINE      ? 'C4 H8 N2 O3'    132.118 
ASP 'L-peptide linking' y 'ASPARTIC ACID' ? 'C4 H7 N O4'     133.103 
GLN 'L-peptide linking' y GLUTAMINE       ? 'C5 H10 N2 O3'   146.144 
GLU 'L-peptide linking' y 'GLUTAMIC ACID' ? 'C5 H9 N O4'     147.129 
GLY 'peptide linking'   y GLYCINE         ? 'C2 H5 N O2'     75.067  
HIS 'L-peptide linking' y HISTIDINE       ? 'C6 H10 N3 O2 1' 156.162 
HOH non-polymer         . WATER           ? 'H2 O'           18.015  
ILE 'L-peptide linking' y ISOLEUCINE      ? 'C6 H13 N O2'    131.173 
LEU 'L-peptide linking' y LEUCINE         ? 'C6 H13 N O2'    131.173 
LYS 'L-peptide linking' y LYSINE          ? 'C6 H15 N2 O2 1' 147.195 
MET 'L-peptide linking' y METHIONINE      ? 'C5 H11 N O2 S'  149.211 
PHE 'L-peptide linking' y PHENYLALANINE   ? 'C9 H11 N O2'    165.189 
PRO 'L-peptide linking' y PROLINE         ? 'C5 H9 N O2'     115.130 
SER 'L-peptide linking' y SERINE          ? 'C3 H7 N O3'     105.093 
THR 'L-peptide linking' y THREONINE       ? 'C4 H9 N O3'     119.119 
TRP 'L-peptide linking' y TRYPTOPHAN      ? 'C11 H12 N2 O2'  204.225 
TYR 'L-peptide linking' y TYROSINE        ? 'C9 H11 N O3'    181.189 
VAL 'L-peptide linking' y VALINE          ? 'C5 H11 N O2'    117.146 
# 
loop_
_pdbx_poly_seq_scheme.asym_id 
_pdbx_poly_seq_scheme.entity_id 
_pdbx_poly_seq_scheme.seq_id 
_pdbx_poly_seq_scheme.mon_id 
_pdbx_poly_seq_scheme.ndb_seq_num 
_pdbx_poly_seq_scheme.pdb_seq_num 
_pdbx_poly_seq_scheme.auth_seq_num 
_pdbx_poly_seq_scheme.pdb_mon_id 
_pdbx_poly_seq_scheme.auth_mon_id 
_pdbx_poly_seq_scheme.pdb_strand_id 
_pdbx_poly_seq_scheme.pdb_ins_code 
_pdbx_poly_seq_scheme.hetero 
A 1 1   MET 1   -1  ?   ?   ?   A . n 
A 1 2   SER 2   0   ?   ?   ?   A . n 
A 1 3   LEU 3   1   ?   ?   ?   A . n 
A 1 4   GLU 4   2   ?   ?   ?   A . n 
A 1 5   LYS 5   3   ?   ?   ?   A . n 
A 1 6   PRO 6   4   ?   ?   ?   A . n 
A 1 7   LYS 7   5   ?   ?   ?   A . n 
A 1 8   VAL 8   6   ?   ?   ?   A . n 
A 1 9   GLU 9   7   ?   ?   ?   A . n 
A 1 10  ARG 10  8   ?   ?   ?   A . n 
A 1 11  SER 11  9   ?   ?   ?   A . n 
A 1 12  GLU 12  10  ?   ?   ?   A . n 
A 1 13  GLY 13  11  ?   ?   ?   A . n 
A 1 14  LYS 14  12  ?   ?   ?   A . n 
A 1 15  GLU 15  13  ?   ?   ?   A . n 
A 1 16  LYS 16  14  ?   ?   ?   A . n 
A 1 17  LEU 17  15  ?   ?   ?   A . n 
A 1 18  GLU 18  16  16  GLU GLU A . n 
A 1 19  ASP 19  17  17  ASP ASP A . n 
A 1 20  TYR 20  18  18  TYR TYR A . n 
A 1 21  ALA 21  19  19  ALA ALA A . n 
A 1 22  TYR 22  20  20  TYR TYR A . n 
A 1 23  VAL 23  21  21  VAL VAL A . n 
A 1 24  LEU 24  22  22  LEU LEU A . n 
A 1 25  ASP 25  23  23  ASP ASP A . n 
A 1 26  PHE 26  24  24  PHE PHE A . n 
A 1 27  MET 27  25  25  MET MET A . n 
A 1 28  PRO 28  26  26  PRO PRO A . n 
A 1 29  TYR 29  27  27  TYR TYR A . n 
A 1 30  GLY 30  28  28  GLY GLY A . n 
A 1 31  HIS 31  29  29  HIS HIS A . n 
A 1 32  PRO 32  30  30  PRO PRO A . n 
A 1 33  ASP 33  31  31  ASP ASP A . n 
A 1 34  ASP 34  32  32  ASP ASP A . n 
A 1 35  LYS 35  33  33  LYS LYS A . n 
A 1 36  ARG 36  34  34  ARG ARG A . n 
A 1 37  PRO 37  35  35  PRO PRO A . n 
A 1 38  ILE 38  36  36  ILE ILE A . n 
A 1 39  HIS 39  37  37  HIS HIS A . n 
A 1 40  ARG 40  38  38  ARG ARG A . n 
A 1 41  ARG 41  39  39  ARG ARG A . n 
A 1 42  GLU 42  40  40  GLU GLU A . n 
A 1 43  PRO 43  41  41  PRO PRO A . n 
A 1 44  LEU 44  42  42  LEU LEU A . n 
A 1 45  ALA 45  43  43  ALA ALA A . n 
A 1 46  GLN 46  44  44  GLN GLN A . n 
A 1 47  VAL 47  45  45  VAL VAL A . n 
A 1 48  VAL 48  46  46  VAL VAL A . n 
A 1 49  GLY 49  47  47  GLY GLY A . n 
A 1 50  GLU 50  48  48  GLU GLU A . n 
A 1 51  ARG 51  49  49  ARG ARG A . n 
A 1 52  ASN 52  50  50  ASN ASN A . n 
A 1 53  PHE 53  51  51  PHE PHE A . n 
A 1 54  THR 54  52  52  THR THR A . n 
A 1 55  LEU 55  53  53  LEU LEU A . n 
A 1 56  LEU 56  54  54  LEU LEU A . n 
A 1 57  GLU 57  55  55  GLU GLU A . n 
A 1 58  VAL 58  56  56  VAL VAL A . n 
A 1 59  SER 59  57  57  SER SER A . n 
A 1 60  ILE 60  58  58  ILE ILE A . n 
A 1 61  ARG 61  59  59  ARG ARG A . n 
A 1 62  LYS 62  60  60  LYS LYS A . n 
A 1 63  GLY 63  61  61  GLY GLY A . n 
A 1 64  LYS 64  62  62  LYS LYS A . n 
A 1 65  GLN 65  63  63  GLN GLN A . n 
A 1 66  PRO 66  64  64  PRO PRO A . n 
A 1 67  LEU 67  65  65  LEU LEU A . n 
A 1 68  VAL 68  66  66  VAL VAL A . n 
A 1 69  MET 69  67  67  MET MET A . n 
A 1 70  ASP 70  68  68  ASP ASP A . n 
A 1 71  ARG 71  69  69  ARG ARG A . n 
A 1 72  VAL 72  70  70  VAL VAL A . n 
A 1 73  TYR 73  71  71  TYR TYR A . n 
A 1 74  ILE 74  72  72  ILE ILE A . n 
A 1 75  GLY 75  73  73  GLY GLY A . n 
A 1 76  LYS 76  74  74  LYS LYS A . n 
A 1 77  GLY 77  75  75  GLY GLY A . n 
A 1 78  GLU 78  76  76  GLU GLU A . n 
A 1 79  ARG 79  77  77  ARG ARG A . n 
A 1 80  ASP 80  78  78  ASP ASP A . n 
A 1 81  VAL 81  79  79  VAL VAL A . n 
A 1 82  VAL 82  80  80  VAL VAL A . n 
A 1 83  TYR 83  81  81  TYR TYR A . n 
A 1 84  LYS 84  82  82  LYS LYS A . n 
A 1 85  ILE 85  83  83  ILE ILE A . n 
A 1 86  LYS 86  84  84  LYS LYS A . n 
A 1 87  ARG 87  85  85  ARG ARG A . n 
A 1 88  ARG 88  86  86  ARG ARG A . n 
A 1 89  LEU 89  87  87  LEU LEU A . n 
A 1 90  ARG 90  88  88  ARG ARG A . n 
A 1 91  TYR 91  89  89  TYR TYR A . n 
A 1 92  GLU 92  90  90  GLU GLU A . n 
A 1 93  ASP 93  91  91  ASP ASP A . n 
A 1 94  LEU 94  92  92  LEU LEU A . n 
A 1 95  THR 95  93  93  THR THR A . n 
A 1 96  PRO 96  94  94  PRO PRO A . n 
A 1 97  ALA 97  95  95  ALA ALA A . n 
A 1 98  ALA 98  96  96  ALA ALA A . n 
A 1 99  LYS 99  97  97  LYS LYS A . n 
A 1 100 THR 100 98  98  THR THR A . n 
A 1 101 GLU 101 99  99  GLU GLU A . n 
A 1 102 LEU 102 100 100 LEU LEU A . n 
A 1 103 PRO 103 101 101 PRO PRO A . n 
A 1 104 TYR 104 102 102 TYR TYR A . n 
A 1 105 VAL 105 103 103 VAL VAL A . n 
A 1 106 ILE 106 104 104 ILE ILE A . n 
A 1 107 GLU 107 105 105 GLU GLU A . n 
A 1 108 HIS 108 106 106 HIS HIS A . n 
A 1 109 ILE 109 107 107 ILE ILE A . n 
A 1 110 ILE 110 108 108 ILE ILE A . n 
A 1 111 LYS 111 109 109 LYS LYS A . n 
A 1 112 GLN 112 110 110 GLN GLN A . n 
A 1 113 ASP 113 111 111 ASP ASP A . n 
A 1 114 GLU 114 112 112 GLU GLU A . n 
A 1 115 LYS 115 113 113 LYS LYS A . n 
A 1 116 LYS 116 114 114 LYS LYS A . n 
A 1 117 TYR 117 115 115 TYR TYR A . n 
A 1 118 VAL 118 116 116 VAL VAL A . n 
A 1 119 ASP 119 117 117 ASP ASP A . n 
A 1 120 PHE 120 118 118 PHE PHE A . n 
A 1 121 PHE 121 119 119 PHE PHE A . n 
A 1 122 ASN 122 120 120 ASN ASN A . n 
A 1 123 LYS 123 121 ?   ?   ?   A . n 
A 1 124 ALA 124 122 ?   ?   ?   A . n 
A 1 125 ASP 125 123 123 ASP ASP A . n 
A 1 126 SER 126 124 124 SER SER A . n 
A 1 127 ILE 127 125 125 ILE ILE A . n 
A 1 128 THR 128 126 126 THR THR A . n 
A 1 129 THR 129 127 127 THR THR A . n 
A 1 130 ARG 130 128 128 ARG ARG A . n 
A 1 131 MET 131 129 129 MET MET A . n 
A 1 132 HIS 132 130 130 HIS HIS A . n 
A 1 133 GLN 133 131 131 GLN GLN A . n 
A 1 134 LEU 134 132 132 LEU LEU A . n 
A 1 135 GLU 135 133 133 GLU GLU A . n 
A 1 136 LEU 136 134 134 LEU LEU A . n 
A 1 137 LEU 137 135 135 LEU LEU A . n 
A 1 138 PRO 138 136 136 PRO PRO A . n 
A 1 139 GLY 139 137 137 GLY GLY A . n 
A 1 140 VAL 140 138 138 VAL VAL A . n 
A 1 141 GLY 141 139 139 GLY GLY A . n 
A 1 142 LYS 142 140 140 LYS LYS A . n 
A 1 143 LYS 143 141 141 LYS LYS A . n 
A 1 144 MET 144 142 142 MET MET A . n 
A 1 145 MET 145 143 143 MET MET A . n 
A 1 146 TRP 146 144 144 TRP TRP A . n 
A 1 147 ALA 147 145 145 ALA ALA A . n 
A 1 148 ILE 148 146 146 ILE ILE A . n 
A 1 149 ILE 149 147 147 ILE ILE A . n 
A 1 150 GLU 150 148 148 GLU GLU A . n 
A 1 151 GLU 151 149 149 GLU GLU A . n 
A 1 152 ARG 152 150 150 ARG ARG A . n 
A 1 153 LYS 153 151 151 LYS LYS A . n 
A 1 154 LYS 154 152 152 LYS LYS A . n 
A 1 155 ARG 155 153 153 ARG ARG A . n 
A 1 156 PRO 156 154 154 PRO PRO A . n 
A 1 157 PHE 157 155 155 PHE PHE A . n 
A 1 158 GLU 158 156 156 GLU GLU A . n 
A 1 159 SER 159 157 157 SER SER A . n 
A 1 160 PHE 160 158 158 PHE PHE A . n 
A 1 161 GLU 161 159 159 GLU GLU A . n 
A 1 162 ASP 162 160 160 ASP ASP A . n 
A 1 163 ILE 163 161 161 ILE ILE A . n 
A 1 164 ALA 164 162 162 ALA ALA A . n 
A 1 165 GLN 165 163 163 GLN GLN A . n 
A 1 166 ARG 166 164 164 ARG ARG A . n 
A 1 167 VAL 167 165 165 VAL VAL A . n 
A 1 168 LYS 168 166 166 LYS LYS A . n 
A 1 169 GLY 169 167 167 GLY GLY A . n 
A 1 170 ILE 170 168 168 ILE ILE A . n 
A 1 171 GLN 171 169 169 GLN GLN A . n 
A 1 172 ARG 172 170 170 ARG ARG A . n 
A 1 173 PRO 173 171 171 PRO PRO A . n 
A 1 174 GLU 174 172 172 GLU GLU A . n 
A 1 175 LYS 175 173 173 LYS LYS A . n 
A 1 176 LEU 176 174 174 LEU LEU A . n 
A 1 177 ILE 177 175 175 ILE ILE A . n 
A 1 178 VAL 178 176 176 VAL VAL A . n 
A 1 179 SER 179 177 177 SER SER A . n 
A 1 180 ARG 180 178 178 ARG ARG A . n 
A 1 181 ILE 181 179 179 ILE ILE A . n 
A 1 182 ILE 182 180 180 ILE ILE A . n 
A 1 183 TYR 183 181 181 TYR TYR A . n 
A 1 184 GLU 184 182 182 GLU GLU A . n 
A 1 185 ILE 185 183 183 ILE ILE A . n 
A 1 186 LYS 186 184 184 LYS LYS A . n 
A 1 187 ASN 187 185 185 ASN ASN A . n 
A 1 188 PRO 188 186 186 PRO PRO A . n 
A 1 189 GLN 189 187 187 GLN GLN A . n 
A 1 190 THR 190 188 188 THR THR A . n 
A 1 191 LYS 191 189 189 LYS LYS A . n 
A 1 192 TYR 192 190 190 TYR TYR A . n 
A 1 193 LYS 193 191 191 LYS LYS A . n 
A 1 194 LEU 194 192 192 LEU LEU A . n 
A 1 195 PHE 195 193 193 PHE PHE A . n 
A 1 196 THR 196 194 194 THR THR A . n 
A 1 197 ALA 197 195 195 ALA ALA A . n 
A 1 198 GLU 198 196 ?   ?   ?   A . n 
A 1 199 GLY 199 197 ?   ?   ?   A . n 
A 1 200 HIS 200 198 ?   ?   ?   A . n 
A 1 201 HIS 201 199 ?   ?   ?   A . n 
A 1 202 HIS 202 200 ?   ?   ?   A . n 
A 1 203 HIS 203 201 ?   ?   ?   A . n 
A 1 204 HIS 204 202 ?   ?   ?   A . n 
A 1 205 HIS 205 203 ?   ?   ?   A . n 
# 
loop_
_pdbx_nonpoly_scheme.asym_id 
_pdbx_nonpoly_scheme.entity_id 
_pdbx_nonpoly_scheme.mon_id 
_pdbx_nonpoly_scheme.ndb_seq_num 
_pdbx_nonpoly_scheme.pdb_seq_num 
_pdbx_nonpoly_scheme.auth_seq_num 
_pdbx_nonpoly_scheme.pdb_mon_id 
_pdbx_nonpoly_scheme.auth_mon_id 
_pdbx_nonpoly_scheme.pdb_strand_id 
_pdbx_nonpoly_scheme.pdb_ins_code 
B 2 HOH 1   204 1   HOH HOH A . 
B 2 HOH 2   205 2   HOH HOH A . 
B 2 HOH 3   206 3   HOH HOH A . 
B 2 HOH 4   207 4   HOH HOH A . 
B 2 HOH 5   208 5   HOH HOH A . 
B 2 HOH 6   209 6   HOH HOH A . 
B 2 HOH 7   210 7   HOH HOH A . 
B 2 HOH 8   211 8   HOH HOH A . 
B 2 HOH 9   212 9   HOH HOH A . 
B 2 HOH 10  213 10  HOH HOH A . 
B 2 HOH 11  214 11  HOH HOH A . 
B 2 HOH 12  215 12  HOH HOH A . 
B 2 HOH 13  216 13  HOH HOH A . 
B 2 HOH 14  217 14  HOH HOH A . 
B 2 HOH 15  218 15  HOH HOH A . 
B 2 HOH 16  219 16  HOH HOH A . 
B 2 HOH 17  220 17  HOH HOH A . 
B 2 HOH 18  221 18  HOH HOH A . 
B 2 HOH 19  222 19  HOH HOH A . 
B 2 HOH 20  223 20  HOH HOH A . 
B 2 HOH 21  224 21  HOH HOH A . 
B 2 HOH 22  225 22  HOH HOH A . 
B 2 HOH 23  226 23  HOH HOH A . 
B 2 HOH 24  227 24  HOH HOH A . 
B 2 HOH 25  228 25  HOH HOH A . 
B 2 HOH 26  229 26  HOH HOH A . 
B 2 HOH 27  230 27  HOH HOH A . 
B 2 HOH 28  231 28  HOH HOH A . 
B 2 HOH 29  232 29  HOH HOH A . 
B 2 HOH 30  233 30  HOH HOH A . 
B 2 HOH 31  234 31  HOH HOH A . 
B 2 HOH 32  235 32  HOH HOH A . 
B 2 HOH 33  236 33  HOH HOH A . 
B 2 HOH 34  237 34  HOH HOH A . 
B 2 HOH 35  238 35  HOH HOH A . 
B 2 HOH 36  239 36  HOH HOH A . 
B 2 HOH 37  240 37  HOH HOH A . 
B 2 HOH 38  241 38  HOH HOH A . 
B 2 HOH 39  242 39  HOH HOH A . 
B 2 HOH 40  243 40  HOH HOH A . 
B 2 HOH 41  244 41  HOH HOH A . 
B 2 HOH 42  245 42  HOH HOH A . 
B 2 HOH 43  246 43  HOH HOH A . 
B 2 HOH 44  247 44  HOH HOH A . 
B 2 HOH 45  248 45  HOH HOH A . 
B 2 HOH 46  249 46  HOH HOH A . 
B 2 HOH 47  250 47  HOH HOH A . 
B 2 HOH 48  251 48  HOH HOH A . 
B 2 HOH 49  252 49  HOH HOH A . 
B 2 HOH 50  253 50  HOH HOH A . 
B 2 HOH 51  254 51  HOH HOH A . 
B 2 HOH 52  255 52  HOH HOH A . 
B 2 HOH 53  256 53  HOH HOH A . 
B 2 HOH 54  257 54  HOH HOH A . 
B 2 HOH 55  258 55  HOH HOH A . 
B 2 HOH 56  259 56  HOH HOH A . 
B 2 HOH 57  260 57  HOH HOH A . 
B 2 HOH 58  261 58  HOH HOH A . 
B 2 HOH 59  262 59  HOH HOH A . 
B 2 HOH 60  263 60  HOH HOH A . 
B 2 HOH 61  264 61  HOH HOH A . 
B 2 HOH 62  265 62  HOH HOH A . 
B 2 HOH 63  266 63  HOH HOH A . 
B 2 HOH 64  267 64  HOH HOH A . 
B 2 HOH 65  268 65  HOH HOH A . 
B 2 HOH 66  269 66  HOH HOH A . 
B 2 HOH 67  270 67  HOH HOH A . 
B 2 HOH 68  271 68  HOH HOH A . 
B 2 HOH 69  272 69  HOH HOH A . 
B 2 HOH 70  273 70  HOH HOH A . 
B 2 HOH 71  274 71  HOH HOH A . 
B 2 HOH 72  275 72  HOH HOH A . 
B 2 HOH 73  276 73  HOH HOH A . 
B 2 HOH 74  277 74  HOH HOH A . 
B 2 HOH 75  278 75  HOH HOH A . 
B 2 HOH 76  279 76  HOH HOH A . 
B 2 HOH 77  280 77  HOH HOH A . 
B 2 HOH 78  281 78  HOH HOH A . 
B 2 HOH 79  282 79  HOH HOH A . 
B 2 HOH 80  283 80  HOH HOH A . 
B 2 HOH 81  284 81  HOH HOH A . 
B 2 HOH 82  285 82  HOH HOH A . 
B 2 HOH 83  286 83  HOH HOH A . 
B 2 HOH 84  287 84  HOH HOH A . 
B 2 HOH 85  288 85  HOH HOH A . 
B 2 HOH 86  289 86  HOH HOH A . 
B 2 HOH 87  290 87  HOH HOH A . 
B 2 HOH 88  291 88  HOH HOH A . 
B 2 HOH 89  292 89  HOH HOH A . 
B 2 HOH 90  293 90  HOH HOH A . 
B 2 HOH 91  294 91  HOH HOH A . 
B 2 HOH 92  295 92  HOH HOH A . 
B 2 HOH 93  296 93  HOH HOH A . 
B 2 HOH 94  297 94  HOH HOH A . 
B 2 HOH 95  298 95  HOH HOH A . 
B 2 HOH 96  299 96  HOH HOH A . 
B 2 HOH 97  300 97  HOH HOH A . 
B 2 HOH 98  301 98  HOH HOH A . 
B 2 HOH 99  302 99  HOH HOH A . 
B 2 HOH 100 303 100 HOH HOH A . 
B 2 HOH 101 304 101 HOH HOH A . 
B 2 HOH 102 305 102 HOH HOH A . 
B 2 HOH 103 306 103 HOH HOH A . 
B 2 HOH 104 307 104 HOH HOH A . 
B 2 HOH 105 308 105 HOH HOH A . 
B 2 HOH 106 309 106 HOH HOH A . 
B 2 HOH 107 310 107 HOH HOH A . 
B 2 HOH 108 311 108 HOH HOH A . 
B 2 HOH 109 312 109 HOH HOH A . 
B 2 HOH 110 313 110 HOH HOH A . 
B 2 HOH 111 314 111 HOH HOH A . 
B 2 HOH 112 315 112 HOH HOH A . 
B 2 HOH 113 316 113 HOH HOH A . 
B 2 HOH 114 317 114 HOH HOH A . 
B 2 HOH 115 318 115 HOH HOH A . 
B 2 HOH 116 319 116 HOH HOH A . 
B 2 HOH 117 320 117 HOH HOH A . 
B 2 HOH 118 321 118 HOH HOH A . 
B 2 HOH 119 322 119 HOH HOH A . 
B 2 HOH 120 323 120 HOH HOH A . 
B 2 HOH 121 324 121 HOH HOH A . 
B 2 HOH 122 325 122 HOH HOH A . 
B 2 HOH 123 326 123 HOH HOH A . 
B 2 HOH 124 327 124 HOH HOH A . 
B 2 HOH 125 328 125 HOH HOH A . 
B 2 HOH 126 329 126 HOH HOH A . 
B 2 HOH 127 330 127 HOH HOH A . 
B 2 HOH 128 331 128 HOH HOH A . 
B 2 HOH 129 332 129 HOH HOH A . 
B 2 HOH 130 333 130 HOH HOH A . 
B 2 HOH 131 334 131 HOH HOH A . 
B 2 HOH 132 335 132 HOH HOH A . 
# 
loop_
_pdbx_unobs_or_zero_occ_atoms.id 
_pdbx_unobs_or_zero_occ_atoms.PDB_model_num 
_pdbx_unobs_or_zero_occ_atoms.polymer_flag 
_pdbx_unobs_or_zero_occ_atoms.occupancy_flag 
_pdbx_unobs_or_zero_occ_atoms.auth_asym_id 
_pdbx_unobs_or_zero_occ_atoms.auth_comp_id 
_pdbx_unobs_or_zero_occ_atoms.auth_seq_id 
_pdbx_unobs_or_zero_occ_atoms.PDB_ins_code 
_pdbx_unobs_or_zero_occ_atoms.auth_atom_id 
_pdbx_unobs_or_zero_occ_atoms.label_alt_id 
_pdbx_unobs_or_zero_occ_atoms.label_asym_id 
_pdbx_unobs_or_zero_occ_atoms.label_comp_id 
_pdbx_unobs_or_zero_occ_atoms.label_seq_id 
_pdbx_unobs_or_zero_occ_atoms.label_atom_id 
1  1 Y 1 A ARG 128 ? CG  ? A ARG 130 CG  
2  1 Y 1 A ARG 128 ? CD  ? A ARG 130 CD  
3  1 Y 1 A ARG 128 ? NE  ? A ARG 130 NE  
4  1 Y 1 A ARG 128 ? CZ  ? A ARG 130 CZ  
5  1 Y 1 A ARG 128 ? NH1 ? A ARG 130 NH1 
6  1 Y 1 A ARG 128 ? NH2 ? A ARG 130 NH2 
7  1 Y 1 A GLU 148 ? CG  ? A GLU 150 CG  
8  1 Y 1 A GLU 148 ? CD  ? A GLU 150 CD  
9  1 Y 1 A GLU 148 ? OE1 ? A GLU 150 OE1 
10 1 Y 1 A GLU 148 ? OE2 ? A GLU 150 OE2 
11 1 Y 1 A GLU 149 ? CG  ? A GLU 151 CG  
12 1 Y 1 A GLU 149 ? CD  ? A GLU 151 CD  
13 1 Y 1 A GLU 149 ? OE1 ? A GLU 151 OE1 
14 1 Y 1 A GLU 149 ? OE2 ? A GLU 151 OE2 
15 1 Y 1 A ARG 153 ? CG  ? A ARG 155 CG  
16 1 Y 1 A ARG 153 ? CD  ? A ARG 155 CD  
17 1 Y 1 A ARG 153 ? NE  ? A ARG 155 NE  
18 1 Y 1 A ARG 153 ? CZ  ? A ARG 155 CZ  
19 1 Y 1 A ARG 153 ? NH1 ? A ARG 155 NH1 
20 1 Y 1 A ARG 153 ? NH2 ? A ARG 155 NH2 
21 1 Y 1 A GLU 156 ? CG  ? A GLU 158 CG  
22 1 Y 1 A GLU 156 ? CD  ? A GLU 158 CD  
23 1 Y 1 A GLU 156 ? OE1 ? A GLU 158 OE1 
24 1 Y 1 A GLU 156 ? OE2 ? A GLU 158 OE2 
25 1 Y 1 A PHE 158 ? CG  ? A PHE 160 CG  
26 1 Y 1 A PHE 158 ? CD1 ? A PHE 160 CD1 
27 1 Y 1 A PHE 158 ? CD2 ? A PHE 160 CD2 
28 1 Y 1 A PHE 158 ? CE1 ? A PHE 160 CE1 
29 1 Y 1 A PHE 158 ? CE2 ? A PHE 160 CE2 
30 1 Y 1 A PHE 158 ? CZ  ? A PHE 160 CZ  
31 1 Y 1 A GLN 163 ? CG  ? A GLN 165 CG  
32 1 Y 1 A GLN 163 ? CD  ? A GLN 165 CD  
33 1 Y 1 A GLN 163 ? OE1 ? A GLN 165 OE1 
34 1 Y 1 A GLN 163 ? NE2 ? A GLN 165 NE2 
35 1 Y 1 A VAL 165 ? CG1 ? A VAL 167 CG1 
36 1 Y 1 A VAL 165 ? CG2 ? A VAL 167 CG2 
37 1 Y 1 A LYS 166 ? CG  ? A LYS 168 CG  
38 1 Y 1 A LYS 166 ? CD  ? A LYS 168 CD  
39 1 Y 1 A LYS 166 ? CE  ? A LYS 168 CE  
40 1 Y 1 A LYS 166 ? NZ  ? A LYS 168 NZ  
# 
loop_
_software.name 
_software.classification 
_software.version 
_software.citation_id 
_software.pdbx_ordinal 
CBASS    'data collection' .         ? 1 
SOLVE    phasing           '& SHARP' ? 2 
CNS      refinement        1.1       ? 3 
HKL-2000 'data reduction'  .         ? 4 
HKL-2000 'data scaling'    .         ? 5 
SHARP    phasing           .         ? 6 
# 
_cell.entry_id           2I5H 
_cell.length_a           76.730 
_cell.length_b           37.490 
_cell.length_c           85.250 
_cell.angle_alpha        90.00 
_cell.angle_beta         95.60 
_cell.angle_gamma        90.00 
_cell.Z_PDB              4 
_cell.pdbx_unique_axis   ? 
_cell.length_a_esd       ? 
_cell.length_b_esd       ? 
_cell.length_c_esd       ? 
_cell.angle_alpha_esd    ? 
_cell.angle_beta_esd     ? 
_cell.angle_gamma_esd    ? 
# 
_symmetry.entry_id                         2I5H 
_symmetry.space_group_name_H-M             'C 1 2 1' 
_symmetry.pdbx_full_space_group_name_H-M   ? 
_symmetry.cell_setting                     ? 
_symmetry.Int_Tables_number                5 
_symmetry.space_group_name_Hall            ? 
# 
_exptl.entry_id          2I5H 
_exptl.method            'X-RAY DIFFRACTION' 
_exptl.crystals_number   2 
# 
_exptl_crystal.id                    1 
_exptl_crystal.density_meas          ? 
_exptl_crystal.density_Matthews      2.49 
_exptl_crystal.density_percent_sol   50.68 
_exptl_crystal.description           ? 
_exptl_crystal.F_000                 ? 
_exptl_crystal.preparation           ? 
# 
_exptl_crystal_grow.crystal_id      1 
_exptl_crystal_grow.method          'VAPOR DIFFUSION, SITTING DROP' 
_exptl_crystal_grow.temp            294 
_exptl_crystal_grow.temp_details    ? 
_exptl_crystal_grow.pH              6.5 
_exptl_crystal_grow.pdbx_details    
'30% PEG MME 5000, 0.1M MES, 0.2M Ammonium sulfate, pH 6.5, VAPOR DIFFUSION, SITTING DROP, temperature 294K' 
_exptl_crystal_grow.pdbx_pH_range   . 
# 
loop_
_diffrn.id 
_diffrn.ambient_temp 
_diffrn.ambient_temp_details 
_diffrn.crystal_id 
1 100 ? 1 
2 100 ? 1 
# 
loop_
_diffrn_detector.diffrn_id 
_diffrn_detector.detector 
_diffrn_detector.type 
_diffrn_detector.pdbx_collection_date 
_diffrn_detector.details 
1 CCD 'ADSC QUANTUM 210' 2006-06-05 'Si (111)' 
2 CCD 'ADSC QUANTUM 210' 2006-05-12 'Si (111)' 
# 
loop_
_diffrn_radiation.diffrn_id 
_diffrn_radiation.wavelength_id 
_diffrn_radiation.pdbx_monochromatic_or_laue_m_l 
_diffrn_radiation.monochromator 
_diffrn_radiation.pdbx_diffrn_protocol 
_diffrn_radiation.pdbx_scattering_type 
1 1 M ? 'SINGLE WAVELENGTH' x-ray 
2 1 M ? 'SINGLE WAVELENGTH' x-ray 
# 
loop_
_diffrn_radiation_wavelength.id 
_diffrn_radiation_wavelength.wavelength 
_diffrn_radiation_wavelength.wt 
1 0.9791 1.0 
2 1.0    1.0 
# 
loop_
_diffrn_source.diffrn_id 
_diffrn_source.source 
_diffrn_source.type 
_diffrn_source.pdbx_synchrotron_site 
_diffrn_source.pdbx_synchrotron_beamline 
_diffrn_source.pdbx_wavelength 
_diffrn_source.pdbx_wavelength_list 
1 SYNCHROTRON 'NSLS BEAMLINE X12C' NSLS X12C ? 0.9791 
2 SYNCHROTRON 'NSLS BEAMLINE X12C' NSLS X12C ? 1.0    
# 
_reflns.entry_id                     2I5H 
_reflns.observed_criterion_sigma_F   0.0 
_reflns.observed_criterion_sigma_I   0.0 
_reflns.d_resolution_high            1.74 
_reflns.d_resolution_low             31.8 
_reflns.number_all                   23465 
_reflns.number_obs                   23465 
_reflns.percent_possible_obs         93.5 
_reflns.pdbx_Rmerge_I_obs            0.032 
_reflns.pdbx_Rsym_value              ? 
_reflns.pdbx_netI_over_sigmaI        23.5 
_reflns.B_iso_Wilson_estimate        ? 
_reflns.pdbx_redundancy              9.7 
_reflns.R_free_details               ? 
_reflns.limit_h_max                  ? 
_reflns.limit_h_min                  ? 
_reflns.limit_k_max                  ? 
_reflns.limit_k_min                  ? 
_reflns.limit_l_max                  ? 
_reflns.limit_l_min                  ? 
_reflns.observed_criterion_F_max     ? 
_reflns.observed_criterion_F_min     ? 
_reflns.pdbx_chi_squared             ? 
_reflns.pdbx_scaling_rejects         ? 
_reflns.pdbx_diffrn_id               1,2 
_reflns.pdbx_ordinal                 1 
# 
_reflns_shell.d_res_high             1.74 
_reflns_shell.d_res_low              1.8 
_reflns_shell.percent_possible_all   56.3 
_reflns_shell.Rmerge_I_obs           0.319 
_reflns_shell.pdbx_Rsym_value        ? 
_reflns_shell.meanI_over_sigI_obs    ? 
_reflns_shell.pdbx_redundancy        3.1 
_reflns_shell.percent_possible_obs   ? 
_reflns_shell.number_unique_all      1397 
_reflns_shell.number_measured_all    ? 
_reflns_shell.number_measured_obs    ? 
_reflns_shell.number_unique_obs      ? 
_reflns_shell.pdbx_chi_squared       ? 
_reflns_shell.pdbx_diffrn_id         ? 
_reflns_shell.pdbx_ordinal           1 
# 
_refine.entry_id                                 2I5H 
_refine.ls_d_res_high                            1.74 
_refine.ls_d_res_low                             31.8 
_refine.pdbx_ls_sigma_F                          0.0 
_refine.pdbx_ls_sigma_I                          0.0 
_refine.ls_number_reflns_all                     22800 
_refine.ls_number_reflns_obs                     22800 
_refine.ls_number_reflns_R_free                  892 
_refine.ls_percent_reflns_obs                    90.8 
_refine.ls_R_factor_all                          ? 
_refine.ls_R_factor_obs                          0.2279 
_refine.ls_R_factor_R_work                       0.2279 
_refine.ls_R_factor_R_free                       0.2581 
_refine.ls_redundancy_reflns_obs                 ? 
_refine.pdbx_data_cutoff_high_absF               ? 
_refine.pdbx_data_cutoff_low_absF                ? 
_refine.ls_number_parameters                     ? 
_refine.ls_number_restraints                     ? 
_refine.ls_percent_reflns_R_free                 ? 
_refine.ls_R_factor_R_free_error                 ? 
_refine.ls_R_factor_R_free_error_details         ? 
_refine.pdbx_method_to_determine_struct          SAD 
_refine.pdbx_starting_model                      ? 
_refine.pdbx_ls_cross_valid_method               THROUGHOUT 
_refine.pdbx_R_Free_selection_details            RANDOM 
_refine.pdbx_stereochem_target_val_spec_case     ? 
_refine.pdbx_stereochemistry_target_values       'Engh & Huber' 
_refine.solvent_model_details                    ? 
_refine.solvent_model_param_bsol                 ? 
_refine.solvent_model_param_ksol                 ? 
_refine.occupancy_max                            ? 
_refine.occupancy_min                            ? 
_refine.pdbx_isotropic_thermal_model             ? 
_refine.B_iso_mean                               ? 
_refine.aniso_B[1][1]                            -2.478 
_refine.aniso_B[1][2]                            0.000 
_refine.aniso_B[1][3]                            4.471 
_refine.aniso_B[2][2]                            0.714 
_refine.aniso_B[2][3]                            0.000 
_refine.aniso_B[3][3]                            1.764 
_refine.details                                  
'Residues listed in remark 465 and Atoms listed in remark 470 were not modeled due to lack of electron density.' 
_refine.B_iso_min                                ? 
_refine.B_iso_max                                ? 
_refine.correlation_coeff_Fo_to_Fc               ? 
_refine.correlation_coeff_Fo_to_Fc_free          ? 
_refine.pdbx_solvent_vdw_probe_radii             ? 
_refine.pdbx_solvent_ion_probe_radii             ? 
_refine.pdbx_solvent_shrinkage_radii             ? 
_refine.overall_SU_R_Cruickshank_DPI             ? 
_refine.overall_SU_R_free                        ? 
_refine.overall_SU_ML                            ? 
_refine.overall_SU_B                             ? 
_refine.pdbx_overall_ESU_R_Free                  ? 
_refine.pdbx_data_cutoff_high_rms_absF           ? 
_refine.pdbx_overall_ESU_R                       ? 
_refine.ls_wR_factor_R_free                      ? 
_refine.ls_wR_factor_R_work                      ? 
_refine.overall_FOM_free_R_set                   ? 
_refine.overall_FOM_work_R_set                   ? 
_refine.pdbx_refine_id                           'X-RAY DIFFRACTION' 
_refine.pdbx_diffrn_id                           1 
_refine.pdbx_TLS_residual_ADP_flag               ? 
_refine.pdbx_overall_phase_error                 ? 
_refine.pdbx_overall_SU_R_free_Cruickshank_DPI   ? 
_refine.pdbx_overall_SU_R_Blow_DPI               ? 
_refine.pdbx_overall_SU_R_free_Blow_DPI          ? 
# 
_refine_hist.pdbx_refine_id                   'X-RAY DIFFRACTION' 
_refine_hist.cycle_id                         LAST 
_refine_hist.pdbx_number_atoms_protein        1457 
_refine_hist.pdbx_number_atoms_nucleic_acid   0 
_refine_hist.pdbx_number_atoms_ligand         0 
_refine_hist.number_atoms_solvent             132 
_refine_hist.number_atoms_total               1589 
_refine_hist.d_res_high                       1.74 
_refine_hist.d_res_low                        31.8 
# 
loop_
_refine_ls_restr.type 
_refine_ls_restr.dev_ideal 
_refine_ls_restr.dev_ideal_target 
_refine_ls_restr.weight 
_refine_ls_restr.number 
_refine_ls_restr.pdbx_refine_id 
_refine_ls_restr.pdbx_restraint_function 
c_bond_d    0.0047 ? ? ? 'X-RAY DIFFRACTION' ? 
c_angle_deg 1.122  ? ? ? 'X-RAY DIFFRACTION' ? 
# 
_struct.entry_id                  2I5H 
_struct.title                     'Crystal structure of Af1531 from Archaeoglobus fulgidus, Pfam DUF655' 
_struct.pdbx_model_details        ? 
_struct.pdbx_CASP_flag            ? 
_struct.pdbx_model_type_details   ? 
# 
_struct_keywords.entry_id        2I5H 
_struct_keywords.pdbx_keywords   'STRUCTURAL GENOMICS, UNKNOWN FUNCTION' 
_struct_keywords.text            
;Hypothetical protein AF1531, PFAM:DUF655, PSI-2, 10225b, Structural Genomics, Protein Structure Initiative, New York SGX Research Center for Structural Genomics, NYSGXRC, UNKNOWN FUNCTION
;
# 
loop_
_struct_asym.id 
_struct_asym.pdbx_blank_PDB_chainid_flag 
_struct_asym.pdbx_modified 
_struct_asym.entity_id 
_struct_asym.details 
A N N 1 ? 
B N N 2 ? 
# 
_struct_ref.id                         1 
_struct_ref.db_name                    UNP 
_struct_ref.db_code                    O28741_ARCFU 
_struct_ref.pdbx_db_accession          O28741 
_struct_ref.entity_id                  1 
_struct_ref.pdbx_align_begin           2 
_struct_ref.pdbx_db_isoform            ? 
_struct_ref.pdbx_seq_one_letter_code   ? 
# 
_struct_ref_seq.align_id                      1 
_struct_ref_seq.ref_id                        1 
_struct_ref_seq.pdbx_PDB_id_code              2I5H 
_struct_ref_seq.pdbx_strand_id                A 
_struct_ref_seq.seq_align_beg                 4 
_struct_ref_seq.pdbx_seq_align_beg_ins_code   ? 
_struct_ref_seq.seq_align_end                 197 
_struct_ref_seq.pdbx_seq_align_end_ins_code   ? 
_struct_ref_seq.pdbx_db_accession             O28741 
_struct_ref_seq.db_align_beg                  2 
_struct_ref_seq.pdbx_db_align_beg_ins_code    ? 
_struct_ref_seq.db_align_end                  195 
_struct_ref_seq.pdbx_db_align_end_ins_code    ? 
_struct_ref_seq.pdbx_auth_seq_align_beg       2 
_struct_ref_seq.pdbx_auth_seq_align_end       195 
# 
loop_
_struct_ref_seq_dif.align_id 
_struct_ref_seq_dif.pdbx_pdb_id_code 
_struct_ref_seq_dif.mon_id 
_struct_ref_seq_dif.pdbx_pdb_strand_id 
_struct_ref_seq_dif.seq_num 
_struct_ref_seq_dif.pdbx_pdb_ins_code 
_struct_ref_seq_dif.pdbx_seq_db_name 
_struct_ref_seq_dif.pdbx_seq_db_accession_code 
_struct_ref_seq_dif.db_mon_id 
_struct_ref_seq_dif.pdbx_seq_db_seq_num 
_struct_ref_seq_dif.details 
_struct_ref_seq_dif.pdbx_auth_seq_num 
_struct_ref_seq_dif.pdbx_ordinal 
1 2I5H MET A 1   ? UNP O28741 ? ? 'cloning artifact' -1  1  
1 2I5H SER A 2   ? UNP O28741 ? ? 'cloning artifact' 0   2  
1 2I5H LEU A 3   ? UNP O28741 ? ? 'cloning artifact' 1   3  
1 2I5H GLU A 198 ? UNP O28741 ? ? 'expression tag'   196 4  
1 2I5H GLY A 199 ? UNP O28741 ? ? 'expression tag'   197 5  
1 2I5H HIS A 200 ? UNP O28741 ? ? 'expression tag'   198 6  
1 2I5H HIS A 201 ? UNP O28741 ? ? 'expression tag'   199 7  
1 2I5H HIS A 202 ? UNP O28741 ? ? 'expression tag'   200 8  
1 2I5H HIS A 203 ? UNP O28741 ? ? 'expression tag'   201 9  
1 2I5H HIS A 204 ? UNP O28741 ? ? 'expression tag'   202 10 
1 2I5H HIS A 205 ? UNP O28741 ? ? 'expression tag'   203 11 
# 
_pdbx_struct_assembly.id                   1 
_pdbx_struct_assembly.details              author_defined_assembly 
_pdbx_struct_assembly.method_details       ? 
_pdbx_struct_assembly.oligomeric_details   monomeric 
_pdbx_struct_assembly.oligomeric_count     1 
# 
_pdbx_struct_assembly_gen.assembly_id       1 
_pdbx_struct_assembly_gen.oper_expression   1 
_pdbx_struct_assembly_gen.asym_id_list      A,B 
# 
_pdbx_struct_oper_list.id                   1 
_pdbx_struct_oper_list.type                 'identity operation' 
_pdbx_struct_oper_list.name                 1_555 
_pdbx_struct_oper_list.symmetry_operation   x,y,z 
_pdbx_struct_oper_list.matrix[1][1]         1.0000000000 
_pdbx_struct_oper_list.matrix[1][2]         0.0000000000 
_pdbx_struct_oper_list.matrix[1][3]         0.0000000000 
_pdbx_struct_oper_list.vector[1]            0.0000000000 
_pdbx_struct_oper_list.matrix[2][1]         0.0000000000 
_pdbx_struct_oper_list.matrix[2][2]         1.0000000000 
_pdbx_struct_oper_list.matrix[2][3]         0.0000000000 
_pdbx_struct_oper_list.vector[2]            0.0000000000 
_pdbx_struct_oper_list.matrix[3][1]         0.0000000000 
_pdbx_struct_oper_list.matrix[3][2]         0.0000000000 
_pdbx_struct_oper_list.matrix[3][3]         1.0000000000 
_pdbx_struct_oper_list.vector[3]            0.0000000000 
# 
loop_
_struct_conf.conf_type_id 
_struct_conf.id 
_struct_conf.pdbx_PDB_helix_id 
_struct_conf.beg_label_comp_id 
_struct_conf.beg_label_asym_id 
_struct_conf.beg_label_seq_id 
_struct_conf.pdbx_beg_PDB_ins_code 
_struct_conf.end_label_comp_id 
_struct_conf.end_label_asym_id 
_struct_conf.end_label_seq_id 
_struct_conf.pdbx_end_PDB_ins_code 
_struct_conf.beg_auth_comp_id 
_struct_conf.beg_auth_asym_id 
_struct_conf.beg_auth_seq_id 
_struct_conf.end_auth_comp_id 
_struct_conf.end_auth_asym_id 
_struct_conf.end_auth_seq_id 
_struct_conf.pdbx_PDB_helix_class 
_struct_conf.details 
_struct_conf.pdbx_PDB_helix_length 
HELX_P HELX_P1 1 PRO A 37  ? ARG A 41  ? PRO A 35  ARG A 39  5 ? 5  
HELX_P HELX_P2 2 ARG A 90  ? LEU A 94  ? ARG A 88  LEU A 92  5 ? 5  
HELX_P HELX_P3 3 THR A 95  ? GLN A 112 ? THR A 93  GLN A 110 1 ? 18 
HELX_P HELX_P4 4 ASP A 113 ? ASN A 122 ? ASP A 111 ASN A 120 1 ? 10 
HELX_P HELX_P5 5 HIS A 132 ? LEU A 137 ? HIS A 130 LEU A 135 5 ? 6  
HELX_P HELX_P6 6 GLY A 141 ? ARG A 155 ? GLY A 139 ARG A 153 1 ? 15 
HELX_P HELX_P7 7 SER A 159 ? VAL A 167 ? SER A 157 VAL A 165 1 ? 9  
HELX_P HELX_P8 8 ARG A 172 ? ASN A 187 ? ARG A 170 ASN A 185 1 ? 16 
# 
_struct_conf_type.id          HELX_P 
_struct_conf_type.criteria    ? 
_struct_conf_type.reference   ? 
# 
_struct_sheet.id               A 
_struct_sheet.type             ? 
_struct_sheet.number_strands   5 
_struct_sheet.details          ? 
# 
loop_
_struct_sheet_order.sheet_id 
_struct_sheet_order.range_id_1 
_struct_sheet_order.range_id_2 
_struct_sheet_order.offset 
_struct_sheet_order.sense 
A 1 2 ? anti-parallel 
A 2 3 ? anti-parallel 
A 3 4 ? anti-parallel 
A 4 5 ? anti-parallel 
# 
loop_
_struct_sheet_range.sheet_id 
_struct_sheet_range.id 
_struct_sheet_range.beg_label_comp_id 
_struct_sheet_range.beg_label_asym_id 
_struct_sheet_range.beg_label_seq_id 
_struct_sheet_range.pdbx_beg_PDB_ins_code 
_struct_sheet_range.end_label_comp_id 
_struct_sheet_range.end_label_asym_id 
_struct_sheet_range.end_label_seq_id 
_struct_sheet_range.pdbx_end_PDB_ins_code 
_struct_sheet_range.beg_auth_comp_id 
_struct_sheet_range.beg_auth_asym_id 
_struct_sheet_range.beg_auth_seq_id 
_struct_sheet_range.end_auth_comp_id 
_struct_sheet_range.end_auth_asym_id 
_struct_sheet_range.end_auth_seq_id 
A 1 ARG A 71 ? TYR A 73 ? ARG A 69 TYR A 71 
A 2 TYR A 20 ? MET A 27 ? TYR A 18 MET A 25 
A 3 LEU A 44 ? GLY A 49 ? LEU A 42 GLY A 47 
A 4 LEU A 55 ? ILE A 60 ? LEU A 53 ILE A 58 
A 5 VAL A 82 ? ARG A 88 ? VAL A 80 ARG A 86 
# 
loop_
_pdbx_struct_sheet_hbond.sheet_id 
_pdbx_struct_sheet_hbond.range_id_1 
_pdbx_struct_sheet_hbond.range_id_2 
_pdbx_struct_sheet_hbond.range_1_label_atom_id 
_pdbx_struct_sheet_hbond.range_1_label_comp_id 
_pdbx_struct_sheet_hbond.range_1_label_asym_id 
_pdbx_struct_sheet_hbond.range_1_label_seq_id 
_pdbx_struct_sheet_hbond.range_1_PDB_ins_code 
_pdbx_struct_sheet_hbond.range_1_auth_atom_id 
_pdbx_struct_sheet_hbond.range_1_auth_comp_id 
_pdbx_struct_sheet_hbond.range_1_auth_asym_id 
_pdbx_struct_sheet_hbond.range_1_auth_seq_id 
_pdbx_struct_sheet_hbond.range_2_label_atom_id 
_pdbx_struct_sheet_hbond.range_2_label_comp_id 
_pdbx_struct_sheet_hbond.range_2_label_asym_id 
_pdbx_struct_sheet_hbond.range_2_label_seq_id 
_pdbx_struct_sheet_hbond.range_2_PDB_ins_code 
_pdbx_struct_sheet_hbond.range_2_auth_atom_id 
_pdbx_struct_sheet_hbond.range_2_auth_comp_id 
_pdbx_struct_sheet_hbond.range_2_auth_asym_id 
_pdbx_struct_sheet_hbond.range_2_auth_seq_id 
A 1 2 O VAL A 72 ? O VAL A 70 N ALA A 21 ? N ALA A 19 
A 2 3 N MET A 27 ? N MET A 25 O LEU A 44 ? O LEU A 42 
A 3 4 N VAL A 47 ? N VAL A 45 O LEU A 56 ? O LEU A 54 
A 4 5 N SER A 59 ? N SER A 57 O TYR A 83 ? O TYR A 81 
# 
loop_
_pdbx_validate_torsion.id 
_pdbx_validate_torsion.PDB_model_num 
_pdbx_validate_torsion.auth_comp_id 
_pdbx_validate_torsion.auth_asym_id 
_pdbx_validate_torsion.auth_seq_id 
_pdbx_validate_torsion.PDB_ins_code 
_pdbx_validate_torsion.label_alt_id 
_pdbx_validate_torsion.phi 
_pdbx_validate_torsion.psi 
1 1 MET A 67  ? ? 85.26   -6.81   
2 1 TYR A 81  ? ? -93.69  -77.62  
3 1 ASP A 111 ? ? -147.16 47.20   
4 1 SER A 124 ? ? -55.79  -173.60 
5 1 THR A 126 ? ? -103.96 -79.47  
6 1 THR A 127 ? ? 170.26  112.25  
7 1 LYS A 152 ? ? -41.24  -76.58  
8 1 SER A 157 ? ? 178.53  -174.54 
# 
_pdbx_SG_project.id                    1 
_pdbx_SG_project.project_name          'PSI, Protein Structure Initiative' 
_pdbx_SG_project.full_name_of_center   'New York SGX Research Center for Structural Genomics' 
_pdbx_SG_project.initial_of_center     NYSGXRC 
# 
loop_
_pdbx_unobs_or_zero_occ_residues.id 
_pdbx_unobs_or_zero_occ_residues.PDB_model_num 
_pdbx_unobs_or_zero_occ_residues.polymer_flag 
_pdbx_unobs_or_zero_occ_residues.occupancy_flag 
_pdbx_unobs_or_zero_occ_residues.auth_asym_id 
_pdbx_unobs_or_zero_occ_residues.auth_comp_id 
_pdbx_unobs_or_zero_occ_residues.auth_seq_id 
_pdbx_unobs_or_zero_occ_residues.PDB_ins_code 
_pdbx_unobs_or_zero_occ_residues.label_asym_id 
_pdbx_unobs_or_zero_occ_residues.label_comp_id 
_pdbx_unobs_or_zero_occ_residues.label_seq_id 
1  1 Y 1 A MET -1  ? A MET 1   
2  1 Y 1 A SER 0   ? A SER 2   
3  1 Y 1 A LEU 1   ? A LEU 3   
4  1 Y 1 A GLU 2   ? A GLU 4   
5  1 Y 1 A LYS 3   ? A LYS 5   
6  1 Y 1 A PRO 4   ? A PRO 6   
7  1 Y 1 A LYS 5   ? A LYS 7   
8  1 Y 1 A VAL 6   ? A VAL 8   
9  1 Y 1 A GLU 7   ? A GLU 9   
10 1 Y 1 A ARG 8   ? A ARG 10  
11 1 Y 1 A SER 9   ? A SER 11  
12 1 Y 1 A GLU 10  ? A GLU 12  
13 1 Y 1 A GLY 11  ? A GLY 13  
14 1 Y 1 A LYS 12  ? A LYS 14  
15 1 Y 1 A GLU 13  ? A GLU 15  
16 1 Y 1 A LYS 14  ? A LYS 16  
17 1 Y 1 A LEU 15  ? A LEU 17  
18 1 Y 1 A LYS 121 ? A LYS 123 
19 1 Y 1 A ALA 122 ? A ALA 124 
20 1 Y 1 A GLU 196 ? A GLU 198 
21 1 Y 1 A GLY 197 ? A GLY 199 
22 1 Y 1 A HIS 198 ? A HIS 200 
23 1 Y 1 A HIS 199 ? A HIS 201 
24 1 Y 1 A HIS 200 ? A HIS 202 
25 1 Y 1 A HIS 201 ? A HIS 203 
26 1 Y 1 A HIS 202 ? A HIS 204 
27 1 Y 1 A HIS 203 ? A HIS 205 
# 
loop_
_chem_comp_atom.comp_id 
_chem_comp_atom.atom_id 
_chem_comp_atom.type_symbol 
_chem_comp_atom.pdbx_aromatic_flag 
_chem_comp_atom.pdbx_stereo_config 
_chem_comp_atom.pdbx_ordinal 
ALA N    N N N 1   
ALA CA   C N S 2   
ALA C    C N N 3   
ALA O    O N N 4   
ALA CB   C N N 5   
ALA OXT  O N N 6   
ALA H    H N N 7   
ALA H2   H N N 8   
ALA HA   H N N 9   
ALA HB1  H N N 10  
ALA HB2  H N N 11  
ALA HB3  H N N 12  
ALA HXT  H N N 13  
ARG N    N N N 14  
ARG CA   C N S 15  
ARG C    C N N 16  
ARG O    O N N 17  
ARG CB   C N N 18  
ARG CG   C N N 19  
ARG CD   C N N 20  
ARG NE   N N N 21  
ARG CZ   C N N 22  
ARG NH1  N N N 23  
ARG NH2  N N N 24  
ARG OXT  O N N 25  
ARG H    H N N 26  
ARG H2   H N N 27  
ARG HA   H N N 28  
ARG HB2  H N N 29  
ARG HB3  H N N 30  
ARG HG2  H N N 31  
ARG HG3  H N N 32  
ARG HD2  H N N 33  
ARG HD3  H N N 34  
ARG HE   H N N 35  
ARG HH11 H N N 36  
ARG HH12 H N N 37  
ARG HH21 H N N 38  
ARG HH22 H N N 39  
ARG HXT  H N N 40  
ASN N    N N N 41  
ASN CA   C N S 42  
ASN C    C N N 43  
ASN O    O N N 44  
ASN CB   C N N 45  
ASN CG   C N N 46  
ASN OD1  O N N 47  
ASN ND2  N N N 48  
ASN OXT  O N N 49  
ASN H    H N N 50  
ASN H2   H N N 51  
ASN HA   H N N 52  
ASN HB2  H N N 53  
ASN HB3  H N N 54  
ASN HD21 H N N 55  
ASN HD22 H N N 56  
ASN HXT  H N N 57  
ASP N    N N N 58  
ASP CA   C N S 59  
ASP C    C N N 60  
ASP O    O N N 61  
ASP CB   C N N 62  
ASP CG   C N N 63  
ASP OD1  O N N 64  
ASP OD2  O N N 65  
ASP OXT  O N N 66  
ASP H    H N N 67  
ASP H2   H N N 68  
ASP HA   H N N 69  
ASP HB2  H N N 70  
ASP HB3  H N N 71  
ASP HD2  H N N 72  
ASP HXT  H N N 73  
GLN N    N N N 74  
GLN CA   C N S 75  
GLN C    C N N 76  
GLN O    O N N 77  
GLN CB   C N N 78  
GLN CG   C N N 79  
GLN CD   C N N 80  
GLN OE1  O N N 81  
GLN NE2  N N N 82  
GLN OXT  O N N 83  
GLN H    H N N 84  
GLN H2   H N N 85  
GLN HA   H N N 86  
GLN HB2  H N N 87  
GLN HB3  H N N 88  
GLN HG2  H N N 89  
GLN HG3  H N N 90  
GLN HE21 H N N 91  
GLN HE22 H N N 92  
GLN HXT  H N N 93  
GLU N    N N N 94  
GLU CA   C N S 95  
GLU C    C N N 96  
GLU O    O N N 97  
GLU CB   C N N 98  
GLU CG   C N N 99  
GLU CD   C N N 100 
GLU OE1  O N N 101 
GLU OE2  O N N 102 
GLU OXT  O N N 103 
GLU H    H N N 104 
GLU H2   H N N 105 
GLU HA   H N N 106 
GLU HB2  H N N 107 
GLU HB3  H N N 108 
GLU HG2  H N N 109 
GLU HG3  H N N 110 
GLU HE2  H N N 111 
GLU HXT  H N N 112 
GLY N    N N N 113 
GLY CA   C N N 114 
GLY C    C N N 115 
GLY O    O N N 116 
GLY OXT  O N N 117 
GLY H    H N N 118 
GLY H2   H N N 119 
GLY HA2  H N N 120 
GLY HA3  H N N 121 
GLY HXT  H N N 122 
HIS N    N N N 123 
HIS CA   C N S 124 
HIS C    C N N 125 
HIS O    O N N 126 
HIS CB   C N N 127 
HIS CG   C Y N 128 
HIS ND1  N Y N 129 
HIS CD2  C Y N 130 
HIS CE1  C Y N 131 
HIS NE2  N Y N 132 
HIS OXT  O N N 133 
HIS H    H N N 134 
HIS H2   H N N 135 
HIS HA   H N N 136 
HIS HB2  H N N 137 
HIS HB3  H N N 138 
HIS HD1  H N N 139 
HIS HD2  H N N 140 
HIS HE1  H N N 141 
HIS HE2  H N N 142 
HIS HXT  H N N 143 
HOH O    O N N 144 
HOH H1   H N N 145 
HOH H2   H N N 146 
ILE N    N N N 147 
ILE CA   C N S 148 
ILE C    C N N 149 
ILE O    O N N 150 
ILE CB   C N S 151 
ILE CG1  C N N 152 
ILE CG2  C N N 153 
ILE CD1  C N N 154 
ILE OXT  O N N 155 
ILE H    H N N 156 
ILE H2   H N N 157 
ILE HA   H N N 158 
ILE HB   H N N 159 
ILE HG12 H N N 160 
ILE HG13 H N N 161 
ILE HG21 H N N 162 
ILE HG22 H N N 163 
ILE HG23 H N N 164 
ILE HD11 H N N 165 
ILE HD12 H N N 166 
ILE HD13 H N N 167 
ILE HXT  H N N 168 
LEU N    N N N 169 
LEU CA   C N S 170 
LEU C    C N N 171 
LEU O    O N N 172 
LEU CB   C N N 173 
LEU CG   C N N 174 
LEU CD1  C N N 175 
LEU CD2  C N N 176 
LEU OXT  O N N 177 
LEU H    H N N 178 
LEU H2   H N N 179 
LEU HA   H N N 180 
LEU HB2  H N N 181 
LEU HB3  H N N 182 
LEU HG   H N N 183 
LEU HD11 H N N 184 
LEU HD12 H N N 185 
LEU HD13 H N N 186 
LEU HD21 H N N 187 
LEU HD22 H N N 188 
LEU HD23 H N N 189 
LEU HXT  H N N 190 
LYS N    N N N 191 
LYS CA   C N S 192 
LYS C    C N N 193 
LYS O    O N N 194 
LYS CB   C N N 195 
LYS CG   C N N 196 
LYS CD   C N N 197 
LYS CE   C N N 198 
LYS NZ   N N N 199 
LYS OXT  O N N 200 
LYS H    H N N 201 
LYS H2   H N N 202 
LYS HA   H N N 203 
LYS HB2  H N N 204 
LYS HB3  H N N 205 
LYS HG2  H N N 206 
LYS HG3  H N N 207 
LYS HD2  H N N 208 
LYS HD3  H N N 209 
LYS HE2  H N N 210 
LYS HE3  H N N 211 
LYS HZ1  H N N 212 
LYS HZ2  H N N 213 
LYS HZ3  H N N 214 
LYS HXT  H N N 215 
MET N    N N N 216 
MET CA   C N S 217 
MET C    C N N 218 
MET O    O N N 219 
MET CB   C N N 220 
MET CG   C N N 221 
MET SD   S N N 222 
MET CE   C N N 223 
MET OXT  O N N 224 
MET H    H N N 225 
MET H2   H N N 226 
MET HA   H N N 227 
MET HB2  H N N 228 
MET HB3  H N N 229 
MET HG2  H N N 230 
MET HG3  H N N 231 
MET HE1  H N N 232 
MET HE2  H N N 233 
MET HE3  H N N 234 
MET HXT  H N N 235 
PHE N    N N N 236 
PHE CA   C N S 237 
PHE C    C N N 238 
PHE O    O N N 239 
PHE CB   C N N 240 
PHE CG   C Y N 241 
PHE CD1  C Y N 242 
PHE CD2  C Y N 243 
PHE CE1  C Y N 244 
PHE CE2  C Y N 245 
PHE CZ   C Y N 246 
PHE OXT  O N N 247 
PHE H    H N N 248 
PHE H2   H N N 249 
PHE HA   H N N 250 
PHE HB2  H N N 251 
PHE HB3  H N N 252 
PHE HD1  H N N 253 
PHE HD2  H N N 254 
PHE HE1  H N N 255 
PHE HE2  H N N 256 
PHE HZ   H N N 257 
PHE HXT  H N N 258 
PRO N    N N N 259 
PRO CA   C N S 260 
PRO C    C N N 261 
PRO O    O N N 262 
PRO CB   C N N 263 
PRO CG   C N N 264 
PRO CD   C N N 265 
PRO OXT  O N N 266 
PRO H    H N N 267 
PRO HA   H N N 268 
PRO HB2  H N N 269 
PRO HB3  H N N 270 
PRO HG2  H N N 271 
PRO HG3  H N N 272 
PRO HD2  H N N 273 
PRO HD3  H N N 274 
PRO HXT  H N N 275 
SER N    N N N 276 
SER CA   C N S 277 
SER C    C N N 278 
SER O    O N N 279 
SER CB   C N N 280 
SER OG   O N N 281 
SER OXT  O N N 282 
SER H    H N N 283 
SER H2   H N N 284 
SER HA   H N N 285 
SER HB2  H N N 286 
SER HB3  H N N 287 
SER HG   H N N 288 
SER HXT  H N N 289 
THR N    N N N 290 
THR CA   C N S 291 
THR C    C N N 292 
THR O    O N N 293 
THR CB   C N R 294 
THR OG1  O N N 295 
THR CG2  C N N 296 
THR OXT  O N N 297 
THR H    H N N 298 
THR H2   H N N 299 
THR HA   H N N 300 
THR HB   H N N 301 
THR HG1  H N N 302 
THR HG21 H N N 303 
THR HG22 H N N 304 
THR HG23 H N N 305 
THR HXT  H N N 306 
TRP N    N N N 307 
TRP CA   C N S 308 
TRP C    C N N 309 
TRP O    O N N 310 
TRP CB   C N N 311 
TRP CG   C Y N 312 
TRP CD1  C Y N 313 
TRP CD2  C Y N 314 
TRP NE1  N Y N 315 
TRP CE2  C Y N 316 
TRP CE3  C Y N 317 
TRP CZ2  C Y N 318 
TRP CZ3  C Y N 319 
TRP CH2  C Y N 320 
TRP OXT  O N N 321 
TRP H    H N N 322 
TRP H2   H N N 323 
TRP HA   H N N 324 
TRP HB2  H N N 325 
TRP HB3  H N N 326 
TRP HD1  H N N 327 
TRP HE1  H N N 328 
TRP HE3  H N N 329 
TRP HZ2  H N N 330 
TRP HZ3  H N N 331 
TRP HH2  H N N 332 
TRP HXT  H N N 333 
TYR N    N N N 334 
TYR CA   C N S 335 
TYR C    C N N 336 
TYR O    O N N 337 
TYR CB   C N N 338 
TYR CG   C Y N 339 
TYR CD1  C Y N 340 
TYR CD2  C Y N 341 
TYR CE1  C Y N 342 
TYR CE2  C Y N 343 
TYR CZ   C Y N 344 
TYR OH   O N N 345 
TYR OXT  O N N 346 
TYR H    H N N 347 
TYR H2   H N N 348 
TYR HA   H N N 349 
TYR HB2  H N N 350 
TYR HB3  H N N 351 
TYR HD1  H N N 352 
TYR HD2  H N N 353 
TYR HE1  H N N 354 
TYR HE2  H N N 355 
TYR HH   H N N 356 
TYR HXT  H N N 357 
VAL N    N N N 358 
VAL CA   C N S 359 
VAL C    C N N 360 
VAL O    O N N 361 
VAL CB   C N N 362 
VAL CG1  C N N 363 
VAL CG2  C N N 364 
VAL OXT  O N N 365 
VAL H    H N N 366 
VAL H2   H N N 367 
VAL HA   H N N 368 
VAL HB   H N N 369 
VAL HG11 H N N 370 
VAL HG12 H N N 371 
VAL HG13 H N N 372 
VAL HG21 H N N 373 
VAL HG22 H N N 374 
VAL HG23 H N N 375 
VAL HXT  H N N 376 
# 
loop_
_chem_comp_bond.comp_id 
_chem_comp_bond.atom_id_1 
_chem_comp_bond.atom_id_2 
_chem_comp_bond.value_order 
_chem_comp_bond.pdbx_aromatic_flag 
_chem_comp_bond.pdbx_stereo_config 
_chem_comp_bond.pdbx_ordinal 
ALA N   CA   sing N N 1   
ALA N   H    sing N N 2   
ALA N   H2   sing N N 3   
ALA CA  C    sing N N 4   
ALA CA  CB   sing N N 5   
ALA CA  HA   sing N N 6   
ALA C   O    doub N N 7   
ALA C   OXT  sing N N 8   
ALA CB  HB1  sing N N 9   
ALA CB  HB2  sing N N 10  
ALA CB  HB3  sing N N 11  
ALA OXT HXT  sing N N 12  
ARG N   CA   sing N N 13  
ARG N   H    sing N N 14  
ARG N   H2   sing N N 15  
ARG CA  C    sing N N 16  
ARG CA  CB   sing N N 17  
ARG CA  HA   sing N N 18  
ARG C   O    doub N N 19  
ARG C   OXT  sing N N 20  
ARG CB  CG   sing N N 21  
ARG CB  HB2  sing N N 22  
ARG CB  HB3  sing N N 23  
ARG CG  CD   sing N N 24  
ARG CG  HG2  sing N N 25  
ARG CG  HG3  sing N N 26  
ARG CD  NE   sing N N 27  
ARG CD  HD2  sing N N 28  
ARG CD  HD3  sing N N 29  
ARG NE  CZ   sing N N 30  
ARG NE  HE   sing N N 31  
ARG CZ  NH1  sing N N 32  
ARG CZ  NH2  doub N N 33  
ARG NH1 HH11 sing N N 34  
ARG NH1 HH12 sing N N 35  
ARG NH2 HH21 sing N N 36  
ARG NH2 HH22 sing N N 37  
ARG OXT HXT  sing N N 38  
ASN N   CA   sing N N 39  
ASN N   H    sing N N 40  
ASN N   H2   sing N N 41  
ASN CA  C    sing N N 42  
ASN CA  CB   sing N N 43  
ASN CA  HA   sing N N 44  
ASN C   O    doub N N 45  
ASN C   OXT  sing N N 46  
ASN CB  CG   sing N N 47  
ASN CB  HB2  sing N N 48  
ASN CB  HB3  sing N N 49  
ASN CG  OD1  doub N N 50  
ASN CG  ND2  sing N N 51  
ASN ND2 HD21 sing N N 52  
ASN ND2 HD22 sing N N 53  
ASN OXT HXT  sing N N 54  
ASP N   CA   sing N N 55  
ASP N   H    sing N N 56  
ASP N   H2   sing N N 57  
ASP CA  C    sing N N 58  
ASP CA  CB   sing N N 59  
ASP CA  HA   sing N N 60  
ASP C   O    doub N N 61  
ASP C   OXT  sing N N 62  
ASP CB  CG   sing N N 63  
ASP CB  HB2  sing N N 64  
ASP CB  HB3  sing N N 65  
ASP CG  OD1  doub N N 66  
ASP CG  OD2  sing N N 67  
ASP OD2 HD2  sing N N 68  
ASP OXT HXT  sing N N 69  
GLN N   CA   sing N N 70  
GLN N   H    sing N N 71  
GLN N   H2   sing N N 72  
GLN CA  C    sing N N 73  
GLN CA  CB   sing N N 74  
GLN CA  HA   sing N N 75  
GLN C   O    doub N N 76  
GLN C   OXT  sing N N 77  
GLN CB  CG   sing N N 78  
GLN CB  HB2  sing N N 79  
GLN CB  HB3  sing N N 80  
GLN CG  CD   sing N N 81  
GLN CG  HG2  sing N N 82  
GLN CG  HG3  sing N N 83  
GLN CD  OE1  doub N N 84  
GLN CD  NE2  sing N N 85  
GLN NE2 HE21 sing N N 86  
GLN NE2 HE22 sing N N 87  
GLN OXT HXT  sing N N 88  
GLU N   CA   sing N N 89  
GLU N   H    sing N N 90  
GLU N   H2   sing N N 91  
GLU CA  C    sing N N 92  
GLU CA  CB   sing N N 93  
GLU CA  HA   sing N N 94  
GLU C   O    doub N N 95  
GLU C   OXT  sing N N 96  
GLU CB  CG   sing N N 97  
GLU CB  HB2  sing N N 98  
GLU CB  HB3  sing N N 99  
GLU CG  CD   sing N N 100 
GLU CG  HG2  sing N N 101 
GLU CG  HG3  sing N N 102 
GLU CD  OE1  doub N N 103 
GLU CD  OE2  sing N N 104 
GLU OE2 HE2  sing N N 105 
GLU OXT HXT  sing N N 106 
GLY N   CA   sing N N 107 
GLY N   H    sing N N 108 
GLY N   H2   sing N N 109 
GLY CA  C    sing N N 110 
GLY CA  HA2  sing N N 111 
GLY CA  HA3  sing N N 112 
GLY C   O    doub N N 113 
GLY C   OXT  sing N N 114 
GLY OXT HXT  sing N N 115 
HIS N   CA   sing N N 116 
HIS N   H    sing N N 117 
HIS N   H2   sing N N 118 
HIS CA  C    sing N N 119 
HIS CA  CB   sing N N 120 
HIS CA  HA   sing N N 121 
HIS C   O    doub N N 122 
HIS C   OXT  sing N N 123 
HIS CB  CG   sing N N 124 
HIS CB  HB2  sing N N 125 
HIS CB  HB3  sing N N 126 
HIS CG  ND1  sing Y N 127 
HIS CG  CD2  doub Y N 128 
HIS ND1 CE1  doub Y N 129 
HIS ND1 HD1  sing N N 130 
HIS CD2 NE2  sing Y N 131 
HIS CD2 HD2  sing N N 132 
HIS CE1 NE2  sing Y N 133 
HIS CE1 HE1  sing N N 134 
HIS NE2 HE2  sing N N 135 
HIS OXT HXT  sing N N 136 
HOH O   H1   sing N N 137 
HOH O   H2   sing N N 138 
ILE N   CA   sing N N 139 
ILE N   H    sing N N 140 
ILE N   H2   sing N N 141 
ILE CA  C    sing N N 142 
ILE CA  CB   sing N N 143 
ILE CA  HA   sing N N 144 
ILE C   O    doub N N 145 
ILE C   OXT  sing N N 146 
ILE CB  CG1  sing N N 147 
ILE CB  CG2  sing N N 148 
ILE CB  HB   sing N N 149 
ILE CG1 CD1  sing N N 150 
ILE CG1 HG12 sing N N 151 
ILE CG1 HG13 sing N N 152 
ILE CG2 HG21 sing N N 153 
ILE CG2 HG22 sing N N 154 
ILE CG2 HG23 sing N N 155 
ILE CD1 HD11 sing N N 156 
ILE CD1 HD12 sing N N 157 
ILE CD1 HD13 sing N N 158 
ILE OXT HXT  sing N N 159 
LEU N   CA   sing N N 160 
LEU N   H    sing N N 161 
LEU N   H2   sing N N 162 
LEU CA  C    sing N N 163 
LEU CA  CB   sing N N 164 
LEU CA  HA   sing N N 165 
LEU C   O    doub N N 166 
LEU C   OXT  sing N N 167 
LEU CB  CG   sing N N 168 
LEU CB  HB2  sing N N 169 
LEU CB  HB3  sing N N 170 
LEU CG  CD1  sing N N 171 
LEU CG  CD2  sing N N 172 
LEU CG  HG   sing N N 173 
LEU CD1 HD11 sing N N 174 
LEU CD1 HD12 sing N N 175 
LEU CD1 HD13 sing N N 176 
LEU CD2 HD21 sing N N 177 
LEU CD2 HD22 sing N N 178 
LEU CD2 HD23 sing N N 179 
LEU OXT HXT  sing N N 180 
LYS N   CA   sing N N 181 
LYS N   H    sing N N 182 
LYS N   H2   sing N N 183 
LYS CA  C    sing N N 184 
LYS CA  CB   sing N N 185 
LYS CA  HA   sing N N 186 
LYS C   O    doub N N 187 
LYS C   OXT  sing N N 188 
LYS CB  CG   sing N N 189 
LYS CB  HB2  sing N N 190 
LYS CB  HB3  sing N N 191 
LYS CG  CD   sing N N 192 
LYS CG  HG2  sing N N 193 
LYS CG  HG3  sing N N 194 
LYS CD  CE   sing N N 195 
LYS CD  HD2  sing N N 196 
LYS CD  HD3  sing N N 197 
LYS CE  NZ   sing N N 198 
LYS CE  HE2  sing N N 199 
LYS CE  HE3  sing N N 200 
LYS NZ  HZ1  sing N N 201 
LYS NZ  HZ2  sing N N 202 
LYS NZ  HZ3  sing N N 203 
LYS OXT HXT  sing N N 204 
MET N   CA   sing N N 205 
MET N   H    sing N N 206 
MET N   H2   sing N N 207 
MET CA  C    sing N N 208 
MET CA  CB   sing N N 209 
MET CA  HA   sing N N 210 
MET C   O    doub N N 211 
MET C   OXT  sing N N 212 
MET CB  CG   sing N N 213 
MET CB  HB2  sing N N 214 
MET CB  HB3  sing N N 215 
MET CG  SD   sing N N 216 
MET CG  HG2  sing N N 217 
MET CG  HG3  sing N N 218 
MET SD  CE   sing N N 219 
MET CE  HE1  sing N N 220 
MET CE  HE2  sing N N 221 
MET CE  HE3  sing N N 222 
MET OXT HXT  sing N N 223 
PHE N   CA   sing N N 224 
PHE N   H    sing N N 225 
PHE N   H2   sing N N 226 
PHE CA  C    sing N N 227 
PHE CA  CB   sing N N 228 
PHE CA  HA   sing N N 229 
PHE C   O    doub N N 230 
PHE C   OXT  sing N N 231 
PHE CB  CG   sing N N 232 
PHE CB  HB2  sing N N 233 
PHE CB  HB3  sing N N 234 
PHE CG  CD1  doub Y N 235 
PHE CG  CD2  sing Y N 236 
PHE CD1 CE1  sing Y N 237 
PHE CD1 HD1  sing N N 238 
PHE CD2 CE2  doub Y N 239 
PHE CD2 HD2  sing N N 240 
PHE CE1 CZ   doub Y N 241 
PHE CE1 HE1  sing N N 242 
PHE CE2 CZ   sing Y N 243 
PHE CE2 HE2  sing N N 244 
PHE CZ  HZ   sing N N 245 
PHE OXT HXT  sing N N 246 
PRO N   CA   sing N N 247 
PRO N   CD   sing N N 248 
PRO N   H    sing N N 249 
PRO CA  C    sing N N 250 
PRO CA  CB   sing N N 251 
PRO CA  HA   sing N N 252 
PRO C   O    doub N N 253 
PRO C   OXT  sing N N 254 
PRO CB  CG   sing N N 255 
PRO CB  HB2  sing N N 256 
PRO CB  HB3  sing N N 257 
PRO CG  CD   sing N N 258 
PRO CG  HG2  sing N N 259 
PRO CG  HG3  sing N N 260 
PRO CD  HD2  sing N N 261 
PRO CD  HD3  sing N N 262 
PRO OXT HXT  sing N N 263 
SER N   CA   sing N N 264 
SER N   H    sing N N 265 
SER N   H2   sing N N 266 
SER CA  C    sing N N 267 
SER CA  CB   sing N N 268 
SER CA  HA   sing N N 269 
SER C   O    doub N N 270 
SER C   OXT  sing N N 271 
SER CB  OG   sing N N 272 
SER CB  HB2  sing N N 273 
SER CB  HB3  sing N N 274 
SER OG  HG   sing N N 275 
SER OXT HXT  sing N N 276 
THR N   CA   sing N N 277 
THR N   H    sing N N 278 
THR N   H2   sing N N 279 
THR CA  C    sing N N 280 
THR CA  CB   sing N N 281 
THR CA  HA   sing N N 282 
THR C   O    doub N N 283 
THR C   OXT  sing N N 284 
THR CB  OG1  sing N N 285 
THR CB  CG2  sing N N 286 
THR CB  HB   sing N N 287 
THR OG1 HG1  sing N N 288 
THR CG2 HG21 sing N N 289 
THR CG2 HG22 sing N N 290 
THR CG2 HG23 sing N N 291 
THR OXT HXT  sing N N 292 
TRP N   CA   sing N N 293 
TRP N   H    sing N N 294 
TRP N   H2   sing N N 295 
TRP CA  C    sing N N 296 
TRP CA  CB   sing N N 297 
TRP CA  HA   sing N N 298 
TRP C   O    doub N N 299 
TRP C   OXT  sing N N 300 
TRP CB  CG   sing N N 301 
TRP CB  HB2  sing N N 302 
TRP CB  HB3  sing N N 303 
TRP CG  CD1  doub Y N 304 
TRP CG  CD2  sing Y N 305 
TRP CD1 NE1  sing Y N 306 
TRP CD1 HD1  sing N N 307 
TRP CD2 CE2  doub Y N 308 
TRP CD2 CE3  sing Y N 309 
TRP NE1 CE2  sing Y N 310 
TRP NE1 HE1  sing N N 311 
TRP CE2 CZ2  sing Y N 312 
TRP CE3 CZ3  doub Y N 313 
TRP CE3 HE3  sing N N 314 
TRP CZ2 CH2  doub Y N 315 
TRP CZ2 HZ2  sing N N 316 
TRP CZ3 CH2  sing Y N 317 
TRP CZ3 HZ3  sing N N 318 
TRP CH2 HH2  sing N N 319 
TRP OXT HXT  sing N N 320 
TYR N   CA   sing N N 321 
TYR N   H    sing N N 322 
TYR N   H2   sing N N 323 
TYR CA  C    sing N N 324 
TYR CA  CB   sing N N 325 
TYR CA  HA   sing N N 326 
TYR C   O    doub N N 327 
TYR C   OXT  sing N N 328 
TYR CB  CG   sing N N 329 
TYR CB  HB2  sing N N 330 
TYR CB  HB3  sing N N 331 
TYR CG  CD1  doub Y N 332 
TYR CG  CD2  sing Y N 333 
TYR CD1 CE1  sing Y N 334 
TYR CD1 HD1  sing N N 335 
TYR CD2 CE2  doub Y N 336 
TYR CD2 HD2  sing N N 337 
TYR CE1 CZ   doub Y N 338 
TYR CE1 HE1  sing N N 339 
TYR CE2 CZ   sing Y N 340 
TYR CE2 HE2  sing N N 341 
TYR CZ  OH   sing N N 342 
TYR OH  HH   sing N N 343 
TYR OXT HXT  sing N N 344 
VAL N   CA   sing N N 345 
VAL N   H    sing N N 346 
VAL N   H2   sing N N 347 
VAL CA  C    sing N N 348 
VAL CA  CB   sing N N 349 
VAL CA  HA   sing N N 350 
VAL C   O    doub N N 351 
VAL C   OXT  sing N N 352 
VAL CB  CG1  sing N N 353 
VAL CB  CG2  sing N N 354 
VAL CB  HB   sing N N 355 
VAL CG1 HG11 sing N N 356 
VAL CG1 HG12 sing N N 357 
VAL CG1 HG13 sing N N 358 
VAL CG2 HG21 sing N N 359 
VAL CG2 HG22 sing N N 360 
VAL CG2 HG23 sing N N 361 
VAL OXT HXT  sing N N 362 
# 
_atom_sites.entry_id                    2I5H 
_atom_sites.fract_transf_matrix[1][1]   -0.00011879 
_atom_sites.fract_transf_matrix[1][2]   0.00650510 
_atom_sites.fract_transf_matrix[1][3]   -0.01136495 
_atom_sites.fract_transf_matrix[2][1]   0.00831210 
_atom_sites.fract_transf_matrix[2][2]   -0.02195974 
_atom_sites.fract_transf_matrix[2][3]   -0.01265626 
_atom_sites.fract_transf_matrix[3][1]   -0.01115561 
_atom_sites.fract_transf_matrix[3][2]   -0.00265130 
_atom_sites.fract_transf_matrix[3][3]   -0.00272630 
_atom_sites.fract_transf_vector[1]      0.274598 
_atom_sites.fract_transf_vector[2]      0.932791 
_atom_sites.fract_transf_vector[3]      0.214168 
# 
loop_
_atom_type.symbol 
C 
N 
O 
S 
# 
loop_
_atom_site.group_PDB 
_atom_site.id 
_atom_site.type_symbol 
_atom_site.label_atom_id 
_atom_site.label_alt_id 
_atom_site.label_comp_id 
_atom_site.label_asym_id 
_atom_site.label_entity_id 
_atom_site.label_seq_id 
_atom_site.pdbx_PDB_ins_code 
_atom_site.Cartn_x 
_atom_site.Cartn_y 
_atom_site.Cartn_z 
_atom_site.occupancy 
_atom_site.B_iso_or_equiv 
_atom_site.pdbx_formal_charge 
_atom_site.auth_seq_id 
_atom_site.auth_comp_id 
_atom_site.auth_asym_id 
_atom_site.auth_atom_id 
_atom_site.pdbx_PDB_model_num 
ATOM   1    N N   . GLU A 1 18  ? 0.277   1.942   12.850  1.00 33.16 ? 16  GLU A N   1 
ATOM   2    C CA  . GLU A 1 18  ? 0.664   0.660   12.203  1.00 32.40 ? 16  GLU A CA  1 
ATOM   3    C C   . GLU A 1 18  ? 1.308   -0.303  13.195  1.00 30.99 ? 16  GLU A C   1 
ATOM   4    O O   . GLU A 1 18  ? 2.130   0.100   14.019  1.00 32.74 ? 16  GLU A O   1 
ATOM   5    C CB  . GLU A 1 18  ? 1.651   0.928   11.062  1.00 32.61 ? 16  GLU A CB  1 
ATOM   6    C CG  . GLU A 1 18  ? 1.110   1.823   9.961   1.00 30.63 ? 16  GLU A CG  1 
ATOM   7    C CD  . GLU A 1 18  ? 0.168   1.096   9.027   1.00 30.88 ? 16  GLU A CD  1 
ATOM   8    O OE1 . GLU A 1 18  ? -0.268  -0.029  9.357   1.00 31.79 ? 16  GLU A OE1 1 
ATOM   9    O OE2 . GLU A 1 18  ? -0.139  1.654   7.959   1.00 29.34 ? 16  GLU A OE2 1 
ATOM   10   N N   . ASP A 1 19  ? 0.930   -1.574  13.112  1.00 29.51 ? 17  ASP A N   1 
ATOM   11   C CA  . ASP A 1 19  ? 1.496   -2.604  13.974  1.00 28.38 ? 17  ASP A CA  1 
ATOM   12   C C   . ASP A 1 19  ? 2.451   -3.470  13.151  1.00 23.87 ? 17  ASP A C   1 
ATOM   13   O O   . ASP A 1 19  ? 3.427   -4.013  13.674  1.00 23.16 ? 17  ASP A O   1 
ATOM   14   C CB  . ASP A 1 19  ? 0.383   -3.472  14.568  1.00 34.02 ? 17  ASP A CB  1 
ATOM   15   C CG  . ASP A 1 19  ? 0.393   -3.468  16.081  1.00 37.47 ? 17  ASP A CG  1 
ATOM   16   O OD1 . ASP A 1 19  ? 0.475   -2.366  16.667  1.00 39.23 ? 17  ASP A OD1 1 
ATOM   17   O OD2 . ASP A 1 19  ? 0.313   -4.557  16.687  1.00 41.92 ? 17  ASP A OD2 1 
ATOM   18   N N   . TYR A 1 20  ? 2.162   -3.592  11.858  1.00 22.48 ? 18  TYR A N   1 
ATOM   19   C CA  . TYR A 1 20  ? 2.995   -4.376  10.954  1.00 21.20 ? 18  TYR A CA  1 
ATOM   20   C C   . TYR A 1 20  ? 3.229   -3.632  9.641   1.00 19.19 ? 18  TYR A C   1 
ATOM   21   O O   . TYR A 1 20  ? 2.383   -2.860  9.203   1.00 19.57 ? 18  TYR A O   1 
ATOM   22   C CB  . TYR A 1 20  ? 2.325   -5.711  10.647  1.00 25.03 ? 18  TYR A CB  1 
ATOM   23   C CG  . TYR A 1 20  ? 2.305   -6.671  11.811  1.00 27.33 ? 18  TYR A CG  1 
ATOM   24   C CD1 . TYR A 1 20  ? 3.396   -7.495  12.080  1.00 30.84 ? 18  TYR A CD1 1 
ATOM   25   C CD2 . TYR A 1 20  ? 1.193   -6.758  12.643  1.00 30.36 ? 18  TYR A CD2 1 
ATOM   26   C CE1 . TYR A 1 20  ? 3.378   -8.390  13.150  1.00 32.76 ? 18  TYR A CE1 1 
ATOM   27   C CE2 . TYR A 1 20  ? 1.163   -7.646  13.715  1.00 33.00 ? 18  TYR A CE2 1 
ATOM   28   C CZ  . TYR A 1 20  ? 2.256   -8.459  13.961  1.00 34.03 ? 18  TYR A CZ  1 
ATOM   29   O OH  . TYR A 1 20  ? 2.220   -9.348  15.012  1.00 36.28 ? 18  TYR A OH  1 
ATOM   30   N N   . ALA A 1 21  ? 4.381   -3.872  9.023   1.00 18.03 ? 19  ALA A N   1 
ATOM   31   C CA  . ALA A 1 21  ? 4.714   -3.245  7.742   1.00 17.74 ? 19  ALA A CA  1 
ATOM   32   C C   . ALA A 1 21  ? 5.458   -4.242  6.866   1.00 18.90 ? 19  ALA A C   1 
ATOM   33   O O   . ALA A 1 21  ? 5.973   -5.255  7.351   1.00 20.14 ? 19  ALA A O   1 
ATOM   34   C CB  . ALA A 1 21  ? 5.575   -2.000  7.962   1.00 16.98 ? 19  ALA A CB  1 
ATOM   35   N N   . TYR A 1 22  ? 5.515   -3.948  5.574   1.00 16.45 ? 20  TYR A N   1 
ATOM   36   C CA  . TYR A 1 22  ? 6.198   -4.811  4.619   1.00 17.08 ? 20  TYR A CA  1 
ATOM   37   C C   . TYR A 1 22  ? 7.439   -4.107  4.071   1.00 16.78 ? 20  TYR A C   1 
ATOM   38   O O   . TYR A 1 22  ? 7.411   -2.912  3.764   1.00 14.26 ? 20  TYR A O   1 
ATOM   39   C CB  . TYR A 1 22  ? 5.236   -5.190  3.487   1.00 18.37 ? 20  TYR A CB  1 
ATOM   40   C CG  . TYR A 1 22  ? 4.235   -6.267  3.866   1.00 22.12 ? 20  TYR A CG  1 
ATOM   41   C CD1 . TYR A 1 22  ? 4.435   -7.595  3.485   1.00 25.41 ? 20  TYR A CD1 1 
ATOM   42   C CD2 . TYR A 1 22  ? 3.095   -5.960  4.604   1.00 23.86 ? 20  TYR A CD2 1 
ATOM   43   C CE1 . TYR A 1 22  ? 3.520   -8.592  3.827   1.00 26.31 ? 20  TYR A CE1 1 
ATOM   44   C CE2 . TYR A 1 22  ? 2.170   -6.951  4.952   1.00 26.82 ? 20  TYR A CE2 1 
ATOM   45   C CZ  . TYR A 1 22  ? 2.390   -8.262  4.558   1.00 28.21 ? 20  TYR A CZ  1 
ATOM   46   O OH  . TYR A 1 22  ? 1.474   -9.237  4.879   1.00 29.31 ? 20  TYR A OH  1 
ATOM   47   N N   . VAL A 1 23  ? 8.532   -4.856  3.964   1.00 16.22 ? 21  VAL A N   1 
ATOM   48   C CA  . VAL A 1 23  ? 9.795   -4.319  3.492   1.00 16.15 ? 21  VAL A CA  1 
ATOM   49   C C   . VAL A 1 23  ? 9.804   -3.985  2.003   1.00 15.92 ? 21  VAL A C   1 
ATOM   50   O O   . VAL A 1 23  ? 9.448   -4.813  1.165   1.00 16.62 ? 21  VAL A O   1 
ATOM   51   C CB  . VAL A 1 23  ? 10.953  -5.302  3.789   1.00 17.18 ? 21  VAL A CB  1 
ATOM   52   C CG1 . VAL A 1 23  ? 12.252  -4.760  3.228   1.00 16.12 ? 21  VAL A CG1 1 
ATOM   53   C CG2 . VAL A 1 23  ? 11.065  -5.530  5.287   1.00 15.92 ? 21  VAL A CG2 1 
ATOM   54   N N   . LEU A 1 24  ? 10.216  -2.762  1.694   1.00 14.88 ? 22  LEU A N   1 
ATOM   55   C CA  . LEU A 1 24  ? 10.307  -2.285  0.323   1.00 15.86 ? 22  LEU A CA  1 
ATOM   56   C C   . LEU A 1 24  ? 11.750  -2.309  -0.156  1.00 16.25 ? 22  LEU A C   1 
ATOM   57   O O   . LEU A 1 24  ? 12.024  -2.554  -1.332  1.00 16.04 ? 22  LEU A O   1 
ATOM   58   C CB  . LEU A 1 24  ? 9.792   -0.845  0.224   1.00 13.35 ? 22  LEU A CB  1 
ATOM   59   C CG  . LEU A 1 24  ? 8.348   -0.550  0.634   1.00 14.94 ? 22  LEU A CG  1 
ATOM   60   C CD1 . LEU A 1 24  ? 8.123   0.960   0.645   1.00 16.19 ? 22  LEU A CD1 1 
ATOM   61   C CD2 . LEU A 1 24  ? 7.387   -1.222  -0.332  1.00 16.65 ? 22  LEU A CD2 1 
ATOM   62   N N   . ASP A 1 25  ? 12.671  -2.046  0.767   1.00 14.98 ? 23  ASP A N   1 
ATOM   63   C CA  . ASP A 1 25  ? 14.087  -1.988  0.442   1.00 14.82 ? 23  ASP A CA  1 
ATOM   64   C C   . ASP A 1 25  ? 14.910  -2.062  1.724   1.00 15.71 ? 23  ASP A C   1 
ATOM   65   O O   . ASP A 1 25  ? 14.574  -1.415  2.721   1.00 14.87 ? 23  ASP A O   1 
ATOM   66   C CB  . ASP A 1 25  ? 14.357  -0.668  -0.302  1.00 16.73 ? 23  ASP A CB  1 
ATOM   67   C CG  . ASP A 1 25  ? 15.781  -0.552  -0.818  1.00 19.28 ? 23  ASP A CG  1 
ATOM   68   O OD1 . ASP A 1 25  ? 16.362  -1.572  -1.235  1.00 21.76 ? 23  ASP A OD1 1 
ATOM   69   O OD2 . ASP A 1 25  ? 16.310  0.576   -0.825  1.00 21.09 ? 23  ASP A OD2 1 
ATOM   70   N N   . PHE A 1 26  ? 15.966  -2.870  1.704   1.00 15.97 ? 24  PHE A N   1 
ATOM   71   C CA  . PHE A 1 26  ? 16.851  -2.991  2.861   1.00 15.19 ? 24  PHE A CA  1 
ATOM   72   C C   . PHE A 1 26  ? 18.252  -2.503  2.497   1.00 15.84 ? 24  PHE A C   1 
ATOM   73   O O   . PHE A 1 26  ? 18.829  -2.922  1.481   1.00 18.06 ? 24  PHE A O   1 
ATOM   74   C CB  . PHE A 1 26  ? 16.912  -4.439  3.369   1.00 15.38 ? 24  PHE A CB  1 
ATOM   75   C CG  . PHE A 1 26  ? 17.925  -4.649  4.473   1.00 14.81 ? 24  PHE A CG  1 
ATOM   76   C CD1 . PHE A 1 26  ? 17.935  -3.817  5.601   1.00 14.21 ? 24  PHE A CD1 1 
ATOM   77   C CD2 . PHE A 1 26  ? 18.887  -5.650  4.371   1.00 16.44 ? 24  PHE A CD2 1 
ATOM   78   C CE1 . PHE A 1 26  ? 18.892  -3.982  6.608   1.00 13.24 ? 24  PHE A CE1 1 
ATOM   79   C CE2 . PHE A 1 26  ? 19.853  -5.826  5.377   1.00 16.84 ? 24  PHE A CE2 1 
ATOM   80   C CZ  . PHE A 1 26  ? 19.855  -4.989  6.499   1.00 16.40 ? 24  PHE A CZ  1 
ATOM   81   N N   . MET A 1 27  ? 18.790  -1.609  3.325   1.00 14.85 ? 25  MET A N   1 
ATOM   82   C CA  . MET A 1 27  ? 20.118  -1.032  3.115   1.00 14.56 ? 25  MET A CA  1 
ATOM   83   C C   . MET A 1 27  ? 21.042  -1.340  4.291   1.00 16.08 ? 25  MET A C   1 
ATOM   84   O O   . MET A 1 27  ? 21.036  -0.626  5.304   1.00 13.42 ? 25  MET A O   1 
ATOM   85   C CB  . MET A 1 27  ? 20.015  0.485   2.961   1.00 16.32 ? 25  MET A CB  1 
ATOM   86   C CG  . MET A 1 27  ? 19.200  0.935   1.765   1.00 16.98 ? 25  MET A CG  1 
ATOM   87   S SD  . MET A 1 27  ? 18.757  2.683   1.844   1.00 22.36 ? 25  MET A SD  1 
ATOM   88   C CE  . MET A 1 27  ? 17.207  2.585   2.693   1.00 20.36 ? 25  MET A CE  1 
ATOM   89   N N   . PRO A 1 28  ? 21.856  -2.398  4.169   1.00 17.33 ? 26  PRO A N   1 
ATOM   90   C CA  . PRO A 1 28  ? 22.793  -2.804  5.227   1.00 17.19 ? 26  PRO A CA  1 
ATOM   91   C C   . PRO A 1 28  ? 23.593  -1.645  5.815   1.00 18.50 ? 26  PRO A C   1 
ATOM   92   O O   . PRO A 1 28  ? 23.780  -1.574  7.032   1.00 17.71 ? 26  PRO A O   1 
ATOM   93   C CB  . PRO A 1 28  ? 23.688  -3.817  4.518   1.00 19.23 ? 26  PRO A CB  1 
ATOM   94   C CG  . PRO A 1 28  ? 22.744  -4.469  3.573   1.00 15.85 ? 26  PRO A CG  1 
ATOM   95   C CD  . PRO A 1 28  ? 21.941  -3.314  3.017   1.00 16.39 ? 26  PRO A CD  1 
ATOM   96   N N   . TYR A 1 29  ? 24.082  -0.748  4.960   1.00 17.70 ? 27  TYR A N   1 
ATOM   97   C CA  . TYR A 1 29  ? 24.853  0.407   5.433   1.00 18.75 ? 27  TYR A CA  1 
ATOM   98   C C   . TYR A 1 29  ? 24.115  1.731   5.306   1.00 18.99 ? 27  TYR A C   1 
ATOM   99   O O   . TYR A 1 29  ? 24.736  2.801   5.280   1.00 20.71 ? 27  TYR A O   1 
ATOM   100  C CB  . TYR A 1 29  ? 26.193  0.510   4.692   1.00 23.42 ? 27  TYR A CB  1 
ATOM   101  C CG  . TYR A 1 29  ? 27.323  -0.216  5.381   1.00 24.63 ? 27  TYR A CG  1 
ATOM   102  C CD1 . TYR A 1 29  ? 28.012  -1.243  4.741   1.00 22.54 ? 27  TYR A CD1 1 
ATOM   103  C CD2 . TYR A 1 29  ? 27.687  0.109   6.691   1.00 25.56 ? 27  TYR A CD2 1 
ATOM   104  C CE1 . TYR A 1 29  ? 29.036  -1.937  5.388   1.00 24.68 ? 27  TYR A CE1 1 
ATOM   105  C CE2 . TYR A 1 29  ? 28.705  -0.578  7.348   1.00 26.46 ? 27  TYR A CE2 1 
ATOM   106  C CZ  . TYR A 1 29  ? 29.372  -1.602  6.692   1.00 29.41 ? 27  TYR A CZ  1 
ATOM   107  O OH  . TYR A 1 29  ? 30.345  -2.319  7.355   1.00 31.00 ? 27  TYR A OH  1 
ATOM   108  N N   . GLY A 1 30  ? 22.792  1.668   5.219   1.00 15.94 ? 28  GLY A N   1 
ATOM   109  C CA  . GLY A 1 30  ? 22.008  2.885   5.096   1.00 17.89 ? 28  GLY A CA  1 
ATOM   110  C C   . GLY A 1 30  ? 22.070  3.540   3.728   1.00 19.99 ? 28  GLY A C   1 
ATOM   111  O O   . GLY A 1 30  ? 22.427  2.907   2.735   1.00 18.43 ? 28  GLY A O   1 
ATOM   112  N N   . HIS A 1 31  ? 21.724  4.821   3.668   1.00 18.70 ? 29  HIS A N   1 
ATOM   113  C CA  . HIS A 1 31  ? 21.729  5.534   2.397   1.00 21.40 ? 29  HIS A CA  1 
ATOM   114  C C   . HIS A 1 31  ? 23.118  5.699   1.806   1.00 19.35 ? 29  HIS A C   1 
ATOM   115  O O   . HIS A 1 31  ? 24.054  6.101   2.486   1.00 18.22 ? 29  HIS A O   1 
ATOM   116  C CB  . HIS A 1 31  ? 21.052  6.893   2.560   1.00 24.84 ? 29  HIS A CB  1 
ATOM   117  C CG  . HIS A 1 31  ? 19.583  6.790   2.828   1.00 26.78 ? 29  HIS A CG  1 
ATOM   118  N ND1 . HIS A 1 31  ? 18.687  6.347   1.880   1.00 28.42 ? 29  HIS A ND1 1 
ATOM   119  C CD2 . HIS A 1 31  ? 18.860  7.031   3.947   1.00 28.32 ? 29  HIS A CD2 1 
ATOM   120  C CE1 . HIS A 1 31  ? 17.474  6.317   2.404   1.00 29.84 ? 29  HIS A CE1 1 
ATOM   121  N NE2 . HIS A 1 31  ? 17.552  6.727   3.657   1.00 28.03 ? 29  HIS A NE2 1 
ATOM   122  N N   . PRO A 1 32  ? 23.267  5.381   0.513   1.00 20.38 ? 30  PRO A N   1 
ATOM   123  C CA  . PRO A 1 32  ? 24.565  5.499   -0.154  1.00 22.38 ? 30  PRO A CA  1 
ATOM   124  C C   . PRO A 1 32  ? 25.224  6.874   -0.081  1.00 21.76 ? 30  PRO A C   1 
ATOM   125  O O   . PRO A 1 32  ? 26.449  6.980   -0.138  1.00 24.47 ? 30  PRO A O   1 
ATOM   126  C CB  . PRO A 1 32  ? 24.265  5.055   -1.592  1.00 22.44 ? 30  PRO A CB  1 
ATOM   127  C CG  . PRO A 1 32  ? 22.796  5.307   -1.752  1.00 23.38 ? 30  PRO A CG  1 
ATOM   128  C CD  . PRO A 1 32  ? 22.228  4.907   -0.420  1.00 23.40 ? 30  PRO A CD  1 
ATOM   129  N N   . ASP A 1 33  ? 24.424  7.925   0.060   1.00 23.00 ? 31  ASP A N   1 
ATOM   130  C CA  . ASP A 1 33  ? 24.976  9.275   0.131   1.00 24.83 ? 31  ASP A CA  1 
ATOM   131  C C   . ASP A 1 33  ? 25.263  9.760   1.553   1.00 24.35 ? 31  ASP A C   1 
ATOM   132  O O   . ASP A 1 33  ? 25.657  10.910  1.748   1.00 22.89 ? 31  ASP A O   1 
ATOM   133  C CB  . ASP A 1 33  ? 24.037  10.270  -0.564  1.00 30.62 ? 31  ASP A CB  1 
ATOM   134  C CG  . ASP A 1 33  ? 23.904  10.008  -2.052  1.00 34.77 ? 31  ASP A CG  1 
ATOM   135  O OD1 . ASP A 1 33  ? 24.944  9.955   -2.743  1.00 37.70 ? 31  ASP A OD1 1 
ATOM   136  O OD2 . ASP A 1 33  ? 22.759  9.861   -2.531  1.00 37.45 ? 31  ASP A OD2 1 
ATOM   137  N N   . ASP A 1 34  ? 25.074  8.883   2.537   1.00 22.68 ? 32  ASP A N   1 
ATOM   138  C CA  . ASP A 1 34  ? 25.310  9.218   3.944   1.00 20.82 ? 32  ASP A CA  1 
ATOM   139  C C   . ASP A 1 34  ? 26.694  9.855   4.078   1.00 22.90 ? 32  ASP A C   1 
ATOM   140  O O   . ASP A 1 34  ? 27.690  9.280   3.640   1.00 23.29 ? 32  ASP A O   1 
ATOM   141  C CB  . ASP A 1 34  ? 25.243  7.947   4.801   1.00 21.04 ? 32  ASP A CB  1 
ATOM   142  C CG  . ASP A 1 34  ? 25.022  8.237   6.278   1.00 22.03 ? 32  ASP A CG  1 
ATOM   143  O OD1 . ASP A 1 34  ? 25.679  9.144   6.822   1.00 20.94 ? 32  ASP A OD1 1 
ATOM   144  O OD2 . ASP A 1 34  ? 24.190  7.542   6.900   1.00 24.10 ? 32  ASP A OD2 1 
ATOM   145  N N   . LYS A 1 35  ? 26.755  11.031  4.693   1.00 21.04 ? 33  LYS A N   1 
ATOM   146  C CA  . LYS A 1 35  ? 28.022  11.736  4.852   1.00 24.47 ? 33  LYS A CA  1 
ATOM   147  C C   . LYS A 1 35  ? 28.789  11.403  6.123   1.00 23.99 ? 33  LYS A C   1 
ATOM   148  O O   . LYS A 1 35  ? 29.927  11.840  6.297   1.00 25.88 ? 33  LYS A O   1 
ATOM   149  C CB  . LYS A 1 35  ? 27.789  13.246  4.771   1.00 26.03 ? 33  LYS A CB  1 
ATOM   150  C CG  . LYS A 1 35  ? 27.320  13.704  3.398   1.00 30.86 ? 33  LYS A CG  1 
ATOM   151  C CD  . LYS A 1 35  ? 27.268  15.223  3.297   1.00 34.78 ? 33  LYS A CD  1 
ATOM   152  C CE  . LYS A 1 35  ? 26.882  15.659  1.887   1.00 35.56 ? 33  LYS A CE  1 
ATOM   153  N NZ  . LYS A 1 35  ? 26.862  17.141  1.755   1.00 38.61 ? 33  LYS A NZ  1 
ATOM   154  N N   . ARG A 1 36  ? 28.169  10.631  7.009   1.00 22.30 ? 34  ARG A N   1 
ATOM   155  C CA  . ARG A 1 36  ? 28.812  10.246  8.258   1.00 21.73 ? 34  ARG A CA  1 
ATOM   156  C C   . ARG A 1 36  ? 29.779  9.076   8.037   1.00 22.27 ? 34  ARG A C   1 
ATOM   157  O O   . ARG A 1 36  ? 29.624  8.301   7.095   1.00 20.83 ? 34  ARG A O   1 
ATOM   158  C CB  . ARG A 1 36  ? 27.745  9.852   9.280   1.00 20.37 ? 34  ARG A CB  1 
ATOM   159  C CG  . ARG A 1 36  ? 26.707  10.941  9.536   1.00 18.66 ? 34  ARG A CG  1 
ATOM   160  C CD  . ARG A 1 36  ? 25.557  10.408  10.372  1.00 18.21 ? 34  ARG A CD  1 
ATOM   161  N NE  . ARG A 1 36  ? 24.913  9.266   9.724   1.00 17.04 ? 34  ARG A NE  1 
ATOM   162  C CZ  . ARG A 1 36  ? 24.092  8.425   10.343  1.00 17.33 ? 34  ARG A CZ  1 
ATOM   163  N NH1 . ARG A 1 36  ? 23.806  8.604   11.628  1.00 18.21 ? 34  ARG A NH1 1 
ATOM   164  N NH2 . ARG A 1 36  ? 23.574  7.392   9.687   1.00 17.50 ? 34  ARG A NH2 1 
ATOM   165  N N   . PRO A 1 37  ? 30.802  8.949   8.899   1.00 22.89 ? 35  PRO A N   1 
ATOM   166  C CA  . PRO A 1 37  ? 31.774  7.854   8.771   1.00 23.52 ? 35  PRO A CA  1 
ATOM   167  C C   . PRO A 1 37  ? 31.030  6.519   8.791   1.00 22.56 ? 35  PRO A C   1 
ATOM   168  O O   . PRO A 1 37  ? 30.015  6.378   9.472   1.00 20.55 ? 35  PRO A O   1 
ATOM   169  C CB  . PRO A 1 37  ? 32.665  8.042   9.994   1.00 25.10 ? 35  PRO A CB  1 
ATOM   170  C CG  . PRO A 1 37  ? 32.654  9.537   10.179  1.00 25.96 ? 35  PRO A CG  1 
ATOM   171  C CD  . PRO A 1 37  ? 31.186  9.870   9.983   1.00 23.70 ? 35  PRO A CD  1 
ATOM   172  N N   . ILE A 1 38  ? 31.540  5.539   8.050   1.00 23.82 ? 36  ILE A N   1 
ATOM   173  C CA  . ILE A 1 38  ? 30.892  4.235   7.960   1.00 25.12 ? 36  ILE A CA  1 
ATOM   174  C C   . ILE A 1 38  ? 30.496  3.578   9.275   1.00 24.94 ? 36  ILE A C   1 
ATOM   175  O O   . ILE A 1 38  ? 29.425  2.980   9.363   1.00 23.61 ? 36  ILE A O   1 
ATOM   176  C CB  . ILE A 1 38  ? 31.762  3.218   7.187   1.00 27.66 ? 36  ILE A CB  1 
ATOM   177  C CG1 . ILE A 1 38  ? 33.013  2.871   7.998   1.00 29.72 ? 36  ILE A CG1 1 
ATOM   178  C CG2 . ILE A 1 38  ? 32.132  3.787   5.831   1.00 29.48 ? 36  ILE A CG2 1 
ATOM   179  C CD1 . ILE A 1 38  ? 33.795  1.695   7.444   1.00 33.58 ? 36  ILE A CD1 1 
ATOM   180  N N   . HIS A 1 39  ? 31.344  3.684   10.295  1.00 25.83 ? 37  HIS A N   1 
ATOM   181  C CA  . HIS A 1 39  ? 31.048  3.045   11.574  1.00 26.45 ? 37  HIS A CA  1 
ATOM   182  C C   . HIS A 1 39  ? 29.843  3.630   12.303  1.00 25.69 ? 37  HIS A C   1 
ATOM   183  O O   . HIS A 1 39  ? 29.367  3.053   13.279  1.00 26.50 ? 37  HIS A O   1 
ATOM   184  C CB  . HIS A 1 39  ? 32.278  3.069   12.496  1.00 29.46 ? 37  HIS A CB  1 
ATOM   185  C CG  . HIS A 1 39  ? 32.560  4.406   13.109  1.00 29.89 ? 37  HIS A CG  1 
ATOM   186  N ND1 . HIS A 1 39  ? 33.223  5.411   12.439  1.00 30.53 ? 37  HIS A ND1 1 
ATOM   187  C CD2 . HIS A 1 39  ? 32.265  4.903   14.334  1.00 29.85 ? 37  HIS A CD2 1 
ATOM   188  C CE1 . HIS A 1 39  ? 33.323  6.469   13.222  1.00 30.04 ? 37  HIS A CE1 1 
ATOM   189  N NE2 . HIS A 1 39  ? 32.748  6.187   14.379  1.00 31.07 ? 37  HIS A NE2 1 
ATOM   190  N N   . ARG A 1 40  ? 29.343  4.770   11.838  1.00 23.38 ? 38  ARG A N   1 
ATOM   191  C CA  . ARG A 1 40  ? 28.188  5.375   12.484  1.00 22.26 ? 38  ARG A CA  1 
ATOM   192  C C   . ARG A 1 40  ? 26.890  5.142   11.714  1.00 20.94 ? 38  ARG A C   1 
ATOM   193  O O   . ARG A 1 40  ? 25.805  5.482   12.195  1.00 20.77 ? 38  ARG A O   1 
ATOM   194  C CB  . ARG A 1 40  ? 28.423  6.874   12.689  1.00 24.56 ? 38  ARG A CB  1 
ATOM   195  C CG  . ARG A 1 40  ? 29.560  7.175   13.669  1.00 25.82 ? 38  ARG A CG  1 
ATOM   196  C CD  . ARG A 1 40  ? 29.337  8.506   14.359  1.00 26.87 ? 38  ARG A CD  1 
ATOM   197  N NE  . ARG A 1 40  ? 27.987  8.559   14.909  1.00 28.96 ? 38  ARG A NE  1 
ATOM   198  C CZ  . ARG A 1 40  ? 27.049  9.415   14.512  1.00 31.37 ? 38  ARG A CZ  1 
ATOM   199  N NH1 . ARG A 1 40  ? 27.316  10.306  13.565  1.00 27.78 ? 38  ARG A NH1 1 
ATOM   200  N NH2 . ARG A 1 40  ? 25.835  9.354   15.041  1.00 31.55 ? 38  ARG A NH2 1 
ATOM   201  N N   . ARG A 1 41  ? 26.996  4.550   10.528  1.00 17.84 ? 39  ARG A N   1 
ATOM   202  C CA  . ARG A 1 41  ? 25.812  4.289   9.714   1.00 19.44 ? 39  ARG A CA  1 
ATOM   203  C C   . ARG A 1 41  ? 25.138  3.001   10.164  1.00 20.81 ? 39  ARG A C   1 
ATOM   204  O O   . ARG A 1 41  ? 25.795  1.987   10.366  1.00 25.85 ? 39  ARG A O   1 
ATOM   205  C CB  . ARG A 1 41  ? 26.200  4.167   8.243   1.00 19.69 ? 39  ARG A CB  1 
ATOM   206  C CG  . ARG A 1 41  ? 27.000  5.340   7.735   1.00 16.87 ? 39  ARG A CG  1 
ATOM   207  C CD  . ARG A 1 41  ? 27.340  5.189   6.263   1.00 19.28 ? 39  ARG A CD  1 
ATOM   208  N NE  . ARG A 1 41  ? 28.383  6.129   5.874   1.00 21.25 ? 39  ARG A NE  1 
ATOM   209  C CZ  . ARG A 1 41  ? 28.946  6.167   4.671   1.00 21.78 ? 39  ARG A CZ  1 
ATOM   210  N NH1 . ARG A 1 41  ? 28.559  5.318   3.726   1.00 20.25 ? 39  ARG A NH1 1 
ATOM   211  N NH2 . ARG A 1 41  ? 29.915  7.040   4.421   1.00 21.83 ? 39  ARG A NH2 1 
ATOM   212  N N   . GLU A 1 42  ? 23.824  3.033   10.324  1.00 19.59 ? 40  GLU A N   1 
ATOM   213  C CA  . GLU A 1 42  ? 23.141  1.826   10.746  1.00 19.58 ? 40  GLU A CA  1 
ATOM   214  C C   . GLU A 1 42  ? 22.328  1.204   9.622   1.00 17.49 ? 40  GLU A C   1 
ATOM   215  O O   . GLU A 1 42  ? 22.008  1.857   8.626   1.00 16.46 ? 40  GLU A O   1 
ATOM   216  C CB  . GLU A 1 42  ? 22.259  2.120   11.965  1.00 22.24 ? 40  GLU A CB  1 
ATOM   217  C CG  . GLU A 1 42  ? 21.068  3.023   11.734  1.00 25.38 ? 40  GLU A CG  1 
ATOM   218  C CD  . GLU A 1 42  ? 20.560  3.631   13.044  1.00 27.86 ? 40  GLU A CD  1 
ATOM   219  O OE1 . GLU A 1 42  ? 20.498  2.911   14.070  1.00 26.19 ? 40  GLU A OE1 1 
ATOM   220  O OE2 . GLU A 1 42  ? 20.217  4.828   13.044  1.00 29.28 ? 40  GLU A OE2 1 
ATOM   221  N N   . PRO A 1 43  ? 22.021  -0.086  9.747   1.00 15.15 ? 41  PRO A N   1 
ATOM   222  C CA  . PRO A 1 43  ? 21.234  -0.746  8.707   1.00 15.59 ? 41  PRO A CA  1 
ATOM   223  C C   . PRO A 1 43  ? 19.818  -0.186  8.727   1.00 14.73 ? 41  PRO A C   1 
ATOM   224  O O   . PRO A 1 43  ? 19.207  -0.055  9.788   1.00 14.40 ? 41  PRO A O   1 
ATOM   225  C CB  . PRO A 1 43  ? 21.312  -2.226  9.092   1.00 14.85 ? 41  PRO A CB  1 
ATOM   226  C CG  . PRO A 1 43  ? 21.593  -2.201  10.577  1.00 17.02 ? 41  PRO A CG  1 
ATOM   227  C CD  . PRO A 1 43  ? 22.537  -1.052  10.735  1.00 17.68 ? 41  PRO A CD  1 
ATOM   228  N N   . LEU A 1 44  ? 19.306  0.160   7.554   1.00 13.15 ? 42  LEU A N   1 
ATOM   229  C CA  . LEU A 1 44  ? 17.975  0.735   7.449   1.00 13.21 ? 42  LEU A CA  1 
ATOM   230  C C   . LEU A 1 44  ? 17.085  0.000   6.460   1.00 13.75 ? 42  LEU A C   1 
ATOM   231  O O   . LEU A 1 44  ? 17.571  -0.655  5.542   1.00 14.60 ? 42  LEU A O   1 
ATOM   232  C CB  . LEU A 1 44  ? 18.067  2.192   6.972   1.00 14.03 ? 42  LEU A CB  1 
ATOM   233  C CG  . LEU A 1 44  ? 18.865  3.229   7.765   1.00 15.14 ? 42  LEU A CG  1 
ATOM   234  C CD1 . LEU A 1 44  ? 18.899  4.553   6.979   1.00 16.47 ? 42  LEU A CD1 1 
ATOM   235  C CD2 . LEU A 1 44  ? 18.222  3.423   9.142   1.00 14.27 ? 42  LEU A CD2 1 
ATOM   236  N N   . ALA A 1 45  ? 15.777  0.111   6.664   1.00 12.57 ? 43  ALA A N   1 
ATOM   237  C CA  . ALA A 1 45  ? 14.811  -0.454  5.736   1.00 14.62 ? 43  ALA A CA  1 
ATOM   238  C C   . ALA A 1 45  ? 13.686  0.556   5.520   1.00 14.71 ? 43  ALA A C   1 
ATOM   239  O O   . ALA A 1 45  ? 13.339  1.320   6.424   1.00 11.90 ? 43  ALA A O   1 
ATOM   240  C CB  . ALA A 1 45  ? 14.236  -1.762  6.273   1.00 12.01 ? 43  ALA A CB  1 
ATOM   241  N N   . GLN A 1 46  ? 13.143  0.594   4.309   1.00 12.71 ? 44  GLN A N   1 
ATOM   242  C CA  . GLN A 1 46  ? 12.004  1.456   4.069   1.00 11.75 ? 44  GLN A CA  1 
ATOM   243  C C   . GLN A 1 46  ? 10.848  0.473   3.994   1.00 12.81 ? 44  GLN A C   1 
ATOM   244  O O   . GLN A 1 46  ? 10.925  -0.541  3.294   1.00 14.37 ? 44  GLN A O   1 
ATOM   245  C CB  . GLN A 1 46  ? 12.168  2.255   2.777   1.00 12.15 ? 44  GLN A CB  1 
ATOM   246  C CG  . GLN A 1 46  ? 13.328  3.231   2.843   1.00 12.98 ? 44  GLN A CG  1 
ATOM   247  C CD  . GLN A 1 46  ? 13.334  4.217   1.696   1.00 14.38 ? 44  GLN A CD  1 
ATOM   248  O OE1 . GLN A 1 46  ? 12.940  3.884   0.578   1.00 15.37 ? 44  GLN A OE1 1 
ATOM   249  N NE2 . GLN A 1 46  ? 13.795  5.434   1.962   1.00 16.28 ? 44  GLN A NE2 1 
ATOM   250  N N   . VAL A 1 47  ? 9.790   0.752   4.743   1.00 13.98 ? 45  VAL A N   1 
ATOM   251  C CA  . VAL A 1 47  ? 8.652   -0.146  4.787   1.00 13.98 ? 45  VAL A CA  1 
ATOM   252  C C   . VAL A 1 47  ? 7.328   0.561   4.553   1.00 16.02 ? 45  VAL A C   1 
ATOM   253  O O   . VAL A 1 47  ? 7.238   1.787   4.633   1.00 14.93 ? 45  VAL A O   1 
ATOM   254  C CB  . VAL A 1 47  ? 8.597   -0.879  6.151   1.00 14.38 ? 45  VAL A CB  1 
ATOM   255  C CG1 . VAL A 1 47  ? 9.913   -1.591  6.410   1.00 16.70 ? 45  VAL A CG1 1 
ATOM   256  C CG2 . VAL A 1 47  ? 8.307   0.121   7.284   1.00 13.30 ? 45  VAL A CG2 1 
ATOM   257  N N   . VAL A 1 48  ? 6.302   -0.224  4.246   1.00 14.88 ? 46  VAL A N   1 
ATOM   258  C CA  . VAL A 1 48  ? 4.971   0.322   4.034   1.00 14.67 ? 46  VAL A CA  1 
ATOM   259  C C   . VAL A 1 48  ? 4.019   -0.397  4.991   1.00 16.47 ? 46  VAL A C   1 
ATOM   260  O O   . VAL A 1 48  ? 3.989   -1.629  5.035   1.00 14.70 ? 46  VAL A O   1 
ATOM   261  C CB  . VAL A 1 48  ? 4.511   0.164   2.546   1.00 15.46 ? 46  VAL A CB  1 
ATOM   262  C CG1 . VAL A 1 48  ? 4.526   -1.307  2.113   1.00 17.15 ? 46  VAL A CG1 1 
ATOM   263  C CG2 . VAL A 1 48  ? 3.122   0.755   2.370   1.00 16.05 ? 46  VAL A CG2 1 
ATOM   264  N N   . GLY A 1 49  ? 3.285   0.380   5.787   1.00 15.66 ? 47  GLY A N   1 
ATOM   265  C CA  . GLY A 1 49  ? 2.341   -0.186  6.745   1.00 18.54 ? 47  GLY A CA  1 
ATOM   266  C C   . GLY A 1 49  ? 1.211   -0.958  6.085   1.00 19.37 ? 47  GLY A C   1 
ATOM   267  O O   . GLY A 1 49  ? 0.665   -0.519  5.073   1.00 18.75 ? 47  GLY A O   1 
ATOM   268  N N   . GLU A 1 50  ? 0.837   -2.102  6.657   1.00 21.19 ? 48  GLU A N   1 
ATOM   269  C CA  . GLU A 1 50  ? -0.218  -2.918  6.057   1.00 23.54 ? 48  GLU A CA  1 
ATOM   270  C C   . GLU A 1 50  ? -1.647  -2.430  6.281   1.00 24.18 ? 48  GLU A C   1 
ATOM   271  O O   . GLU A 1 50  ? -2.561  -2.871  5.592   1.00 26.35 ? 48  GLU A O   1 
ATOM   272  C CB  . GLU A 1 50  ? -0.113  -4.381  6.520   1.00 26.21 ? 48  GLU A CB  1 
ATOM   273  C CG  . GLU A 1 50  ? -0.219  -4.601  8.018   1.00 29.41 ? 48  GLU A CG  1 
ATOM   274  C CD  . GLU A 1 50  ? -0.487  -6.064  8.383   1.00 30.92 ? 48  GLU A CD  1 
ATOM   275  O OE1 . GLU A 1 50  ? -0.026  -6.966  7.654   1.00 29.91 ? 48  GLU A OE1 1 
ATOM   276  O OE2 . GLU A 1 50  ? -1.149  -6.310  9.412   1.00 30.56 ? 48  GLU A OE2 1 
ATOM   277  N N   . ARG A 1 51  ? -1.843  -1.515  7.220   1.00 26.03 ? 49  ARG A N   1 
ATOM   278  C CA  . ARG A 1 51  ? -3.188  -1.023  7.497   1.00 27.85 ? 49  ARG A CA  1 
ATOM   279  C C   . ARG A 1 51  ? -3.554  0.239   6.716   1.00 27.06 ? 49  ARG A C   1 
ATOM   280  O O   . ARG A 1 51  ? -4.569  0.276   6.009   1.00 26.37 ? 49  ARG A O   1 
ATOM   281  C CB  . ARG A 1 51  ? -3.344  -0.757  8.998   1.00 31.20 ? 49  ARG A CB  1 
ATOM   282  C CG  . ARG A 1 51  ? -4.720  -0.253  9.406   1.00 35.62 ? 49  ARG A CG  1 
ATOM   283  C CD  . ARG A 1 51  ? -4.776  0.026   10.901  1.00 40.55 ? 49  ARG A CD  1 
ATOM   284  N NE  . ARG A 1 51  ? -4.552  -1.183  11.688  1.00 45.31 ? 49  ARG A NE  1 
ATOM   285  C CZ  . ARG A 1 51  ? -5.395  -2.209  11.743  1.00 47.27 ? 49  ARG A CZ  1 
ATOM   286  N NH1 . ARG A 1 51  ? -6.530  -2.179  11.055  1.00 48.80 ? 49  ARG A NH1 1 
ATOM   287  N NH2 . ARG A 1 51  ? -5.103  -3.269  12.484  1.00 49.03 ? 49  ARG A NH2 1 
ATOM   288  N N   . ASN A 1 52  ? -2.720  1.267   6.840   1.00 24.98 ? 50  ASN A N   1 
ATOM   289  C CA  . ASN A 1 52  ? -2.971  2.544   6.173   1.00 25.45 ? 50  ASN A CA  1 
ATOM   290  C C   . ASN A 1 52  ? -1.923  2.908   5.127   1.00 23.06 ? 50  ASN A C   1 
ATOM   291  O O   . ASN A 1 52  ? -1.931  4.019   4.595   1.00 22.85 ? 50  ASN A O   1 
ATOM   292  C CB  . ASN A 1 52  ? -3.056  3.647   7.227   1.00 29.22 ? 50  ASN A CB  1 
ATOM   293  C CG  . ASN A 1 52  ? -4.108  3.354   8.287   1.00 33.51 ? 50  ASN A CG  1 
ATOM   294  O OD1 . ASN A 1 52  ? -3.952  3.719   9.450   1.00 37.36 ? 50  ASN A OD1 1 
ATOM   295  N ND2 . ASN A 1 52  ? -5.188  2.696   7.883   1.00 35.66 ? 50  ASN A ND2 1 
ATOM   296  N N   . PHE A 1 53  ? -1.021  1.971   4.843   1.00 21.38 ? 51  PHE A N   1 
ATOM   297  C CA  . PHE A 1 53  ? 0.030   2.171   3.850   1.00 19.75 ? 51  PHE A CA  1 
ATOM   298  C C   . PHE A 1 53  ? 0.954   3.343   4.150   1.00 20.15 ? 51  PHE A C   1 
ATOM   299  O O   . PHE A 1 53  ? 1.394   4.066   3.251   1.00 18.92 ? 51  PHE A O   1 
ATOM   300  C CB  . PHE A 1 53  ? -0.609  2.309   2.471   1.00 19.93 ? 51  PHE A CB  1 
ATOM   301  C CG  . PHE A 1 53  ? -1.464  1.134   2.110   1.00 21.45 ? 51  PHE A CG  1 
ATOM   302  C CD1 . PHE A 1 53  ? -0.888  -0.045  1.640   1.00 22.43 ? 51  PHE A CD1 1 
ATOM   303  C CD2 . PHE A 1 53  ? -2.838  1.171   2.328   1.00 21.24 ? 51  PHE A CD2 1 
ATOM   304  C CE1 . PHE A 1 53  ? -1.672  -1.174  1.398   1.00 23.53 ? 51  PHE A CE1 1 
ATOM   305  C CE2 . PHE A 1 53  ? -3.631  0.047   2.090   1.00 23.73 ? 51  PHE A CE2 1 
ATOM   306  C CZ  . PHE A 1 53  ? -3.045  -1.128  1.625   1.00 23.94 ? 51  PHE A CZ  1 
ATOM   307  N N   . THR A 1 54  ? 1.262   3.502   5.432   1.00 19.30 ? 52  THR A N   1 
ATOM   308  C CA  . THR A 1 54  ? 2.155   4.556   5.891   1.00 19.84 ? 52  THR A CA  1 
ATOM   309  C C   . THR A 1 54  ? 3.576   4.187   5.469   1.00 17.57 ? 52  THR A C   1 
ATOM   310  O O   . THR A 1 54  ? 3.987   3.041   5.632   1.00 17.70 ? 52  THR A O   1 
ATOM   311  C CB  . THR A 1 54  ? 2.115   4.666   7.424   1.00 21.84 ? 52  THR A CB  1 
ATOM   312  O OG1 . THR A 1 54  ? 0.755   4.827   7.847   1.00 24.39 ? 52  THR A OG1 1 
ATOM   313  C CG2 . THR A 1 54  ? 2.943   5.856   7.901   1.00 19.92 ? 52  THR A CG2 1 
ATOM   314  N N   . LEU A 1 55  ? 4.312   5.144   4.914   1.00 13.96 ? 53  LEU A N   1 
ATOM   315  C CA  . LEU A 1 55  ? 5.692   4.887   4.505   1.00 13.94 ? 53  LEU A CA  1 
ATOM   316  C C   . LEU A 1 55  ? 6.607   5.262   5.661   1.00 14.09 ? 53  LEU A C   1 
ATOM   317  O O   . LEU A 1 55  ? 6.546   6.385   6.178   1.00 13.38 ? 53  LEU A O   1 
ATOM   318  C CB  . LEU A 1 55  ? 6.072   5.718   3.278   1.00 12.55 ? 53  LEU A CB  1 
ATOM   319  C CG  . LEU A 1 55  ? 5.232   5.517   2.014   1.00 15.11 ? 53  LEU A CG  1 
ATOM   320  C CD1 . LEU A 1 55  ? 5.805   6.400   0.902   1.00 15.30 ? 53  LEU A CD1 1 
ATOM   321  C CD2 . LEU A 1 55  ? 5.254   4.060   1.585   1.00 17.19 ? 53  LEU A CD2 1 
ATOM   322  N N   . LEU A 1 56  ? 7.465   4.327   6.054   1.00 13.72 ? 54  LEU A N   1 
ATOM   323  C CA  . LEU A 1 56  ? 8.370   4.553   7.170   1.00 13.06 ? 54  LEU A CA  1 
ATOM   324  C C   . LEU A 1 56  ? 9.793   4.104   6.892   1.00 11.77 ? 54  LEU A C   1 
ATOM   325  O O   . LEU A 1 56  ? 10.033  3.176   6.118   1.00 13.45 ? 54  LEU A O   1 
ATOM   326  C CB  . LEU A 1 56  ? 7.871   3.782   8.411   1.00 14.09 ? 54  LEU A CB  1 
ATOM   327  C CG  . LEU A 1 56  ? 6.472   4.079   8.963   1.00 14.06 ? 54  LEU A CG  1 
ATOM   328  C CD1 . LEU A 1 56  ? 6.055   3.012   9.977   1.00 14.32 ? 54  LEU A CD1 1 
ATOM   329  C CD2 . LEU A 1 56  ? 6.472   5.445   9.606   1.00 12.55 ? 54  LEU A CD2 1 
ATOM   330  N N   . GLU A 1 57  ? 10.739  4.779   7.533   1.00 12.26 ? 55  GLU A N   1 
ATOM   331  C CA  . GLU A 1 57  ? 12.130  4.386   7.435   1.00 12.16 ? 55  GLU A CA  1 
ATOM   332  C C   . GLU A 1 57  ? 12.425  3.910   8.858   1.00 13.37 ? 55  GLU A C   1 
ATOM   333  O O   . GLU A 1 57  ? 12.104  4.603   9.828   1.00 12.47 ? 55  GLU A O   1 
ATOM   334  C CB  . GLU A 1 57  ? 13.012  5.575   7.067   1.00 14.59 ? 55  GLU A CB  1 
ATOM   335  C CG  . GLU A 1 57  ? 14.468  5.208   6.902   1.00 19.52 ? 55  GLU A CG  1 
ATOM   336  C CD  . GLU A 1 57  ? 15.207  6.167   5.982   1.00 22.37 ? 55  GLU A CD  1 
ATOM   337  O OE1 . GLU A 1 57  ? 14.920  6.182   4.762   1.00 23.58 ? 55  GLU A OE1 1 
ATOM   338  O OE2 . GLU A 1 57  ? 16.066  6.907   6.484   1.00 19.94 ? 55  GLU A OE2 1 
ATOM   339  N N   . VAL A 1 58  ? 12.994  2.717   8.977   1.00 10.36 ? 56  VAL A N   1 
ATOM   340  C CA  . VAL A 1 58  ? 13.304  2.140   10.284  1.00 12.38 ? 56  VAL A CA  1 
ATOM   341  C C   . VAL A 1 58  ? 14.710  1.570   10.309  1.00 11.16 ? 56  VAL A C   1 
ATOM   342  O O   . VAL A 1 58  ? 15.249  1.189   9.275   1.00 11.72 ? 56  VAL A O   1 
ATOM   343  C CB  . VAL A 1 58  ? 12.342  0.974   10.608  1.00 11.38 ? 56  VAL A CB  1 
ATOM   344  C CG1 . VAL A 1 58  ? 10.902  1.422   10.455  1.00 11.88 ? 56  VAL A CG1 1 
ATOM   345  C CG2 . VAL A 1 58  ? 12.619  -0.199  9.670   1.00 14.01 ? 56  VAL A CG2 1 
ATOM   346  N N   . SER A 1 59  ? 15.311  1.505   11.495  1.00 12.20 ? 57  SER A N   1 
ATOM   347  C CA  . SER A 1 59  ? 16.622  0.890   11.605  1.00 12.86 ? 57  SER A CA  1 
ATOM   348  C C   . SER A 1 59  ? 16.350  -0.604  11.838  1.00 12.96 ? 57  SER A C   1 
ATOM   349  O O   . SER A 1 59  ? 15.285  -0.986  12.335  1.00 11.51 ? 57  SER A O   1 
ATOM   350  C CB  . SER A 1 59  ? 17.424  1.489   12.765  1.00 14.38 ? 57  SER A CB  1 
ATOM   351  O OG  . SER A 1 59  ? 16.645  1.571   13.943  1.00 15.01 ? 57  SER A OG  1 
ATOM   352  N N   . ILE A 1 60  ? 17.307  -1.438  11.459  1.00 11.68 ? 58  ILE A N   1 
ATOM   353  C CA  . ILE A 1 60  ? 17.161  -2.885  11.599  1.00 12.39 ? 58  ILE A CA  1 
ATOM   354  C C   . ILE A 1 60  ? 18.179  -3.402  12.614  1.00 12.89 ? 58  ILE A C   1 
ATOM   355  O O   . ILE A 1 60  ? 19.297  -2.906  12.682  1.00 14.96 ? 58  ILE A O   1 
ATOM   356  C CB  . ILE A 1 60  ? 17.372  -3.577  10.219  1.00 11.79 ? 58  ILE A CB  1 
ATOM   357  C CG1 . ILE A 1 60  ? 16.289  -3.114  9.231   1.00 10.97 ? 58  ILE A CG1 1 
ATOM   358  C CG2 . ILE A 1 60  ? 17.341  -5.096  10.365  1.00 10.06 ? 58  ILE A CG2 1 
ATOM   359  C CD1 . ILE A 1 60  ? 14.863  -3.426  9.655   1.00 10.52 ? 58  ILE A CD1 1 
ATOM   360  N N   . ARG A 1 61  ? 17.778  -4.387  13.416  1.00 12.67 ? 59  ARG A N   1 
ATOM   361  C CA  . ARG A 1 61  ? 18.657  -4.962  14.427  1.00 14.73 ? 59  ARG A CA  1 
ATOM   362  C C   . ARG A 1 61  ? 19.840  -5.719  13.831  1.00 16.74 ? 59  ARG A C   1 
ATOM   363  O O   . ARG A 1 61  ? 19.785  -6.198  12.700  1.00 16.35 ? 59  ARG A O   1 
ATOM   364  C CB  . ARG A 1 61  ? 17.858  -5.905  15.328  1.00 15.67 ? 59  ARG A CB  1 
ATOM   365  C CG  . ARG A 1 61  ? 16.745  -5.213  16.100  1.00 17.20 ? 59  ARG A CG  1 
ATOM   366  C CD  . ARG A 1 61  ? 15.934  -6.230  16.896  1.00 21.10 ? 59  ARG A CD  1 
ATOM   367  N NE  . ARG A 1 61  ? 16.760  -6.839  17.929  1.00 25.95 ? 59  ARG A NE  1 
ATOM   368  C CZ  . ARG A 1 61  ? 17.061  -6.260  19.088  1.00 26.39 ? 59  ARG A CZ  1 
ATOM   369  N NH1 . ARG A 1 61  ? 16.594  -5.053  19.380  1.00 26.15 ? 59  ARG A NH1 1 
ATOM   370  N NH2 . ARG A 1 61  ? 17.854  -6.884  19.946  1.00 29.14 ? 59  ARG A NH2 1 
ATOM   371  N N   . LYS A 1 62  ? 20.907  -5.831  14.609  1.00 18.07 ? 60  LYS A N   1 
ATOM   372  C CA  . LYS A 1 62  ? 22.102  -6.538  14.161  1.00 20.19 ? 60  LYS A CA  1 
ATOM   373  C C   . LYS A 1 62  ? 21.803  -7.992  13.797  1.00 19.06 ? 60  LYS A C   1 
ATOM   374  O O   . LYS A 1 62  ? 20.939  -8.628  14.395  1.00 17.01 ? 60  LYS A O   1 
ATOM   375  C CB  . LYS A 1 62  ? 23.176  -6.504  15.252  1.00 23.37 ? 60  LYS A CB  1 
ATOM   376  C CG  . LYS A 1 62  ? 23.606  -5.112  15.652  1.00 26.82 ? 60  LYS A CG  1 
ATOM   377  C CD  . LYS A 1 62  ? 24.748  -5.151  16.656  1.00 31.74 ? 60  LYS A CD  1 
ATOM   378  C CE  . LYS A 1 62  ? 25.182  -3.742  17.030  1.00 33.17 ? 60  LYS A CE  1 
ATOM   379  N NZ  . LYS A 1 62  ? 25.589  -2.978  15.813  1.00 34.60 ? 60  LYS A NZ  1 
ATOM   380  N N   . GLY A 1 63  ? 22.512  -8.496  12.791  1.00 18.16 ? 61  GLY A N   1 
ATOM   381  C CA  . GLY A 1 63  ? 22.352  -9.879  12.379  1.00 20.56 ? 61  GLY A CA  1 
ATOM   382  C C   . GLY A 1 63  ? 21.121  -10.204 11.567  1.00 21.74 ? 61  GLY A C   1 
ATOM   383  O O   . GLY A 1 63  ? 20.861  -11.372 11.281  1.00 26.01 ? 61  GLY A O   1 
ATOM   384  N N   . LYS A 1 64  ? 20.349  -9.190  11.196  1.00 16.89 ? 62  LYS A N   1 
ATOM   385  C CA  . LYS A 1 64  ? 19.153  -9.438  10.408  1.00 17.59 ? 62  LYS A CA  1 
ATOM   386  C C   . LYS A 1 64  ? 19.394  -8.998  8.978   1.00 17.67 ? 62  LYS A C   1 
ATOM   387  O O   . LYS A 1 64  ? 20.102  -8.030  8.734   1.00 16.99 ? 62  LYS A O   1 
ATOM   388  C CB  . LYS A 1 64  ? 17.952  -8.680  10.987  1.00 19.11 ? 62  LYS A CB  1 
ATOM   389  C CG  . LYS A 1 64  ? 17.619  -9.036  12.436  1.00 22.17 ? 62  LYS A CG  1 
ATOM   390  C CD  . LYS A 1 64  ? 17.356  -10.527 12.603  1.00 27.20 ? 62  LYS A CD  1 
ATOM   391  C CE  . LYS A 1 64  ? 17.068  -10.868 14.063  1.00 30.11 ? 62  LYS A CE  1 
ATOM   392  N NZ  . LYS A 1 64  ? 16.887  -12.331 14.262  1.00 32.21 ? 62  LYS A NZ  1 
ATOM   393  N N   . GLN A 1 65  ? 18.806  -9.725  8.038   1.00 19.74 ? 63  GLN A N   1 
ATOM   394  C CA  . GLN A 1 65  ? 18.931  -9.415  6.623   1.00 21.88 ? 63  GLN A CA  1 
ATOM   395  C C   . GLN A 1 65  ? 17.539  -9.516  6.006   1.00 22.68 ? 63  GLN A C   1 
ATOM   396  O O   . GLN A 1 65  ? 17.219  -10.478 5.308   1.00 23.07 ? 63  GLN A O   1 
ATOM   397  C CB  . GLN A 1 65  ? 19.896  -10.400 5.965   1.00 24.88 ? 63  GLN A CB  1 
ATOM   398  C CG  . GLN A 1 65  ? 21.317  -10.277 6.496   1.00 28.18 ? 63  GLN A CG  1 
ATOM   399  C CD  . GLN A 1 65  ? 22.056  -11.594 6.484   1.00 33.01 ? 63  GLN A CD  1 
ATOM   400  O OE1 . GLN A 1 65  ? 21.673  -12.538 7.178   1.00 33.67 ? 63  GLN A OE1 1 
ATOM   401  N NE2 . GLN A 1 65  ? 23.120  -11.668 5.694   1.00 35.01 ? 63  GLN A NE2 1 
ATOM   402  N N   . PRO A 1 66  ? 16.687  -8.514  6.273   1.00 21.80 ? 64  PRO A N   1 
ATOM   403  C CA  . PRO A 1 66  ? 15.313  -8.456  5.766   1.00 19.95 ? 64  PRO A CA  1 
ATOM   404  C C   . PRO A 1 66  ? 15.236  -8.534  4.259   1.00 20.74 ? 64  PRO A C   1 
ATOM   405  O O   . PRO A 1 66  ? 16.082  -7.981  3.556   1.00 21.30 ? 64  PRO A O   1 
ATOM   406  C CB  . PRO A 1 66  ? 14.806  -7.111  6.281   1.00 21.50 ? 64  PRO A CB  1 
ATOM   407  C CG  . PRO A 1 66  ? 15.645  -6.875  7.502   1.00 19.54 ? 64  PRO A CG  1 
ATOM   408  C CD  . PRO A 1 66  ? 16.999  -7.306  7.054   1.00 20.79 ? 64  PRO A CD  1 
ATOM   409  N N   . LEU A 1 67  ? 14.200  -9.214  3.777   1.00 19.95 ? 65  LEU A N   1 
ATOM   410  C CA  . LEU A 1 67  ? 13.970  -9.387  2.349   1.00 20.67 ? 65  LEU A CA  1 
ATOM   411  C C   . LEU A 1 67  ? 12.780  -8.549  1.906   1.00 18.90 ? 65  LEU A C   1 
ATOM   412  O O   . LEU A 1 67  ? 11.882  -8.285  2.695   1.00 18.03 ? 65  LEU A O   1 
ATOM   413  C CB  . LEU A 1 67  ? 13.656  -10.856 2.053   1.00 20.79 ? 65  LEU A CB  1 
ATOM   414  C CG  . LEU A 1 67  ? 14.693  -11.865 2.544   1.00 23.66 ? 65  LEU A CG  1 
ATOM   415  C CD1 . LEU A 1 67  ? 14.124  -13.281 2.501   1.00 25.80 ? 65  LEU A CD1 1 
ATOM   416  C CD2 . LEU A 1 67  ? 15.939  -11.741 1.681   1.00 25.72 ? 65  LEU A CD2 1 
ATOM   417  N N   . VAL A 1 68  ? 12.778  -8.132  0.644   1.00 20.31 ? 66  VAL A N   1 
ATOM   418  C CA  . VAL A 1 68  ? 11.645  -7.381  0.115   1.00 21.63 ? 66  VAL A CA  1 
ATOM   419  C C   . VAL A 1 68  ? 10.423  -8.293  0.302   1.00 23.00 ? 66  VAL A C   1 
ATOM   420  O O   . VAL A 1 68  ? 10.524  -9.508  0.106   1.00 21.44 ? 66  VAL A O   1 
ATOM   421  C CB  . VAL A 1 68  ? 11.833  -7.076  -1.389  1.00 23.40 ? 66  VAL A CB  1 
ATOM   422  C CG1 . VAL A 1 68  ? 10.570  -6.443  -1.959  1.00 23.42 ? 66  VAL A CG1 1 
ATOM   423  C CG2 . VAL A 1 68  ? 13.026  -6.149  -1.586  1.00 25.85 ? 66  VAL A CG2 1 
ATOM   424  N N   . MET A 1 69  ? 9.292   -7.710  0.699   1.00 21.55 ? 67  MET A N   1 
ATOM   425  C CA  . MET A 1 69  ? 8.042   -8.441  0.932   1.00 23.36 ? 67  MET A CA  1 
ATOM   426  C C   . MET A 1 69  ? 7.929   -9.050  2.333   1.00 22.20 ? 67  MET A C   1 
ATOM   427  O O   . MET A 1 69  ? 6.881   -9.590  2.694   1.00 21.98 ? 67  MET A O   1 
ATOM   428  C CB  . MET A 1 69  ? 7.836   -9.539  -0.124  1.00 27.86 ? 67  MET A CB  1 
ATOM   429  C CG  . MET A 1 69  ? 7.624   -9.021  -1.541  1.00 30.39 ? 67  MET A CG  1 
ATOM   430  S SD  . MET A 1 69  ? 5.895   -8.626  -1.958  1.00 33.49 ? 67  MET A SD  1 
ATOM   431  C CE  . MET A 1 69  ? 5.374   -10.180 -2.675  1.00 36.29 ? 67  MET A CE  1 
ATOM   432  N N   . ASP A 1 70  ? 9.000   -8.978  3.121   1.00 21.95 ? 68  ASP A N   1 
ATOM   433  C CA  . ASP A 1 70  ? 8.947   -9.498  4.488   1.00 20.23 ? 68  ASP A CA  1 
ATOM   434  C C   . ASP A 1 70  ? 7.979   -8.642  5.300   1.00 21.17 ? 68  ASP A C   1 
ATOM   435  O O   . ASP A 1 70  ? 7.904   -7.418  5.119   1.00 20.19 ? 68  ASP A O   1 
ATOM   436  C CB  . ASP A 1 70  ? 10.320  -9.428  5.168   1.00 20.46 ? 68  ASP A CB  1 
ATOM   437  C CG  . ASP A 1 70  ? 11.146  -10.681 4.974   1.00 23.18 ? 68  ASP A CG  1 
ATOM   438  O OD1 . ASP A 1 70  ? 10.692  -11.610 4.275   1.00 24.05 ? 68  ASP A OD1 1 
ATOM   439  O OD2 . ASP A 1 70  ? 12.262  -10.727 5.525   1.00 23.74 ? 68  ASP A OD2 1 
ATOM   440  N N   . ARG A 1 71  ? 7.248   -9.286  6.201   1.00 20.30 ? 69  ARG A N   1 
ATOM   441  C CA  . ARG A 1 71  ? 6.312   -8.591  7.068   1.00 22.01 ? 69  ARG A CA  1 
ATOM   442  C C   . ARG A 1 71  ? 7.028   -8.436  8.405   1.00 21.08 ? 69  ARG A C   1 
ATOM   443  O O   . ARG A 1 71  ? 7.469   -9.422  8.999   1.00 22.93 ? 69  ARG A O   1 
ATOM   444  C CB  . ARG A 1 71  ? 5.033   -9.416  7.236   1.00 23.40 ? 69  ARG A CB  1 
ATOM   445  C CG  . ARG A 1 71  ? 3.989   -8.782  8.134   1.00 25.66 ? 69  ARG A CG  1 
ATOM   446  C CD  . ARG A 1 71  ? 2.726   -9.631  8.181   1.00 26.74 ? 69  ARG A CD  1 
ATOM   447  N NE  . ARG A 1 71  ? 1.650   -8.984  8.926   1.00 26.75 ? 69  ARG A NE  1 
ATOM   448  C CZ  . ARG A 1 71  ? 1.152   -9.432  10.074  1.00 27.47 ? 69  ARG A CZ  1 
ATOM   449  N NH1 . ARG A 1 71  ? 1.634   -10.538 10.628  1.00 27.79 ? 69  ARG A NH1 1 
ATOM   450  N NH2 . ARG A 1 71  ? 0.162   -8.779  10.664  1.00 28.26 ? 69  ARG A NH2 1 
ATOM   451  N N   . VAL A 1 72  ? 7.161   -7.202  8.876   1.00 18.81 ? 70  VAL A N   1 
ATOM   452  C CA  . VAL A 1 72  ? 7.853   -6.960  10.132  1.00 16.95 ? 70  VAL A CA  1 
ATOM   453  C C   . VAL A 1 72  ? 6.981   -6.259  11.154  1.00 17.26 ? 70  VAL A C   1 
ATOM   454  O O   . VAL A 1 72  ? 6.117   -5.449  10.816  1.00 17.49 ? 70  VAL A O   1 
ATOM   455  C CB  . VAL A 1 72  ? 9.137   -6.121  9.922   1.00 17.19 ? 70  VAL A CB  1 
ATOM   456  C CG1 . VAL A 1 72  ? 10.125  -6.899  9.066   1.00 16.69 ? 70  VAL A CG1 1 
ATOM   457  C CG2 . VAL A 1 72  ? 8.789   -4.779  9.263   1.00 15.67 ? 70  VAL A CG2 1 
ATOM   458  N N   . TYR A 1 73  ? 7.209   -6.593  12.416  1.00 16.81 ? 71  TYR A N   1 
ATOM   459  C CA  . TYR A 1 73  ? 6.451   -6.000  13.495  1.00 16.81 ? 71  TYR A CA  1 
ATOM   460  C C   . TYR A 1 73  ? 7.083   -4.671  13.876  1.00 16.72 ? 71  TYR A C   1 
ATOM   461  O O   . TYR A 1 73  ? 8.290   -4.592  14.112  1.00 17.95 ? 71  TYR A O   1 
ATOM   462  C CB  . TYR A 1 73  ? 6.438   -6.944  14.700  1.00 17.65 ? 71  TYR A CB  1 
ATOM   463  C CG  . TYR A 1 73  ? 5.691   -6.397  15.885  1.00 19.78 ? 71  TYR A CG  1 
ATOM   464  C CD1 . TYR A 1 73  ? 4.299   -6.298  15.873  1.00 21.69 ? 71  TYR A CD1 1 
ATOM   465  C CD2 . TYR A 1 73  ? 6.374   -5.961  17.016  1.00 20.28 ? 71  TYR A CD2 1 
ATOM   466  C CE1 . TYR A 1 73  ? 3.608   -5.772  16.961  1.00 22.71 ? 71  TYR A CE1 1 
ATOM   467  C CE2 . TYR A 1 73  ? 5.692   -5.436  18.111  1.00 24.12 ? 71  TYR A CE2 1 
ATOM   468  C CZ  . TYR A 1 73  ? 4.311   -5.346  18.073  1.00 21.78 ? 71  TYR A CZ  1 
ATOM   469  O OH  . TYR A 1 73  ? 3.639   -4.819  19.150  1.00 23.21 ? 71  TYR A OH  1 
ATOM   470  N N   . ILE A 1 74  ? 6.269   -3.620  13.906  1.00 17.10 ? 72  ILE A N   1 
ATOM   471  C CA  . ILE A 1 74  ? 6.750   -2.297  14.272  1.00 17.40 ? 72  ILE A CA  1 
ATOM   472  C C   . ILE A 1 74  ? 5.945   -1.717  15.432  1.00 18.54 ? 72  ILE A C   1 
ATOM   473  O O   . ILE A 1 74  ? 5.946   -0.505  15.655  1.00 17.55 ? 72  ILE A O   1 
ATOM   474  C CB  . ILE A 1 74  ? 6.682   -1.328  13.069  1.00 16.23 ? 72  ILE A CB  1 
ATOM   475  C CG1 . ILE A 1 74  ? 5.259   -1.285  12.505  1.00 16.92 ? 72  ILE A CG1 1 
ATOM   476  C CG2 . ILE A 1 74  ? 7.649   -1.798  11.983  1.00 19.12 ? 72  ILE A CG2 1 
ATOM   477  C CD1 . ILE A 1 74  ? 5.034   -0.174  11.467  1.00 20.54 ? 72  ILE A CD1 1 
ATOM   478  N N   . GLY A 1 75  ? 5.270   -2.596  16.170  1.00 20.20 ? 73  GLY A N   1 
ATOM   479  C CA  . GLY A 1 75  ? 4.466   -2.168  17.307  1.00 22.91 ? 73  GLY A CA  1 
ATOM   480  C C   . GLY A 1 75  ? 5.260   -1.882  18.573  1.00 23.75 ? 73  GLY A C   1 
ATOM   481  O O   . GLY A 1 75  ? 6.489   -1.883  18.560  1.00 23.15 ? 73  GLY A O   1 
ATOM   482  N N   . LYS A 1 76  ? 4.552   -1.659  19.680  1.00 25.53 ? 74  LYS A N   1 
ATOM   483  C CA  . LYS A 1 76  ? 5.178   -1.330  20.961  1.00 27.48 ? 74  LYS A CA  1 
ATOM   484  C C   . LYS A 1 76  ? 5.869   -2.469  21.713  1.00 27.35 ? 74  LYS A C   1 
ATOM   485  O O   . LYS A 1 76  ? 6.726   -2.226  22.564  1.00 28.32 ? 74  LYS A O   1 
ATOM   486  C CB  . LYS A 1 76  ? 4.141   -0.686  21.888  1.00 32.66 ? 74  LYS A CB  1 
ATOM   487  C CG  . LYS A 1 76  ? 3.428   0.510   21.278  1.00 37.54 ? 74  LYS A CG  1 
ATOM   488  C CD  . LYS A 1 76  ? 4.396   1.630   20.944  1.00 40.74 ? 74  LYS A CD  1 
ATOM   489  C CE  . LYS A 1 76  ? 3.708   2.735   20.156  1.00 44.31 ? 74  LYS A CE  1 
ATOM   490  N NZ  . LYS A 1 76  ? 2.544   3.309   20.890  1.00 46.26 ? 74  LYS A NZ  1 
ATOM   491  N N   . GLY A 1 77  ? 5.505   -3.707  21.415  1.00 26.96 ? 75  GLY A N   1 
ATOM   492  C CA  . GLY A 1 77  ? 6.136   -4.811  22.117  1.00 26.82 ? 75  GLY A CA  1 
ATOM   493  C C   . GLY A 1 77  ? 7.532   -5.114  21.608  1.00 25.33 ? 75  GLY A C   1 
ATOM   494  O O   . GLY A 1 77  ? 8.167   -4.295  20.926  1.00 24.83 ? 75  GLY A O   1 
ATOM   495  N N   . GLU A 1 78  ? 8.024   -6.297  21.958  1.00 21.06 ? 76  GLU A N   1 
ATOM   496  C CA  . GLU A 1 78  ? 9.337   -6.742  21.516  1.00 18.21 ? 76  GLU A CA  1 
ATOM   497  C C   . GLU A 1 78  ? 9.308   -6.883  19.994  1.00 15.32 ? 76  GLU A C   1 
ATOM   498  O O   . GLU A 1 78  ? 8.377   -7.467  19.444  1.00 15.71 ? 76  GLU A O   1 
ATOM   499  C CB  . GLU A 1 78  ? 9.659   -8.103  22.139  1.00 17.49 ? 76  GLU A CB  1 
ATOM   500  C CG  . GLU A 1 78  ? 11.049  -8.621  21.839  1.00 17.41 ? 76  GLU A CG  1 
ATOM   501  C CD  . GLU A 1 78  ? 11.253  -10.041 22.355  1.00 20.04 ? 76  GLU A CD  1 
ATOM   502  O OE1 . GLU A 1 78  ? 10.520  -10.439 23.286  1.00 19.88 ? 76  GLU A OE1 1 
ATOM   503  O OE2 . GLU A 1 78  ? 12.146  -10.744 21.840  1.00 17.64 ? 76  GLU A OE2 1 
ATOM   504  N N   . ARG A 1 79  ? 10.323  -6.343  19.326  1.00 17.66 ? 77  ARG A N   1 
ATOM   505  C CA  . ARG A 1 79  ? 10.431  -6.409  17.864  1.00 17.16 ? 77  ARG A CA  1 
ATOM   506  C C   . ARG A 1 79  ? 11.592  -7.323  17.510  1.00 17.01 ? 77  ARG A C   1 
ATOM   507  O O   . ARG A 1 79  ? 12.722  -7.084  17.934  1.00 18.65 ? 77  ARG A O   1 
ATOM   508  C CB  . ARG A 1 79  ? 10.702  -5.017  17.280  1.00 17.13 ? 77  ARG A CB  1 
ATOM   509  C CG  . ARG A 1 79  ? 9.589   -4.009  17.508  1.00 16.38 ? 77  ARG A CG  1 
ATOM   510  C CD  . ARG A 1 79  ? 10.041  -2.600  17.121  1.00 19.07 ? 77  ARG A CD  1 
ATOM   511  N NE  . ARG A 1 79  ? 8.998   -1.606  17.363  1.00 18.41 ? 77  ARG A NE  1 
ATOM   512  C CZ  . ARG A 1 79  ? 9.212   -0.296  17.434  1.00 19.01 ? 77  ARG A CZ  1 
ATOM   513  N NH1 . ARG A 1 79  ? 10.435  0.197   17.281  1.00 20.30 ? 77  ARG A NH1 1 
ATOM   514  N NH2 . ARG A 1 79  ? 8.200   0.526   17.688  1.00 20.76 ? 77  ARG A NH2 1 
ATOM   515  N N   . ASP A 1 80  ? 11.319  -8.350  16.717  1.00 17.40 ? 78  ASP A N   1 
ATOM   516  C CA  . ASP A 1 80  ? 12.346  -9.313  16.339  1.00 19.72 ? 78  ASP A CA  1 
ATOM   517  C C   . ASP A 1 80  ? 13.302  -8.851  15.246  1.00 18.32 ? 78  ASP A C   1 
ATOM   518  O O   . ASP A 1 80  ? 14.436  -9.327  15.180  1.00 16.79 ? 78  ASP A O   1 
ATOM   519  C CB  . ASP A 1 80  ? 11.700  -10.625 15.880  1.00 25.91 ? 78  ASP A CB  1 
ATOM   520  C CG  . ASP A 1 80  ? 10.845  -11.266 16.952  1.00 30.64 ? 78  ASP A CG  1 
ATOM   521  O OD1 . ASP A 1 80  ? 11.301  -11.353 18.110  1.00 37.34 ? 78  ASP A OD1 1 
ATOM   522  O OD2 . ASP A 1 80  ? 9.719   -11.699 16.629  1.00 36.39 ? 78  ASP A OD2 1 
ATOM   523  N N   . VAL A 1 81  ? 12.857  -7.927  14.398  1.00 16.89 ? 79  VAL A N   1 
ATOM   524  C CA  . VAL A 1 81  ? 13.695  -7.481  13.287  1.00 15.74 ? 79  VAL A CA  1 
ATOM   525  C C   . VAL A 1 81  ? 13.960  -5.977  13.262  1.00 16.08 ? 79  VAL A C   1 
ATOM   526  O O   . VAL A 1 81  ? 15.106  -5.546  13.110  1.00 15.12 ? 79  VAL A O   1 
ATOM   527  C CB  . VAL A 1 81  ? 13.065  -7.924  11.942  1.00 17.57 ? 79  VAL A CB  1 
ATOM   528  C CG1 . VAL A 1 81  ? 13.883  -7.400  10.765  1.00 13.61 ? 79  VAL A CG1 1 
ATOM   529  C CG2 . VAL A 1 81  ? 13.003  -9.448  11.889  1.00 17.29 ? 79  VAL A CG2 1 
ATOM   530  N N   . VAL A 1 82  ? 12.905  -5.185  13.408  1.00 15.89 ? 80  VAL A N   1 
ATOM   531  C CA  . VAL A 1 82  ? 13.046  -3.733  13.413  1.00 16.94 ? 80  VAL A CA  1 
ATOM   532  C C   . VAL A 1 82  ? 13.647  -3.265  14.735  1.00 17.37 ? 80  VAL A C   1 
ATOM   533  O O   . VAL A 1 82  ? 13.326  -3.801  15.800  1.00 17.00 ? 80  VAL A O   1 
ATOM   534  C CB  . VAL A 1 82  ? 11.671  -3.046  13.196  1.00 16.68 ? 80  VAL A CB  1 
ATOM   535  C CG1 . VAL A 1 82  ? 11.777  -1.537  13.443  1.00 16.10 ? 80  VAL A CG1 1 
ATOM   536  C CG2 . VAL A 1 82  ? 11.181  -3.317  11.786  1.00 18.40 ? 80  VAL A CG2 1 
ATOM   537  N N   . TYR A 1 83  ? 14.543  -2.285  14.675  1.00 15.07 ? 81  TYR A N   1 
ATOM   538  C CA  . TYR A 1 83  ? 15.119  -1.749  15.894  1.00 16.50 ? 81  TYR A CA  1 
ATOM   539  C C   . TYR A 1 83  ? 14.263  -0.547  16.271  1.00 17.00 ? 81  TYR A C   1 
ATOM   540  O O   . TYR A 1 83  ? 13.398  -0.651  17.135  1.00 15.83 ? 81  TYR A O   1 
ATOM   541  C CB  . TYR A 1 83  ? 16.588  -1.355  15.685  1.00 15.86 ? 81  TYR A CB  1 
ATOM   542  C CG  . TYR A 1 83  ? 17.268  -0.760  16.905  1.00 18.10 ? 81  TYR A CG  1 
ATOM   543  C CD1 . TYR A 1 83  ? 16.935  -1.174  18.201  1.00 21.11 ? 81  TYR A CD1 1 
ATOM   544  C CD2 . TYR A 1 83  ? 18.260  0.204   16.762  1.00 18.45 ? 81  TYR A CD2 1 
ATOM   545  C CE1 . TYR A 1 83  ? 17.579  -0.630  19.320  1.00 21.59 ? 81  TYR A CE1 1 
ATOM   546  C CE2 . TYR A 1 83  ? 18.906  0.750   17.862  1.00 20.97 ? 81  TYR A CE2 1 
ATOM   547  C CZ  . TYR A 1 83  ? 18.560  0.331   19.139  1.00 22.83 ? 81  TYR A CZ  1 
ATOM   548  O OH  . TYR A 1 83  ? 19.197  0.898   20.217  1.00 25.60 ? 81  TYR A OH  1 
ATOM   549  N N   . LYS A 1 84  ? 14.464  0.580   15.589  1.00 14.95 ? 82  LYS A N   1 
ATOM   550  C CA  . LYS A 1 84  ? 13.696  1.784   15.881  1.00 15.28 ? 82  LYS A CA  1 
ATOM   551  C C   . LYS A 1 84  ? 13.023  2.367   14.636  1.00 17.48 ? 82  LYS A C   1 
ATOM   552  O O   . LYS A 1 84  ? 13.499  2.178   13.512  1.00 15.32 ? 82  LYS A O   1 
ATOM   553  C CB  . LYS A 1 84  ? 14.624  2.848   16.476  1.00 15.36 ? 82  LYS A CB  1 
ATOM   554  C CG  . LYS A 1 84  ? 15.339  2.434   17.759  1.00 18.25 ? 82  LYS A CG  1 
ATOM   555  C CD  . LYS A 1 84  ? 14.347  2.206   18.889  1.00 26.62 ? 82  LYS A CD  1 
ATOM   556  C CE  . LYS A 1 84  ? 15.065  1.896   20.193  1.00 28.65 ? 82  LYS A CE  1 
ATOM   557  N NZ  . LYS A 1 84  ? 14.110  1.740   21.324  1.00 32.78 ? 82  LYS A NZ  1 
ATOM   558  N N   . ILE A 1 85  ? 11.906  3.057   14.843  1.00 16.39 ? 83  ILE A N   1 
ATOM   559  C CA  . ILE A 1 85  ? 11.217  3.718   13.738  1.00 17.07 ? 83  ILE A CA  1 
ATOM   560  C C   . ILE A 1 85  ? 11.885  5.091   13.666  1.00 16.71 ? 83  ILE A C   1 
ATOM   561  O O   . ILE A 1 85  ? 11.850  5.860   14.631  1.00 16.16 ? 83  ILE A O   1 
ATOM   562  C CB  . ILE A 1 85  ? 9.711   3.886   14.017  1.00 17.46 ? 83  ILE A CB  1 
ATOM   563  C CG1 . ILE A 1 85  ? 9.049   2.509   14.144  1.00 20.02 ? 83  ILE A CG1 1 
ATOM   564  C CG2 . ILE A 1 85  ? 9.049   4.674   12.878  1.00 19.01 ? 83  ILE A CG2 1 
ATOM   565  C CD1 . ILE A 1 85  ? 7.552   2.566   14.392  1.00 19.80 ? 83  ILE A CD1 1 
ATOM   566  N N   . LYS A 1 86  ? 12.500  5.401   12.527  1.00 15.93 ? 84  LYS A N   1 
ATOM   567  C CA  . LYS A 1 86  ? 13.210  6.670   12.374  1.00 14.08 ? 84  LYS A CA  1 
ATOM   568  C C   . LYS A 1 86  ? 12.323  7.859   12.007  1.00 16.15 ? 84  LYS A C   1 
ATOM   569  O O   . LYS A 1 86  ? 12.354  8.905   12.670  1.00 16.38 ? 84  LYS A O   1 
ATOM   570  C CB  . LYS A 1 86  ? 14.311  6.530   11.311  1.00 17.40 ? 84  LYS A CB  1 
ATOM   571  C CG  . LYS A 1 86  ? 15.258  5.347   11.498  1.00 19.98 ? 84  LYS A CG  1 
ATOM   572  C CD  . LYS A 1 86  ? 16.125  5.470   12.742  1.00 24.27 ? 84  LYS A CD  1 
ATOM   573  C CE  . LYS A 1 86  ? 17.244  6.482   12.561  1.00 25.07 ? 84  LYS A CE  1 
ATOM   574  N NZ  . LYS A 1 86  ? 18.162  6.481   13.739  1.00 25.69 ? 84  LYS A NZ  1 
ATOM   575  N N   . ARG A 1 87  ? 11.529  7.701   10.956  1.00 15.21 ? 85  ARG A N   1 
ATOM   576  C CA  . ARG A 1 87  ? 10.688  8.798   10.499  1.00 16.49 ? 85  ARG A CA  1 
ATOM   577  C C   . ARG A 1 87  ? 9.724   8.365   9.414   1.00 16.25 ? 85  ARG A C   1 
ATOM   578  O O   . ARG A 1 87  ? 9.967   7.395   8.692   1.00 15.66 ? 85  ARG A O   1 
ATOM   579  C CB  . ARG A 1 87  ? 11.573  9.908   9.934   1.00 19.58 ? 85  ARG A CB  1 
ATOM   580  C CG  . ARG A 1 87  ? 12.492  9.424   8.815   1.00 21.15 ? 85  ARG A CG  1 
ATOM   581  C CD  . ARG A 1 87  ? 13.526  10.476  8.386   1.00 28.15 ? 85  ARG A CD  1 
ATOM   582  N NE  . ARG A 1 87  ? 14.611  9.873   7.606   1.00 30.03 ? 85  ARG A NE  1 
ATOM   583  C CZ  . ARG A 1 87  ? 15.615  10.553  7.053   1.00 35.31 ? 85  ARG A CZ  1 
ATOM   584  N NH1 . ARG A 1 87  ? 15.689  11.874  7.182   1.00 31.18 ? 85  ARG A NH1 1 
ATOM   585  N NH2 . ARG A 1 87  ? 16.551  9.910   6.361   1.00 35.74 ? 85  ARG A NH2 1 
ATOM   586  N N   . ARG A 1 88  ? 8.622   9.094   9.311   1.00 15.06 ? 86  ARG A N   1 
ATOM   587  C CA  . ARG A 1 88  ? 7.636   8.831   8.289   1.00 14.07 ? 86  ARG A CA  1 
ATOM   588  C C   . ARG A 1 88  ? 8.191   9.453   7.006   1.00 14.22 ? 86  ARG A C   1 
ATOM   589  O O   . ARG A 1 88  ? 8.856   10.491  7.045   1.00 13.75 ? 86  ARG A O   1 
ATOM   590  C CB  . ARG A 1 88  ? 6.298   9.470   8.663   1.00 17.34 ? 86  ARG A CB  1 
ATOM   591  C CG  . ARG A 1 88  ? 5.216   9.201   7.647   1.00 19.76 ? 86  ARG A CG  1 
ATOM   592  C CD  . ARG A 1 88  ? 3.845   9.565   8.184   1.00 21.90 ? 86  ARG A CD  1 
ATOM   593  N NE  . ARG A 1 88  ? 2.826   9.365   7.162   1.00 24.02 ? 86  ARG A NE  1 
ATOM   594  C CZ  . ARG A 1 88  ? 1.520   9.442   7.379   1.00 24.81 ? 86  ARG A CZ  1 
ATOM   595  N NH1 . ARG A 1 88  ? 1.057   9.717   8.592   1.00 24.99 ? 86  ARG A NH1 1 
ATOM   596  N NH2 . ARG A 1 88  ? 0.678   9.244   6.375   1.00 25.92 ? 86  ARG A NH2 1 
ATOM   597  N N   . LEU A 1 89  ? 7.903   8.824   5.873   1.00 14.19 ? 87  LEU A N   1 
ATOM   598  C CA  . LEU A 1 89  ? 8.423   9.282   4.588   1.00 13.88 ? 87  LEU A CA  1 
ATOM   599  C C   . LEU A 1 89  ? 7.366   9.746   3.601   1.00 13.52 ? 87  LEU A C   1 
ATOM   600  O O   . LEU A 1 89  ? 6.222   9.325   3.667   1.00 14.20 ? 87  LEU A O   1 
ATOM   601  C CB  . LEU A 1 89  ? 9.199   8.143   3.922   1.00 14.08 ? 87  LEU A CB  1 
ATOM   602  C CG  . LEU A 1 89  ? 10.304  7.454   4.727   1.00 14.50 ? 87  LEU A CG  1 
ATOM   603  C CD1 . LEU A 1 89  ? 10.799  6.227   3.965   1.00 16.33 ? 87  LEU A CD1 1 
ATOM   604  C CD2 . LEU A 1 89  ? 11.438  8.429   4.982   1.00 15.09 ? 87  LEU A CD2 1 
ATOM   605  N N   . ARG A 1 90  ? 7.777   10.620  2.683   1.00 14.67 ? 88  ARG A N   1 
ATOM   606  C CA  . ARG A 1 90  ? 6.909   11.079  1.607   1.00 13.21 ? 88  ARG A CA  1 
ATOM   607  C C   . ARG A 1 90  ? 7.293   10.134  0.472   1.00 15.42 ? 88  ARG A C   1 
ATOM   608  O O   . ARG A 1 90  ? 8.316   9.451   0.543   1.00 13.19 ? 88  ARG A O   1 
ATOM   609  C CB  . ARG A 1 90  ? 7.249   12.509  1.172   1.00 14.82 ? 88  ARG A CB  1 
ATOM   610  C CG  . ARG A 1 90  ? 7.080   13.557  2.241   1.00 14.12 ? 88  ARG A CG  1 
ATOM   611  C CD  . ARG A 1 90  ? 7.775   14.858  1.823   1.00 13.00 ? 88  ARG A CD  1 
ATOM   612  N NE  . ARG A 1 90  ? 9.208   14.660  1.635   1.00 15.83 ? 88  ARG A NE  1 
ATOM   613  C CZ  . ARG A 1 90  ? 10.075  15.623  1.338   1.00 19.11 ? 88  ARG A CZ  1 
ATOM   614  N NH1 . ARG A 1 90  ? 9.657   16.875  1.189   1.00 15.98 ? 88  ARG A NH1 1 
ATOM   615  N NH2 . ARG A 1 90  ? 11.366  15.334  1.199   1.00 17.73 ? 88  ARG A NH2 1 
ATOM   616  N N   . TYR A 1 91  ? 6.491   10.091  -0.583  1.00 14.81 ? 89  TYR A N   1 
ATOM   617  C CA  . TYR A 1 91  ? 6.821   9.215   -1.696  1.00 17.64 ? 89  TYR A CA  1 
ATOM   618  C C   . TYR A 1 91  ? 8.214   9.513   -2.261  1.00 18.20 ? 89  TYR A C   1 
ATOM   619  O O   . TYR A 1 91  ? 8.952   8.597   -2.626  1.00 17.14 ? 89  TYR A O   1 
ATOM   620  C CB  . TYR A 1 91  ? 5.789   9.361   -2.810  1.00 16.77 ? 89  TYR A CB  1 
ATOM   621  C CG  . TYR A 1 91  ? 6.080   8.455   -3.979  1.00 19.91 ? 89  TYR A CG  1 
ATOM   622  C CD1 . TYR A 1 91  ? 5.736   7.105   -3.941  1.00 18.46 ? 89  TYR A CD1 1 
ATOM   623  C CD2 . TYR A 1 91  ? 6.723   8.941   -5.115  1.00 18.00 ? 89  TYR A CD2 1 
ATOM   624  C CE1 . TYR A 1 91  ? 6.022   6.259   -5.014  1.00 20.66 ? 89  TYR A CE1 1 
ATOM   625  C CE2 . TYR A 1 91  ? 7.013   8.111   -6.187  1.00 19.21 ? 89  TYR A CE2 1 
ATOM   626  C CZ  . TYR A 1 91  ? 6.662   6.775   -6.135  1.00 19.13 ? 89  TYR A CZ  1 
ATOM   627  O OH  . TYR A 1 91  ? 6.937   5.951   -7.207  1.00 20.81 ? 89  TYR A OH  1 
ATOM   628  N N   . GLU A 1 92  ? 8.576   10.791  -2.322  1.00 19.22 ? 90  GLU A N   1 
ATOM   629  C CA  . GLU A 1 92  ? 9.870   11.193  -2.878  1.00 19.15 ? 90  GLU A CA  1 
ATOM   630  C C   . GLU A 1 92  ? 11.071  10.727  -2.069  1.00 19.08 ? 90  GLU A C   1 
ATOM   631  O O   . GLU A 1 92  ? 12.179  10.638  -2.591  1.00 18.23 ? 90  GLU A O   1 
ATOM   632  C CB  . GLU A 1 92  ? 9.935   12.715  -3.030  1.00 20.02 ? 90  GLU A CB  1 
ATOM   633  C CG  . GLU A 1 92  ? 9.891   13.480  -1.711  1.00 22.58 ? 90  GLU A CG  1 
ATOM   634  C CD  . GLU A 1 92  ? 9.714   14.969  -1.907  1.00 25.51 ? 90  GLU A CD  1 
ATOM   635  O OE1 . GLU A 1 92  ? 10.725  15.707  -1.932  1.00 28.84 ? 90  GLU A OE1 1 
ATOM   636  O OE2 . GLU A 1 92  ? 8.554   15.401  -2.045  1.00 24.20 ? 90  GLU A OE2 1 
ATOM   637  N N   . ASP A 1 93  ? 10.852  10.435  -0.793  1.00 16.27 ? 91  ASP A N   1 
ATOM   638  C CA  . ASP A 1 93  ? 11.941  9.989   0.070   1.00 15.24 ? 91  ASP A CA  1 
ATOM   639  C C   . ASP A 1 93  ? 12.269  8.516   -0.106  1.00 14.03 ? 91  ASP A C   1 
ATOM   640  O O   . ASP A 1 93  ? 13.264  8.035   0.428   1.00 12.72 ? 91  ASP A O   1 
ATOM   641  C CB  . ASP A 1 93  ? 11.594  10.275  1.532   1.00 13.96 ? 91  ASP A CB  1 
ATOM   642  C CG  . ASP A 1 93  ? 11.307  11.742  1.774   1.00 15.13 ? 91  ASP A CG  1 
ATOM   643  O OD1 . ASP A 1 93  ? 12.215  12.563  1.523   1.00 16.48 ? 91  ASP A OD1 1 
ATOM   644  O OD2 . ASP A 1 93  ? 10.185  12.073  2.208   1.00 15.75 ? 91  ASP A OD2 1 
ATOM   645  N N   . LEU A 1 94  ? 11.427  7.797   -0.841  1.00 13.47 ? 92  LEU A N   1 
ATOM   646  C CA  . LEU A 1 94  ? 11.677  6.381   -1.082  1.00 15.10 ? 92  LEU A CA  1 
ATOM   647  C C   . LEU A 1 94  ? 12.855  6.225   -2.034  1.00 16.43 ? 92  LEU A C   1 
ATOM   648  O O   . LEU A 1 94  ? 13.051  7.048   -2.931  1.00 17.33 ? 92  LEU A O   1 
ATOM   649  C CB  . LEU A 1 94  ? 10.451  5.706   -1.703  1.00 13.95 ? 92  LEU A CB  1 
ATOM   650  C CG  . LEU A 1 94  ? 9.196   5.534   -0.843  1.00 14.53 ? 92  LEU A CG  1 
ATOM   651  C CD1 . LEU A 1 94  ? 8.083   4.958   -1.706  1.00 15.61 ? 92  LEU A CD1 1 
ATOM   652  C CD2 . LEU A 1 94  ? 9.500   4.605   0.341   1.00 14.80 ? 92  LEU A CD2 1 
ATOM   653  N N   . THR A 1 95  ? 13.648  5.180   -1.826  1.00 16.59 ? 93  THR A N   1 
ATOM   654  C CA  . THR A 1 95  ? 14.781  4.912   -2.705  1.00 18.93 ? 93  THR A CA  1 
ATOM   655  C C   . THR A 1 95  ? 14.197  4.462   -4.043  1.00 19.12 ? 93  THR A C   1 
ATOM   656  O O   . THR A 1 95  ? 13.011  4.156   -4.138  1.00 17.39 ? 93  THR A O   1 
ATOM   657  C CB  . THR A 1 95  ? 15.665  3.765   -2.171  1.00 18.42 ? 93  THR A CB  1 
ATOM   658  O OG1 . THR A 1 95  ? 14.887  2.563   -2.092  1.00 17.86 ? 93  THR A OG1 1 
ATOM   659  C CG2 . THR A 1 95  ? 16.231  4.107   -0.805  1.00 19.02 ? 93  THR A CG2 1 
ATOM   660  N N   . PRO A 1 96  ? 15.021  4.429   -5.101  1.00 20.46 ? 94  PRO A N   1 
ATOM   661  C CA  . PRO A 1 96  ? 14.528  3.999   -6.413  1.00 21.04 ? 94  PRO A CA  1 
ATOM   662  C C   . PRO A 1 96  ? 13.999  2.571   -6.345  1.00 20.33 ? 94  PRO A C   1 
ATOM   663  O O   . PRO A 1 96  ? 12.963  2.247   -6.926  1.00 20.05 ? 94  PRO A O   1 
ATOM   664  C CB  . PRO A 1 96  ? 15.769  4.109   -7.295  1.00 22.17 ? 94  PRO A CB  1 
ATOM   665  C CG  . PRO A 1 96  ? 16.486  5.288   -6.695  1.00 22.13 ? 94  PRO A CG  1 
ATOM   666  C CD  . PRO A 1 96  ? 16.382  4.983   -5.208  1.00 21.74 ? 94  PRO A CD  1 
ATOM   667  N N   . ALA A 1 97  ? 14.722  1.725   -5.620  1.00 20.05 ? 95  ALA A N   1 
ATOM   668  C CA  . ALA A 1 97  ? 14.338  0.330   -5.457  1.00 19.51 ? 95  ALA A CA  1 
ATOM   669  C C   . ALA A 1 97  ? 13.008  0.248   -4.716  1.00 17.40 ? 95  ALA A C   1 
ATOM   670  O O   . ALA A 1 97  ? 12.131  -0.528  -5.087  1.00 17.14 ? 95  ALA A O   1 
ATOM   671  C CB  . ALA A 1 97  ? 15.418  -0.418  -4.690  1.00 21.24 ? 95  ALA A CB  1 
ATOM   672  N N   . ALA A 1 98  ? 12.854  1.058   -3.673  1.00 16.48 ? 96  ALA A N   1 
ATOM   673  C CA  . ALA A 1 98  ? 11.611  1.055   -2.911  1.00 14.59 ? 96  ALA A CA  1 
ATOM   674  C C   . ALA A 1 98  ? 10.423  1.491   -3.771  1.00 14.55 ? 96  ALA A C   1 
ATOM   675  O O   . ALA A 1 98  ? 9.331   0.927   -3.664  1.00 13.97 ? 96  ALA A O   1 
ATOM   676  C CB  . ALA A 1 98  ? 11.741  1.964   -1.703  1.00 14.84 ? 96  ALA A CB  1 
ATOM   677  N N   . LYS A 1 99  ? 10.631  2.500   -4.615  1.00 14.87 ? 97  LYS A N   1 
ATOM   678  C CA  . LYS A 1 99  ? 9.561   2.973   -5.482  1.00 17.06 ? 97  LYS A CA  1 
ATOM   679  C C   . LYS A 1 99  ? 9.143   1.877   -6.460  1.00 17.54 ? 97  LYS A C   1 
ATOM   680  O O   . LYS A 1 99  ? 7.953   1.683   -6.724  1.00 17.12 ? 97  LYS A O   1 
ATOM   681  C CB  . LYS A 1 99  ? 10.002  4.218   -6.263  1.00 18.31 ? 97  LYS A CB  1 
ATOM   682  C CG  . LYS A 1 99  ? 10.173  5.475   -5.415  1.00 18.81 ? 97  LYS A CG  1 
ATOM   683  C CD  . LYS A 1 99  ? 10.429  6.678   -6.304  1.00 22.38 ? 97  LYS A CD  1 
ATOM   684  C CE  . LYS A 1 99  ? 10.595  7.951   -5.494  1.00 23.37 ? 97  LYS A CE  1 
ATOM   685  N NZ  . LYS A 1 99  ? 10.854  9.109   -6.389  1.00 30.81 ? 97  LYS A NZ  1 
ATOM   686  N N   . THR A 1 100 ? 10.119  1.159   -7.004  1.00 19.10 ? 98  THR A N   1 
ATOM   687  C CA  . THR A 1 100 ? 9.807   0.088   -7.941  1.00 20.74 ? 98  THR A CA  1 
ATOM   688  C C   . THR A 1 100 ? 9.002   -1.018  -7.265  1.00 19.19 ? 98  THR A C   1 
ATOM   689  O O   . THR A 1 100 ? 8.067   -1.558  -7.849  1.00 19.72 ? 98  THR A O   1 
ATOM   690  C CB  . THR A 1 100 ? 11.079  -0.548  -8.524  1.00 22.75 ? 98  THR A CB  1 
ATOM   691  O OG1 . THR A 1 100 ? 11.875  0.462   -9.149  1.00 25.71 ? 98  THR A OG1 1 
ATOM   692  C CG2 . THR A 1 100 ? 10.715  -1.615  -9.555  1.00 25.33 ? 98  THR A CG2 1 
ATOM   693  N N   . GLU A 1 101 ? 9.363   -1.340  -6.026  1.00 18.29 ? 99  GLU A N   1 
ATOM   694  C CA  . GLU A 1 101 ? 8.684   -2.401  -5.296  1.00 16.43 ? 99  GLU A CA  1 
ATOM   695  C C   . GLU A 1 101 ? 7.331   -2.020  -4.712  1.00 16.32 ? 99  GLU A C   1 
ATOM   696  O O   . GLU A 1 101 ? 6.485   -2.884  -4.521  1.00 17.43 ? 99  GLU A O   1 
ATOM   697  C CB  . GLU A 1 101 ? 9.575   -2.927  -4.160  1.00 16.64 ? 99  GLU A CB  1 
ATOM   698  C CG  . GLU A 1 101 ? 10.883  -3.577  -4.596  1.00 15.75 ? 99  GLU A CG  1 
ATOM   699  C CD  . GLU A 1 101 ? 10.686  -4.794  -5.490  1.00 16.92 ? 99  GLU A CD  1 
ATOM   700  O OE1 . GLU A 1 101 ? 9.637   -5.461  -5.391  1.00 19.09 ? 99  GLU A OE1 1 
ATOM   701  O OE2 . GLU A 1 101 ? 11.599  -5.095  -6.287  1.00 21.55 ? 99  GLU A OE2 1 
ATOM   702  N N   . LEU A 1 102 ? 7.122   -0.735  -4.437  1.00 14.87 ? 100 LEU A N   1 
ATOM   703  C CA  . LEU A 1 102 ? 5.876   -0.287  -3.817  1.00 15.57 ? 100 LEU A CA  1 
ATOM   704  C C   . LEU A 1 102 ? 4.589   -0.877  -4.391  1.00 15.87 ? 100 LEU A C   1 
ATOM   705  O O   . LEU A 1 102 ? 3.800   -1.466  -3.653  1.00 17.99 ? 100 LEU A O   1 
ATOM   706  C CB  . LEU A 1 102 ? 5.793   1.249   -3.819  1.00 15.42 ? 100 LEU A CB  1 
ATOM   707  C CG  . LEU A 1 102 ? 4.614   1.861   -3.038  1.00 16.68 ? 100 LEU A CG  1 
ATOM   708  C CD1 . LEU A 1 102 ? 4.679   1.444   -1.564  1.00 17.91 ? 100 LEU A CD1 1 
ATOM   709  C CD2 . LEU A 1 102 ? 4.653   3.376   -3.161  1.00 14.82 ? 100 LEU A CD2 1 
ATOM   710  N N   . PRO A 1 103 ? 4.355   -0.746  -5.710  1.00 18.46 ? 101 PRO A N   1 
ATOM   711  C CA  . PRO A 1 103 ? 3.110   -1.310  -6.245  1.00 19.77 ? 101 PRO A CA  1 
ATOM   712  C C   . PRO A 1 103 ? 2.947   -2.818  -6.037  1.00 20.35 ? 101 PRO A C   1 
ATOM   713  O O   . PRO A 1 103 ? 1.838   -3.293  -5.792  1.00 19.72 ? 101 PRO A O   1 
ATOM   714  C CB  . PRO A 1 103 ? 3.149   -0.906  -7.725  1.00 18.76 ? 101 PRO A CB  1 
ATOM   715  C CG  . PRO A 1 103 ? 4.618   -0.828  -8.017  1.00 22.52 ? 101 PRO A CG  1 
ATOM   716  C CD  . PRO A 1 103 ? 5.169   -0.149  -6.782  1.00 17.99 ? 101 PRO A CD  1 
ATOM   717  N N   . TYR A 1 104 ? 4.046   -3.564  -6.133  1.00 18.17 ? 102 TYR A N   1 
ATOM   718  C CA  . TYR A 1 104 ? 4.005   -5.013  -5.949  1.00 20.11 ? 102 TYR A CA  1 
ATOM   719  C C   . TYR A 1 104 ? 3.721   -5.390  -4.505  1.00 19.47 ? 102 TYR A C   1 
ATOM   720  O O   . TYR A 1 104 ? 2.994   -6.347  -4.237  1.00 21.00 ? 102 TYR A O   1 
ATOM   721  C CB  . TYR A 1 104 ? 5.330   -5.642  -6.386  1.00 20.16 ? 102 TYR A CB  1 
ATOM   722  C CG  . TYR A 1 104 ? 5.599   -5.486  -7.860  1.00 22.15 ? 102 TYR A CG  1 
ATOM   723  C CD1 . TYR A 1 104 ? 4.861   -6.201  -8.801  1.00 24.03 ? 102 TYR A CD1 1 
ATOM   724  C CD2 . TYR A 1 104 ? 6.560   -4.589  -8.320  1.00 22.26 ? 102 TYR A CD2 1 
ATOM   725  C CE1 . TYR A 1 104 ? 5.074   -6.022  -10.169 1.00 24.87 ? 102 TYR A CE1 1 
ATOM   726  C CE2 . TYR A 1 104 ? 6.782   -4.402  -9.678  1.00 24.16 ? 102 TYR A CE2 1 
ATOM   727  C CZ  . TYR A 1 104 ? 6.031   -5.124  -10.598 1.00 25.82 ? 102 TYR A CZ  1 
ATOM   728  O OH  . TYR A 1 104 ? 6.246   -4.936  -11.943 1.00 29.13 ? 102 TYR A OH  1 
ATOM   729  N N   . VAL A 1 105 ? 4.303   -4.643  -3.574  1.00 17.97 ? 103 VAL A N   1 
ATOM   730  C CA  . VAL A 1 105 ? 4.105   -4.906  -2.156  1.00 19.05 ? 103 VAL A CA  1 
ATOM   731  C C   . VAL A 1 105 ? 2.680   -4.534  -1.730  1.00 20.09 ? 103 VAL A C   1 
ATOM   732  O O   . VAL A 1 105 ? 2.038   -5.271  -0.982  1.00 20.99 ? 103 VAL A O   1 
ATOM   733  C CB  . VAL A 1 105 ? 5.156   -4.143  -1.312  1.00 17.75 ? 103 VAL A CB  1 
ATOM   734  C CG1 . VAL A 1 105 ? 4.900   -4.340  0.171   1.00 17.62 ? 103 VAL A CG1 1 
ATOM   735  C CG2 . VAL A 1 105 ? 6.553   -4.650  -1.663  1.00 19.44 ? 103 VAL A CG2 1 
ATOM   736  N N   . ILE A 1 106 ? 2.178   -3.401  -2.212  1.00 19.75 ? 104 ILE A N   1 
ATOM   737  C CA  . ILE A 1 106 ? 0.815   -2.994  -1.875  1.00 20.08 ? 104 ILE A CA  1 
ATOM   738  C C   . ILE A 1 106 ? -0.166  -4.053  -2.385  1.00 20.83 ? 104 ILE A C   1 
ATOM   739  O O   . ILE A 1 106 ? -1.123  -4.413  -1.697  1.00 21.67 ? 104 ILE A O   1 
ATOM   740  C CB  . ILE A 1 106 ? 0.460   -1.627  -2.500  1.00 19.90 ? 104 ILE A CB  1 
ATOM   741  C CG1 . ILE A 1 106 ? 1.248   -0.517  -1.795  1.00 19.07 ? 104 ILE A CG1 1 
ATOM   742  C CG2 . ILE A 1 106 ? -1.040  -1.366  -2.378  1.00 21.37 ? 104 ILE A CG2 1 
ATOM   743  C CD1 . ILE A 1 106 ? 1.025   0.865   -2.377  1.00 20.11 ? 104 ILE A CD1 1 
ATOM   744  N N   . GLU A 1 107 ? 0.081   -4.556  -3.589  1.00 22.13 ? 105 GLU A N   1 
ATOM   745  C CA  . GLU A 1 107 ? -0.779  -5.579  -4.177  1.00 24.52 ? 105 GLU A CA  1 
ATOM   746  C C   . GLU A 1 107 ? -0.783  -6.817  -3.287  1.00 24.53 ? 105 GLU A C   1 
ATOM   747  O O   . GLU A 1 107 ? -1.822  -7.434  -3.069  1.00 25.23 ? 105 GLU A O   1 
ATOM   748  C CB  . GLU A 1 107 ? -0.280  -5.937  -5.575  1.00 26.75 ? 105 GLU A CB  1 
ATOM   749  C CG  . GLU A 1 107 ? -1.171  -6.905  -6.334  1.00 31.74 ? 105 GLU A CG  1 
ATOM   750  C CD  . GLU A 1 107 ? -0.625  -7.223  -7.710  1.00 34.05 ? 105 GLU A CD  1 
ATOM   751  O OE1 . GLU A 1 107 ? 0.486   -7.787  -7.787  1.00 36.66 ? 105 GLU A OE1 1 
ATOM   752  O OE2 . GLU A 1 107 ? -1.298  -6.903  -8.712  1.00 37.23 ? 105 GLU A OE2 1 
ATOM   753  N N   . HIS A 1 108 ? 0.391   -7.167  -2.769  1.00 24.87 ? 106 HIS A N   1 
ATOM   754  C CA  . HIS A 1 108 ? 0.542   -8.318  -1.890  1.00 26.14 ? 106 HIS A CA  1 
ATOM   755  C C   . HIS A 1 108 ? -0.308  -8.115  -0.641  1.00 26.97 ? 106 HIS A C   1 
ATOM   756  O O   . HIS A 1 108 ? -1.031  -9.014  -0.212  1.00 26.50 ? 106 HIS A O   1 
ATOM   757  C CB  . HIS A 1 108 ? 2.012   -8.473  -1.488  1.00 27.99 ? 106 HIS A CB  1 
ATOM   758  C CG  . HIS A 1 108 ? 2.281   -9.654  -0.609  1.00 30.61 ? 106 HIS A CG  1 
ATOM   759  N ND1 . HIS A 1 108 ? 2.266   -10.951 -1.076  1.00 31.04 ? 106 HIS A ND1 1 
ATOM   760  C CD2 . HIS A 1 108 ? 2.576   -9.733  0.710   1.00 32.08 ? 106 HIS A CD2 1 
ATOM   761  C CE1 . HIS A 1 108 ? 2.542   -11.778 -0.084  1.00 32.54 ? 106 HIS A CE1 1 
ATOM   762  N NE2 . HIS A 1 108 ? 2.736   -11.064 1.012   1.00 32.64 ? 106 HIS A NE2 1 
ATOM   763  N N   . ILE A 1 109 ? -0.210  -6.923  -0.064  1.00 24.78 ? 107 ILE A N   1 
ATOM   764  C CA  . ILE A 1 109 ? -0.955  -6.580  1.140   1.00 24.86 ? 107 ILE A CA  1 
ATOM   765  C C   . ILE A 1 109 ? -2.471  -6.693  0.964   1.00 25.80 ? 107 ILE A C   1 
ATOM   766  O O   . ILE A 1 109 ? -3.151  -7.310  1.781   1.00 27.14 ? 107 ILE A O   1 
ATOM   767  C CB  . ILE A 1 109 ? -0.611  -5.146  1.602   1.00 23.46 ? 107 ILE A CB  1 
ATOM   768  C CG1 . ILE A 1 109 ? 0.865   -5.079  2.011   1.00 23.86 ? 107 ILE A CG1 1 
ATOM   769  C CG2 . ILE A 1 109 ? -1.501  -4.736  2.769   1.00 22.17 ? 107 ILE A CG2 1 
ATOM   770  C CD1 . ILE A 1 109 ? 1.354   -3.676  2.316   1.00 23.09 ? 107 ILE A CD1 1 
ATOM   771  N N   . ILE A 1 110 ? -3.007  -6.107  -0.100  1.00 27.10 ? 108 ILE A N   1 
ATOM   772  C CA  . ILE A 1 110 ? -4.449  -6.165  -0.305  1.00 30.15 ? 108 ILE A CA  1 
ATOM   773  C C   . ILE A 1 110 ? -4.944  -7.588  -0.559  1.00 31.43 ? 108 ILE A C   1 
ATOM   774  O O   . ILE A 1 110 ? -6.070  -7.928  -0.199  1.00 31.78 ? 108 ILE A O   1 
ATOM   775  C CB  . ILE A 1 110 ? -4.897  -5.247  -1.460  1.00 30.94 ? 108 ILE A CB  1 
ATOM   776  C CG1 . ILE A 1 110 ? -4.230  -5.672  -2.766  1.00 32.18 ? 108 ILE A CG1 1 
ATOM   777  C CG2 . ILE A 1 110 ? -4.552  -3.799  -1.123  1.00 30.08 ? 108 ILE A CG2 1 
ATOM   778  C CD1 . ILE A 1 110 ? -4.692  -4.876  -3.970  1.00 35.20 ? 108 ILE A CD1 1 
ATOM   779  N N   . LYS A 1 111 ? -4.102  -8.417  -1.167  1.00 32.02 ? 109 LYS A N   1 
ATOM   780  C CA  . LYS A 1 111 ? -4.471  -9.804  -1.441  1.00 35.54 ? 109 LYS A CA  1 
ATOM   781  C C   . LYS A 1 111 ? -4.535  -10.633 -0.157  1.00 37.31 ? 109 LYS A C   1 
ATOM   782  O O   . LYS A 1 111 ? -5.169  -11.689 -0.124  1.00 39.03 ? 109 LYS A O   1 
ATOM   783  C CB  . LYS A 1 111 ? -3.474  -10.447 -2.408  1.00 35.43 ? 109 LYS A CB  1 
ATOM   784  C CG  . LYS A 1 111 ? -3.575  -9.949  -3.842  1.00 37.30 ? 109 LYS A CG  1 
ATOM   785  C CD  . LYS A 1 111 ? -2.594  -10.683 -4.744  1.00 38.32 ? 109 LYS A CD  1 
ATOM   786  C CE  . LYS A 1 111 ? -2.756  -10.280 -6.199  1.00 41.04 ? 109 LYS A CE  1 
ATOM   787  N NZ  . LYS A 1 111 ? -1.812  -11.022 -7.083  1.00 43.34 ? 109 LYS A NZ  1 
ATOM   788  N N   . GLN A 1 112 ? -3.878  -10.155 0.896   1.00 38.48 ? 110 GLN A N   1 
ATOM   789  C CA  . GLN A 1 112 ? -3.870  -10.866 2.172   1.00 40.61 ? 110 GLN A CA  1 
ATOM   790  C C   . GLN A 1 112 ? -5.068  -10.453 3.014   1.00 42.02 ? 110 GLN A C   1 
ATOM   791  O O   . GLN A 1 112 ? -5.293  -10.982 4.103   1.00 42.24 ? 110 GLN A O   1 
ATOM   792  C CB  . GLN A 1 112 ? -2.578  -10.570 2.942   1.00 41.05 ? 110 GLN A CB  1 
ATOM   793  C CG  . GLN A 1 112 ? -1.318  -10.669 2.098   1.00 41.53 ? 110 GLN A CG  1 
ATOM   794  C CD  . GLN A 1 112 ? -1.178  -12.004 1.395   1.00 42.84 ? 110 GLN A CD  1 
ATOM   795  O OE1 . GLN A 1 112 ? -0.401  -12.139 0.449   1.00 44.47 ? 110 GLN A OE1 1 
ATOM   796  N NE2 . GLN A 1 112 ? -1.921  -13.004 1.858   1.00 41.70 ? 110 GLN A NE2 1 
ATOM   797  N N   . ASP A 1 113 ? -5.839  -9.504  2.495   1.00 43.28 ? 111 ASP A N   1 
ATOM   798  C CA  . ASP A 1 113 ? -7.017  -9.000  3.182   1.00 45.08 ? 111 ASP A CA  1 
ATOM   799  C C   . ASP A 1 113 ? -8.053  -8.623  2.126   1.00 45.67 ? 111 ASP A C   1 
ATOM   800  O O   . ASP A 1 113 ? -8.649  -7.545  2.162   1.00 45.90 ? 111 ASP A O   1 
ATOM   801  C CB  . ASP A 1 113 ? -6.626  -7.791  4.033   1.00 46.49 ? 111 ASP A CB  1 
ATOM   802  C CG  . ASP A 1 113 ? -7.784  -7.235  4.830   1.00 48.38 ? 111 ASP A CG  1 
ATOM   803  O OD1 . ASP A 1 113 ? -8.568  -8.032  5.388   1.00 48.55 ? 111 ASP A OD1 1 
ATOM   804  O OD2 . ASP A 1 113 ? -7.895  -5.993  4.910   1.00 49.68 ? 111 ASP A OD2 1 
ATOM   805  N N   . GLU A 1 114 ? -8.247  -9.536  1.180   1.00 46.91 ? 112 GLU A N   1 
ATOM   806  C CA  . GLU A 1 114 ? -9.185  -9.353  0.079   1.00 48.10 ? 112 GLU A CA  1 
ATOM   807  C C   . GLU A 1 114 ? -10.562 -8.946  0.587   1.00 47.92 ? 112 GLU A C   1 
ATOM   808  O O   . GLU A 1 114 ? -11.199 -8.051  0.031   1.00 47.81 ? 112 GLU A O   1 
ATOM   809  C CB  . GLU A 1 114 ? -9.288  -10.651 -0.728  1.00 49.33 ? 112 GLU A CB  1 
ATOM   810  C CG  . GLU A 1 114 ? -10.117 -10.544 -1.995  1.00 51.41 ? 112 GLU A CG  1 
ATOM   811  C CD  . GLU A 1 114 ? -10.155 -11.844 -2.775  1.00 52.24 ? 112 GLU A CD  1 
ATOM   812  O OE1 . GLU A 1 114 ? -9.080  -12.338 -3.170  1.00 53.96 ? 112 GLU A OE1 1 
ATOM   813  O OE2 . GLU A 1 114 ? -11.262 -12.375 -2.998  1.00 53.79 ? 112 GLU A OE2 1 
ATOM   814  N N   . LYS A 1 115 ? -11.006 -9.606  1.651   1.00 48.29 ? 113 LYS A N   1 
ATOM   815  C CA  . LYS A 1 115 ? -12.307 -9.337  2.254   1.00 48.69 ? 113 LYS A CA  1 
ATOM   816  C C   . LYS A 1 115 ? -12.595 -7.846  2.423   1.00 48.47 ? 113 LYS A C   1 
ATOM   817  O O   . LYS A 1 115 ? -13.643 -7.356  2.005   1.00 48.65 ? 113 LYS A O   1 
ATOM   818  C CB  . LYS A 1 115 ? -12.395 -10.031 3.616   1.00 49.69 ? 113 LYS A CB  1 
ATOM   819  C CG  . LYS A 1 115 ? -13.716 -9.827  4.342   1.00 50.63 ? 113 LYS A CG  1 
ATOM   820  C CD  . LYS A 1 115 ? -14.877 -10.418 3.557   1.00 51.07 ? 113 LYS A CD  1 
ATOM   821  C CE  . LYS A 1 115 ? -16.190 -10.246 4.303   1.00 52.46 ? 113 LYS A CE  1 
ATOM   822  N NZ  . LYS A 1 115 ? -17.342 -10.818 3.551   1.00 52.84 ? 113 LYS A NZ  1 
ATOM   823  N N   . LYS A 1 116 ? -11.658 -7.129  3.036   1.00 48.31 ? 114 LYS A N   1 
ATOM   824  C CA  . LYS A 1 116 ? -11.820 -5.700  3.281   1.00 47.41 ? 114 LYS A CA  1 
ATOM   825  C C   . LYS A 1 116 ? -11.939 -4.834  2.028   1.00 46.54 ? 114 LYS A C   1 
ATOM   826  O O   . LYS A 1 116 ? -12.678 -3.848  2.026   1.00 47.26 ? 114 LYS A O   1 
ATOM   827  C CB  . LYS A 1 116 ? -10.668 -5.186  4.149   1.00 48.20 ? 114 LYS A CB  1 
ATOM   828  C CG  . LYS A 1 116 ? -10.686 -5.714  5.581   1.00 49.89 ? 114 LYS A CG  1 
ATOM   829  C CD  . LYS A 1 116 ? -11.910 -5.222  6.347   1.00 50.72 ? 114 LYS A CD  1 
ATOM   830  C CE  . LYS A 1 116 ? -11.919 -3.702  6.461   1.00 50.79 ? 114 LYS A CE  1 
ATOM   831  N NZ  . LYS A 1 116 ? -13.163 -3.190  7.102   1.00 51.05 ? 114 LYS A NZ  1 
ATOM   832  N N   . TYR A 1 117 ? -11.222 -5.189  0.968   1.00 45.41 ? 115 TYR A N   1 
ATOM   833  C CA  . TYR A 1 117 ? -11.278 -4.400  -0.258  1.00 44.44 ? 115 TYR A CA  1 
ATOM   834  C C   . TYR A 1 117 ? -12.408 -4.800  -1.198  1.00 44.87 ? 115 TYR A C   1 
ATOM   835  O O   . TYR A 1 117 ? -13.017 -3.940  -1.836  1.00 44.88 ? 115 TYR A O   1 
ATOM   836  C CB  . TYR A 1 117 ? -9.928  -4.444  -0.979  1.00 42.49 ? 115 TYR A CB  1 
ATOM   837  C CG  . TYR A 1 117 ? -8.832  -3.840  -0.133  1.00 40.68 ? 115 TYR A CG  1 
ATOM   838  C CD1 . TYR A 1 117 ? -8.111  -4.619  0.770   1.00 38.39 ? 115 TYR A CD1 1 
ATOM   839  C CD2 . TYR A 1 117 ? -8.590  -2.467  -0.157  1.00 39.55 ? 115 TYR A CD2 1 
ATOM   840  C CE1 . TYR A 1 117 ? -7.185  -4.048  1.634   1.00 38.10 ? 115 TYR A CE1 1 
ATOM   841  C CE2 . TYR A 1 117 ? -7.669  -1.886  0.703   1.00 38.54 ? 115 TYR A CE2 1 
ATOM   842  C CZ  . TYR A 1 117 ? -6.972  -2.679  1.597   1.00 37.59 ? 115 TYR A CZ  1 
ATOM   843  O OH  . TYR A 1 117 ? -6.083  -2.096  2.468   1.00 37.00 ? 115 TYR A OH  1 
ATOM   844  N N   . VAL A 1 118 ? -12.694 -6.095  -1.294  1.00 45.33 ? 116 VAL A N   1 
ATOM   845  C CA  . VAL A 1 118 ? -13.791 -6.537  -2.145  1.00 45.86 ? 116 VAL A CA  1 
ATOM   846  C C   . VAL A 1 118 ? -15.057 -5.966  -1.522  1.00 46.05 ? 116 VAL A C   1 
ATOM   847  O O   . VAL A 1 118 ? -16.099 -5.870  -2.168  1.00 46.91 ? 116 VAL A O   1 
ATOM   848  C CB  . VAL A 1 118 ? -13.905 -8.078  -2.196  1.00 45.58 ? 116 VAL A CB  1 
ATOM   849  C CG1 . VAL A 1 118 ? -12.718 -8.661  -2.939  1.00 46.89 ? 116 VAL A CG1 1 
ATOM   850  C CG2 . VAL A 1 118 ? -13.983 -8.643  -0.790  1.00 46.46 ? 116 VAL A CG2 1 
ATOM   851  N N   . ASP A 1 119 ? -14.944 -5.586  -0.253  1.00 46.10 ? 117 ASP A N   1 
ATOM   852  C CA  . ASP A 1 119 ? -16.054 -5.010  0.489   1.00 46.80 ? 117 ASP A CA  1 
ATOM   853  C C   . ASP A 1 119 ? -16.275 -3.578  0.008   1.00 46.20 ? 117 ASP A C   1 
ATOM   854  O O   . ASP A 1 119 ? -17.404 -3.087  -0.017  1.00 46.30 ? 117 ASP A O   1 
ATOM   855  C CB  . ASP A 1 119 ? -15.743 -5.010  1.987   1.00 49.11 ? 117 ASP A CB  1 
ATOM   856  C CG  . ASP A 1 119 ? -16.990 -4.906  2.843   1.00 51.64 ? 117 ASP A CG  1 
ATOM   857  O OD1 . ASP A 1 119 ? -17.815 -3.998  2.598   1.00 53.62 ? 117 ASP A OD1 1 
ATOM   858  O OD2 . ASP A 1 119 ? -17.143 -5.733  3.767   1.00 53.26 ? 117 ASP A OD2 1 
ATOM   859  N N   . PHE A 1 120 ? -15.185 -2.915  -0.373  1.00 44.63 ? 118 PHE A N   1 
ATOM   860  C CA  . PHE A 1 120 ? -15.251 -1.545  -0.868  1.00 42.53 ? 118 PHE A CA  1 
ATOM   861  C C   . PHE A 1 120 ? -16.124 -1.474  -2.113  1.00 42.35 ? 118 PHE A C   1 
ATOM   862  O O   . PHE A 1 120 ? -16.924 -0.553  -2.268  1.00 42.66 ? 118 PHE A O   1 
ATOM   863  C CB  . PHE A 1 120 ? -13.851 -1.022  -1.210  1.00 40.80 ? 118 PHE A CB  1 
ATOM   864  C CG  . PHE A 1 120 ? -13.861 0.264   -1.993  1.00 39.09 ? 118 PHE A CG  1 
ATOM   865  C CD1 . PHE A 1 120 ? -14.291 1.449   -1.406  1.00 38.72 ? 118 PHE A CD1 1 
ATOM   866  C CD2 . PHE A 1 120 ? -13.480 0.281   -3.332  1.00 38.78 ? 118 PHE A CD2 1 
ATOM   867  C CE1 . PHE A 1 120 ? -14.342 2.632   -2.138  1.00 38.25 ? 118 PHE A CE1 1 
ATOM   868  C CE2 . PHE A 1 120 ? -13.529 1.462   -4.074  1.00 38.11 ? 118 PHE A CE2 1 
ATOM   869  C CZ  . PHE A 1 120 ? -13.962 2.638   -3.477  1.00 39.13 ? 118 PHE A CZ  1 
ATOM   870  N N   . PHE A 1 121 ? -15.958 -2.447  -3.003  1.00 42.42 ? 119 PHE A N   1 
ATOM   871  C CA  . PHE A 1 121 ? -16.736 -2.492  -4.234  1.00 43.32 ? 119 PHE A CA  1 
ATOM   872  C C   . PHE A 1 121 ? -18.220 -2.687  -3.957  1.00 43.57 ? 119 PHE A C   1 
ATOM   873  O O   . PHE A 1 121 ? -19.048 -1.876  -4.372  1.00 43.92 ? 119 PHE A O   1 
ATOM   874  C CB  . PHE A 1 121 ? -16.236 -3.615  -5.146  1.00 42.11 ? 119 PHE A CB  1 
ATOM   875  C CG  . PHE A 1 121 ? -14.907 -3.333  -5.778  1.00 42.50 ? 119 PHE A CG  1 
ATOM   876  C CD1 . PHE A 1 121 ? -13.740 -3.352  -5.021  1.00 42.16 ? 119 PHE A CD1 1 
ATOM   877  C CD2 . PHE A 1 121 ? -14.822 -3.037  -7.135  1.00 42.35 ? 119 PHE A CD2 1 
ATOM   878  C CE1 . PHE A 1 121 ? -12.506 -3.082  -5.610  1.00 41.96 ? 119 PHE A CE1 1 
ATOM   879  C CE2 . PHE A 1 121 ? -13.593 -2.764  -7.733  1.00 42.33 ? 119 PHE A CE2 1 
ATOM   880  C CZ  . PHE A 1 121 ? -12.432 -2.788  -6.968  1.00 42.03 ? 119 PHE A CZ  1 
ATOM   881  N N   . ASN A 1 122 ? -18.554 -3.769  -3.261  1.00 45.27 ? 120 ASN A N   1 
ATOM   882  C CA  . ASN A 1 122 ? -19.944 -4.060  -2.935  1.00 46.65 ? 120 ASN A CA  1 
ATOM   883  C C   . ASN A 1 122 ? -20.281 -3.549  -1.537  1.00 47.32 ? 120 ASN A C   1 
ATOM   884  O O   . ASN A 1 122 ? -20.013 -2.389  -1.212  1.00 48.55 ? 120 ASN A O   1 
ATOM   885  C CB  . ASN A 1 122 ? -20.205 -5.568  -3.021  1.00 47.20 ? 120 ASN A CB  1 
ATOM   886  C CG  . ASN A 1 122 ? -19.461 -6.351  -1.960  1.00 47.83 ? 120 ASN A CG  1 
ATOM   887  O OD1 . ASN A 1 122 ? -18.610 -5.810  -1.256  1.00 50.67 ? 120 ASN A OD1 1 
ATOM   888  N ND2 . ASN A 1 122 ? -19.774 -7.636  -1.844  1.00 49.22 ? 120 ASN A ND2 1 
ATOM   889  N N   . ASP A 1 125 ? -20.130 0.647   -0.972  1.00 44.49 ? 123 ASP A N   1 
ATOM   890  C CA  . ASP A 1 125 ? -19.552 1.738   -1.746  1.00 44.35 ? 123 ASP A CA  1 
ATOM   891  C C   . ASP A 1 125 ? -20.552 2.877   -1.924  1.00 46.11 ? 123 ASP A C   1 
ATOM   892  O O   . ASP A 1 125 ? -21.175 3.011   -2.979  1.00 47.60 ? 123 ASP A O   1 
ATOM   893  C CB  . ASP A 1 125 ? -19.114 1.231   -3.118  1.00 42.24 ? 123 ASP A CB  1 
ATOM   894  C CG  . ASP A 1 125 ? -18.558 2.331   -3.994  1.00 44.94 ? 123 ASP A CG  1 
ATOM   895  O OD1 . ASP A 1 125 ? -18.889 2.354   -5.193  1.00 44.89 ? 123 ASP A OD1 1 
ATOM   896  O OD2 . ASP A 1 125 ? -17.787 3.182   -3.501  1.00 44.36 ? 123 ASP A OD2 1 
ATOM   897  N N   . SER A 1 126 ? -20.694 3.699   -0.889  1.00 48.62 ? 124 SER A N   1 
ATOM   898  C CA  . SER A 1 126 ? -21.617 4.829   -0.912  1.00 49.84 ? 124 SER A CA  1 
ATOM   899  C C   . SER A 1 126 ? -21.362 5.775   -2.083  1.00 50.01 ? 124 SER A C   1 
ATOM   900  O O   . SER A 1 126 ? -20.536 5.502   -2.954  1.00 50.09 ? 124 SER A O   1 
ATOM   901  C CB  . SER A 1 126 ? -21.519 5.603   0.403   1.00 51.36 ? 124 SER A CB  1 
ATOM   902  O OG  . SER A 1 126 ? -20.184 6.012   0.654   1.00 52.95 ? 124 SER A OG  1 
ATOM   903  N N   . ILE A 1 127 ? -22.081 6.895   -2.090  1.00 49.73 ? 125 ILE A N   1 
ATOM   904  C CA  . ILE A 1 127 ? -21.956 7.901   -3.143  1.00 49.14 ? 125 ILE A CA  1 
ATOM   905  C C   . ILE A 1 127 ? -21.580 9.254   -2.539  1.00 49.01 ? 125 ILE A C   1 
ATOM   906  O O   . ILE A 1 127 ? -21.751 9.473   -1.341  1.00 48.74 ? 125 ILE A O   1 
ATOM   907  C CB  . ILE A 1 127 ? -23.289 8.041   -3.921  1.00 49.31 ? 125 ILE A CB  1 
ATOM   908  C CG1 . ILE A 1 127 ? -23.186 9.161   -4.959  1.00 48.92 ? 125 ILE A CG1 1 
ATOM   909  C CG2 . ILE A 1 127 ? -24.429 8.315   -2.951  1.00 49.04 ? 125 ILE A CG2 1 
ATOM   910  C CD1 . ILE A 1 127 ? -24.435 9.336   -5.796  1.00 49.44 ? 125 ILE A CD1 1 
ATOM   911  N N   . THR A 1 128 ? -21.063 10.155  -3.371  1.00 49.38 ? 126 THR A N   1 
ATOM   912  C CA  . THR A 1 128 ? -20.670 11.484  -2.916  1.00 50.61 ? 126 THR A CA  1 
ATOM   913  C C   . THR A 1 128 ? -21.708 12.517  -3.358  1.00 51.59 ? 126 THR A C   1 
ATOM   914  O O   . THR A 1 128 ? -22.559 12.934  -2.570  1.00 52.21 ? 126 THR A O   1 
ATOM   915  C CB  . THR A 1 128 ? -19.295 11.887  -3.495  1.00 50.37 ? 126 THR A CB  1 
ATOM   916  O OG1 . THR A 1 128 ? -18.321 10.890  -3.160  1.00 51.83 ? 126 THR A OG1 1 
ATOM   917  C CG2 . THR A 1 128 ? -18.849 13.225  -2.925  1.00 50.54 ? 126 THR A CG2 1 
ATOM   918  N N   . THR A 1 129 ? -21.624 12.917  -4.624  1.00 52.31 ? 127 THR A N   1 
ATOM   919  C CA  . THR A 1 129 ? -22.539 13.894  -5.213  1.00 53.00 ? 127 THR A CA  1 
ATOM   920  C C   . THR A 1 129 ? -22.005 14.291  -6.586  1.00 53.01 ? 127 THR A C   1 
ATOM   921  O O   . THR A 1 129 ? -20.957 14.929  -6.688  1.00 53.63 ? 127 THR A O   1 
ATOM   922  C CB  . THR A 1 129 ? -22.666 15.158  -4.333  1.00 53.71 ? 127 THR A CB  1 
ATOM   923  O OG1 . THR A 1 129 ? -23.480 16.129  -5.006  1.00 54.59 ? 127 THR A OG1 1 
ATOM   924  C CG2 . THR A 1 129 ? -21.293 15.752  -4.039  1.00 53.34 ? 127 THR A CG2 1 
ATOM   925  N N   . ARG A 1 130 ? -22.723 13.906  -7.641  1.00 52.56 ? 128 ARG A N   1 
ATOM   926  C CA  . ARG A 1 130 ? -22.299 14.205  -9.009  1.00 51.90 ? 128 ARG A CA  1 
ATOM   927  C C   . ARG A 1 130 ? -20.965 13.502  -9.241  1.00 51.88 ? 128 ARG A C   1 
ATOM   928  O O   . ARG A 1 130 ? -20.345 13.618  -10.302 1.00 52.31 ? 128 ARG A O   1 
ATOM   929  C CB  . ARG A 1 130 ? -22.143 15.709  -9.199  1.00 51.66 ? 128 ARG A CB  1 
ATOM   930  N N   . MET A 1 131 ? -20.539 12.767  -8.219  1.00 50.97 ? 129 MET A N   1 
ATOM   931  C CA  . MET A 1 131 ? -19.291 12.022  -8.233  1.00 49.67 ? 129 MET A CA  1 
ATOM   932  C C   . MET A 1 131 ? -19.490 10.801  -7.346  1.00 48.19 ? 129 MET A C   1 
ATOM   933  O O   . MET A 1 131 ? -19.972 10.918  -6.220  1.00 47.97 ? 129 MET A O   1 
ATOM   934  C CB  . MET A 1 131 ? -18.158 12.887  -7.676  1.00 51.01 ? 129 MET A CB  1 
ATOM   935  C CG  . MET A 1 131 ? -16.863 12.134  -7.424  1.00 52.17 ? 129 MET A CG  1 
ATOM   936  S SD  . MET A 1 131 ? -16.083 11.559  -8.937  1.00 56.34 ? 129 MET A SD  1 
ATOM   937  C CE  . MET A 1 131 ? -14.447 12.270  -8.762  1.00 54.36 ? 129 MET A CE  1 
ATOM   938  N N   . HIS A 1 132 ? -19.128 9.630   -7.854  1.00 46.60 ? 130 HIS A N   1 
ATOM   939  C CA  . HIS A 1 132 ? -19.275 8.407   -7.076  1.00 45.52 ? 130 HIS A CA  1 
ATOM   940  C C   . HIS A 1 132 ? -17.896 7.934   -6.628  1.00 44.53 ? 130 HIS A C   1 
ATOM   941  O O   . HIS A 1 132 ? -16.904 8.148   -7.324  1.00 44.89 ? 130 HIS A O   1 
ATOM   942  C CB  . HIS A 1 132 ? -19.959 7.329   -7.917  1.00 45.08 ? 130 HIS A CB  1 
ATOM   943  C CG  . HIS A 1 132 ? -20.548 6.219   -7.107  1.00 44.91 ? 130 HIS A CG  1 
ATOM   944  N ND1 . HIS A 1 132 ? -19.778 5.330   -6.388  1.00 44.28 ? 130 HIS A ND1 1 
ATOM   945  C CD2 . HIS A 1 132 ? -21.837 5.871   -6.879  1.00 44.81 ? 130 HIS A CD2 1 
ATOM   946  C CE1 . HIS A 1 132 ? -20.566 4.483   -5.753  1.00 44.19 ? 130 HIS A CE1 1 
ATOM   947  N NE2 . HIS A 1 132 ? -21.821 4.789   -6.033  1.00 44.39 ? 130 HIS A NE2 1 
ATOM   948  N N   . GLN A 1 133 ? -17.834 7.296   -5.463  1.00 43.13 ? 131 GLN A N   1 
ATOM   949  C CA  . GLN A 1 133 ? -16.562 6.817   -4.933  1.00 42.23 ? 131 GLN A CA  1 
ATOM   950  C C   . GLN A 1 133 ? -15.790 5.916   -5.892  1.00 41.38 ? 131 GLN A C   1 
ATOM   951  O O   . GLN A 1 133 ? -14.563 5.990   -5.961  1.00 39.54 ? 131 GLN A O   1 
ATOM   952  C CB  . GLN A 1 133 ? -16.777 6.082   -3.610  1.00 42.05 ? 131 GLN A CB  1 
ATOM   953  C CG  . GLN A 1 133 ? -17.241 6.971   -2.474  1.00 42.94 ? 131 GLN A CG  1 
ATOM   954  C CD  . GLN A 1 133 ? -17.135 6.288   -1.127  1.00 42.46 ? 131 GLN A CD  1 
ATOM   955  O OE1 . GLN A 1 133 ? -17.621 5.174   -0.945  1.00 44.24 ? 131 GLN A OE1 1 
ATOM   956  N NE2 . GLN A 1 133 ? -16.499 6.956   -0.173  1.00 43.39 ? 131 GLN A NE2 1 
ATOM   957  N N   . LEU A 1 134 ? -16.499 5.063   -6.626  1.00 40.03 ? 132 LEU A N   1 
ATOM   958  C CA  . LEU A 1 134 ? -15.843 4.165   -7.573  1.00 38.59 ? 132 LEU A CA  1 
ATOM   959  C C   . LEU A 1 134 ? -15.028 4.952   -8.587  1.00 38.27 ? 132 LEU A C   1 
ATOM   960  O O   . LEU A 1 134 ? -14.032 4.456   -9.118  1.00 37.33 ? 132 LEU A O   1 
ATOM   961  C CB  . LEU A 1 134 ? -16.875 3.312   -8.314  1.00 38.67 ? 132 LEU A CB  1 
ATOM   962  C CG  . LEU A 1 134 ? -17.631 2.280   -7.481  1.00 39.68 ? 132 LEU A CG  1 
ATOM   963  C CD1 . LEU A 1 134 ? -18.599 1.511   -8.372  1.00 41.59 ? 132 LEU A CD1 1 
ATOM   964  C CD2 . LEU A 1 134 ? -16.644 1.333   -6.812  1.00 39.43 ? 132 LEU A CD2 1 
ATOM   965  N N   . GLU A 1 135 ? -15.457 6.179   -8.857  1.00 37.25 ? 133 GLU A N   1 
ATOM   966  C CA  . GLU A 1 135 ? -14.763 7.027   -9.811  1.00 37.90 ? 133 GLU A CA  1 
ATOM   967  C C   . GLU A 1 135 ? -13.450 7.537   -9.234  1.00 36.53 ? 133 GLU A C   1 
ATOM   968  O O   . GLU A 1 135 ? -12.603 8.041   -9.963  1.00 37.73 ? 133 GLU A O   1 
ATOM   969  C CB  . GLU A 1 135 ? -15.654 8.200   -10.217 1.00 39.33 ? 133 GLU A CB  1 
ATOM   970  C CG  . GLU A 1 135 ? -16.952 7.772   -10.885 1.00 40.74 ? 133 GLU A CG  1 
ATOM   971  C CD  . GLU A 1 135 ? -17.839 8.946   -11.242 1.00 41.45 ? 133 GLU A CD  1 
ATOM   972  O OE1 . GLU A 1 135 ? -17.446 9.752   -12.111 1.00 42.24 ? 133 GLU A OE1 1 
ATOM   973  O OE2 . GLU A 1 135 ? -18.929 9.063   -10.647 1.00 43.48 ? 133 GLU A OE2 1 
ATOM   974  N N   . LEU A 1 136 ? -13.283 7.410   -7.922  1.00 36.67 ? 134 LEU A N   1 
ATOM   975  C CA  . LEU A 1 136 ? -12.044 7.848   -7.282  1.00 36.58 ? 134 LEU A CA  1 
ATOM   976  C C   . LEU A 1 136 ? -10.924 6.896   -7.694  1.00 36.26 ? 134 LEU A C   1 
ATOM   977  O O   . LEU A 1 136 ? -9.745  7.251   -7.667  1.00 36.62 ? 134 LEU A O   1 
ATOM   978  C CB  . LEU A 1 136 ? -12.191 7.846   -5.758  1.00 35.53 ? 134 LEU A CB  1 
ATOM   979  C CG  . LEU A 1 136 ? -13.138 8.891   -5.163  1.00 36.02 ? 134 LEU A CG  1 
ATOM   980  C CD1 . LEU A 1 136 ? -13.270 8.671   -3.666  1.00 37.02 ? 134 LEU A CD1 1 
ATOM   981  C CD2 . LEU A 1 136 ? -12.613 10.288  -5.461  1.00 35.91 ? 134 LEU A CD2 1 
ATOM   982  N N   . LEU A 1 137 ? -11.309 5.684   -8.079  1.00 35.90 ? 135 LEU A N   1 
ATOM   983  C CA  . LEU A 1 137 ? -10.347 4.677   -8.504  1.00 36.54 ? 135 LEU A CA  1 
ATOM   984  C C   . LEU A 1 137 ? -9.812  4.981   -9.898  1.00 37.51 ? 135 LEU A C   1 
ATOM   985  O O   . LEU A 1 137 ? -10.569 5.021   -10.869 1.00 36.82 ? 135 LEU A O   1 
ATOM   986  C CB  . LEU A 1 137 ? -10.997 3.293   -8.502  1.00 35.00 ? 135 LEU A CB  1 
ATOM   987  C CG  . LEU A 1 137 ? -11.589 2.835   -7.170  1.00 35.46 ? 135 LEU A CG  1 
ATOM   988  C CD1 . LEU A 1 137 ? -12.223 1.468   -7.345  1.00 35.66 ? 135 LEU A CD1 1 
ATOM   989  C CD2 . LEU A 1 137 ? -10.498 2.794   -6.105  1.00 35.85 ? 135 LEU A CD2 1 
ATOM   990  N N   . PRO A 1 138 ? -8.495  5.210   -10.012 1.00 37.92 ? 136 PRO A N   1 
ATOM   991  C CA  . PRO A 1 138 ? -7.876  5.509   -11.306 1.00 38.44 ? 136 PRO A CA  1 
ATOM   992  C C   . PRO A 1 138 ? -8.189  4.396   -12.304 1.00 39.51 ? 136 PRO A C   1 
ATOM   993  O O   . PRO A 1 138 ? -7.883  3.230   -12.058 1.00 39.35 ? 136 PRO A O   1 
ATOM   994  C CB  . PRO A 1 138 ? -6.389  5.580   -10.966 1.00 38.29 ? 136 PRO A CB  1 
ATOM   995  C CG  . PRO A 1 138 ? -6.393  6.086   -9.555  1.00 37.57 ? 136 PRO A CG  1 
ATOM   996  C CD  . PRO A 1 138 ? -7.496  5.259   -8.929  1.00 37.98 ? 136 PRO A CD  1 
ATOM   997  N N   . GLY A 1 139 ? -8.808  4.758   -13.422 1.00 40.61 ? 137 GLY A N   1 
ATOM   998  C CA  . GLY A 1 139 ? -9.152  3.764   -14.423 1.00 41.67 ? 137 GLY A CA  1 
ATOM   999  C C   . GLY A 1 139 ? -10.605 3.335   -14.342 1.00 42.74 ? 137 GLY A C   1 
ATOM   1000 O O   . GLY A 1 139 ? -11.004 2.338   -14.948 1.00 43.77 ? 137 GLY A O   1 
ATOM   1001 N N   . VAL A 1 140 ? -11.399 4.083   -13.584 1.00 42.56 ? 138 VAL A N   1 
ATOM   1002 C CA  . VAL A 1 140 ? -12.820 3.788   -13.433 1.00 41.75 ? 138 VAL A CA  1 
ATOM   1003 C C   . VAL A 1 140 ? -13.631 5.063   -13.615 1.00 41.94 ? 138 VAL A C   1 
ATOM   1004 O O   . VAL A 1 140 ? -13.678 5.914   -12.726 1.00 42.47 ? 138 VAL A O   1 
ATOM   1005 C CB  . VAL A 1 140 ? -13.131 3.191   -12.047 1.00 41.25 ? 138 VAL A CB  1 
ATOM   1006 C CG1 . VAL A 1 140 ? -14.635 3.018   -11.881 1.00 41.46 ? 138 VAL A CG1 1 
ATOM   1007 C CG2 . VAL A 1 140 ? -12.430 1.856   -11.891 1.00 40.83 ? 138 VAL A CG2 1 
ATOM   1008 N N   . GLY A 1 141 ? -14.265 5.191   -14.776 1.00 41.89 ? 139 GLY A N   1 
ATOM   1009 C CA  . GLY A 1 141 ? -15.065 6.368   -15.058 1.00 42.00 ? 139 GLY A CA  1 
ATOM   1010 C C   . GLY A 1 141 ? -16.555 6.103   -14.973 1.00 40.85 ? 139 GLY A C   1 
ATOM   1011 O O   . GLY A 1 141 ? -16.982 5.058   -14.485 1.00 41.38 ? 139 GLY A O   1 
ATOM   1012 N N   . LYS A 1 142 ? -17.345 7.056   -15.457 1.00 41.57 ? 140 LYS A N   1 
ATOM   1013 C CA  . LYS A 1 142 ? -18.801 6.944   -15.438 1.00 41.77 ? 140 LYS A CA  1 
ATOM   1014 C C   . LYS A 1 142 ? -19.314 5.602   -15.962 1.00 41.34 ? 140 LYS A C   1 
ATOM   1015 O O   . LYS A 1 142 ? -20.102 4.928   -15.300 1.00 41.07 ? 140 LYS A O   1 
ATOM   1016 C CB  . LYS A 1 142 ? -19.422 8.083   -16.253 1.00 41.97 ? 140 LYS A CB  1 
ATOM   1017 C CG  . LYS A 1 142 ? -19.329 9.460   -15.599 1.00 41.55 ? 140 LYS A CG  1 
ATOM   1018 C CD  . LYS A 1 142 ? -20.145 9.518   -14.313 1.00 42.67 ? 140 LYS A CD  1 
ATOM   1019 C CE  . LYS A 1 142 ? -20.263 10.943  -13.777 1.00 43.18 ? 140 LYS A CE  1 
ATOM   1020 N NZ  . LYS A 1 142 ? -18.945 11.545  -13.433 1.00 42.64 ? 140 LYS A NZ  1 
ATOM   1021 N N   . LYS A 1 143 ? -18.866 5.216   -17.150 1.00 42.33 ? 141 LYS A N   1 
ATOM   1022 C CA  . LYS A 1 143 ? -19.302 3.958   -17.742 1.00 42.56 ? 141 LYS A CA  1 
ATOM   1023 C C   . LYS A 1 143 ? -18.982 2.766   -16.844 1.00 42.72 ? 141 LYS A C   1 
ATOM   1024 O O   . LYS A 1 143 ? -19.848 1.934   -16.567 1.00 42.82 ? 141 LYS A O   1 
ATOM   1025 C CB  . LYS A 1 143 ? -18.644 3.759   -19.110 1.00 43.48 ? 141 LYS A CB  1 
ATOM   1026 C CG  . LYS A 1 143 ? -19.134 2.522   -19.853 1.00 44.31 ? 141 LYS A CG  1 
ATOM   1027 C CD  . LYS A 1 143 ? -18.446 2.355   -21.199 1.00 45.51 ? 141 LYS A CD  1 
ATOM   1028 C CE  . LYS A 1 143 ? -16.960 2.058   -21.047 1.00 46.15 ? 141 LYS A CE  1 
ATOM   1029 N NZ  . LYS A 1 143 ? -16.293 1.901   -22.374 1.00 46.42 ? 141 LYS A NZ  1 
ATOM   1030 N N   . MET A 1 144 ? -17.738 2.695   -16.383 1.00 42.45 ? 142 MET A N   1 
ATOM   1031 C CA  . MET A 1 144 ? -17.304 1.592   -15.535 1.00 42.21 ? 142 MET A CA  1 
ATOM   1032 C C   . MET A 1 144 ? -18.017 1.531   -14.187 1.00 41.13 ? 142 MET A C   1 
ATOM   1033 O O   . MET A 1 144 ? -18.386 0.451   -13.731 1.00 39.89 ? 142 MET A O   1 
ATOM   1034 C CB  . MET A 1 144 ? -15.789 1.662   -15.314 1.00 43.64 ? 142 MET A CB  1 
ATOM   1035 C CG  . MET A 1 144 ? -15.206 0.411   -14.679 1.00 44.43 ? 142 MET A CG  1 
ATOM   1036 S SD  . MET A 1 144 ? -15.653 -1.073  -15.603 1.00 48.68 ? 142 MET A SD  1 
ATOM   1037 C CE  . MET A 1 144 ? -14.685 -0.838  -17.099 1.00 47.48 ? 142 MET A CE  1 
ATOM   1038 N N   . MET A 1 145 ? -18.210 2.679   -13.548 1.00 42.15 ? 143 MET A N   1 
ATOM   1039 C CA  . MET A 1 145 ? -18.883 2.696   -12.252 1.00 43.21 ? 143 MET A CA  1 
ATOM   1040 C C   . MET A 1 145 ? -20.287 2.108   -12.363 1.00 42.68 ? 143 MET A C   1 
ATOM   1041 O O   . MET A 1 145 ? -20.685 1.282   -11.543 1.00 42.79 ? 143 MET A O   1 
ATOM   1042 C CB  . MET A 1 145 ? -18.969 4.119   -11.698 1.00 45.64 ? 143 MET A CB  1 
ATOM   1043 C CG  . MET A 1 145 ? -19.856 5.049   -12.498 1.00 50.15 ? 143 MET A CG  1 
ATOM   1044 S SD  . MET A 1 145 ? -20.382 6.490   -11.562 1.00 55.04 ? 143 MET A SD  1 
ATOM   1045 C CE  . MET A 1 145 ? -21.788 5.814   -10.690 1.00 52.32 ? 143 MET A CE  1 
ATOM   1046 N N   . TRP A 1 146 ? -21.038 2.532   -13.375 1.00 42.34 ? 144 TRP A N   1 
ATOM   1047 C CA  . TRP A 1 146 ? -22.388 2.019   -13.563 1.00 42.06 ? 144 TRP A CA  1 
ATOM   1048 C C   . TRP A 1 146 ? -22.355 0.531   -13.879 1.00 42.13 ? 144 TRP A C   1 
ATOM   1049 O O   . TRP A 1 146 ? -23.251 -0.217  -13.484 1.00 41.66 ? 144 TRP A O   1 
ATOM   1050 C CB  . TRP A 1 146 ? -23.108 2.788   -14.674 1.00 40.62 ? 144 TRP A CB  1 
ATOM   1051 C CG  . TRP A 1 146 ? -23.622 4.124   -14.214 1.00 38.84 ? 144 TRP A CG  1 
ATOM   1052 C CD1 . TRP A 1 146 ? -23.218 5.353   -14.642 1.00 38.43 ? 144 TRP A CD1 1 
ATOM   1053 C CD2 . TRP A 1 146 ? -24.619 4.356   -13.212 1.00 38.22 ? 144 TRP A CD2 1 
ATOM   1054 N NE1 . TRP A 1 146 ? -23.899 6.340   -13.967 1.00 37.79 ? 144 TRP A NE1 1 
ATOM   1055 C CE2 . TRP A 1 146 ? -24.767 5.755   -13.083 1.00 37.78 ? 144 TRP A CE2 1 
ATOM   1056 C CE3 . TRP A 1 146 ? -25.403 3.516   -12.407 1.00 38.33 ? 144 TRP A CE3 1 
ATOM   1057 C CZ2 . TRP A 1 146 ? -25.667 6.335   -12.184 1.00 38.07 ? 144 TRP A CZ2 1 
ATOM   1058 C CZ3 . TRP A 1 146 ? -26.300 4.093   -11.512 1.00 38.38 ? 144 TRP A CZ3 1 
ATOM   1059 C CH2 . TRP A 1 146 ? -26.424 5.490   -11.409 1.00 38.77 ? 144 TRP A CH2 1 
ATOM   1060 N N   . ALA A 1 147 ? -21.314 0.103   -14.585 1.00 42.20 ? 145 ALA A N   1 
ATOM   1061 C CA  . ALA A 1 147 ? -21.161 -1.304  -14.933 1.00 42.37 ? 145 ALA A CA  1 
ATOM   1062 C C   . ALA A 1 147 ? -20.956 -2.105  -13.654 1.00 42.64 ? 145 ALA A C   1 
ATOM   1063 O O   . ALA A 1 147 ? -21.466 -3.218  -13.512 1.00 42.19 ? 145 ALA A O   1 
ATOM   1064 C CB  . ALA A 1 147 ? -19.970 -1.487  -15.867 1.00 42.65 ? 145 ALA A CB  1 
ATOM   1065 N N   . ILE A 1 148 ? -20.205 -1.524  -12.719 1.00 42.77 ? 146 ILE A N   1 
ATOM   1066 C CA  . ILE A 1 148 ? -19.925 -2.166  -11.440 1.00 42.05 ? 146 ILE A CA  1 
ATOM   1067 C C   . ILE A 1 148 ? -21.179 -2.181  -10.570 1.00 42.95 ? 146 ILE A C   1 
ATOM   1068 O O   . ILE A 1 148 ? -21.468 -3.166  -9.890  1.00 42.56 ? 146 ILE A O   1 
ATOM   1069 C CB  . ILE A 1 148 ? -18.801 -1.420  -10.678 1.00 41.69 ? 146 ILE A CB  1 
ATOM   1070 C CG1 . ILE A 1 148 ? -17.513 -1.432  -11.507 1.00 40.82 ? 146 ILE A CG1 1 
ATOM   1071 C CG2 . ILE A 1 148 ? -18.567 -2.069  -9.320  1.00 39.96 ? 146 ILE A CG2 1 
ATOM   1072 C CD1 . ILE A 1 148 ? -16.383 -0.614  -10.908 1.00 37.97 ? 146 ILE A CD1 1 
ATOM   1073 N N   . ILE A 1 149 ? -21.921 -1.077  -10.601 1.00 43.91 ? 147 ILE A N   1 
ATOM   1074 C CA  . ILE A 1 149 ? -23.146 -0.948  -9.819  1.00 45.57 ? 147 ILE A CA  1 
ATOM   1075 C C   . ILE A 1 149 ? -24.231 -1.880  -10.353 1.00 46.60 ? 147 ILE A C   1 
ATOM   1076 O O   . ILE A 1 149 ? -24.988 -2.470  -9.582  1.00 47.80 ? 147 ILE A O   1 
ATOM   1077 C CB  . ILE A 1 149 ? -23.667 0.505   -9.852  1.00 45.26 ? 147 ILE A CB  1 
ATOM   1078 C CG1 . ILE A 1 149 ? -22.603 1.444   -9.274  1.00 45.55 ? 147 ILE A CG1 1 
ATOM   1079 C CG2 . ILE A 1 149 ? -24.963 0.617   -9.059  1.00 45.13 ? 147 ILE A CG2 1 
ATOM   1080 C CD1 . ILE A 1 149 ? -22.973 2.913   -9.333  1.00 45.34 ? 147 ILE A CD1 1 
ATOM   1081 N N   . GLU A 1 150 ? -24.295 -2.011  -11.674 1.00 47.76 ? 148 GLU A N   1 
ATOM   1082 C CA  . GLU A 1 150 ? -25.287 -2.868  -12.316 1.00 48.63 ? 148 GLU A CA  1 
ATOM   1083 C C   . GLU A 1 150 ? -25.125 -4.324  -11.898 1.00 49.56 ? 148 GLU A C   1 
ATOM   1084 O O   . GLU A 1 150 ? -26.109 -5.040  -11.712 1.00 50.56 ? 148 GLU A O   1 
ATOM   1085 C CB  . GLU A 1 150 ? -25.172 -2.746  -13.832 1.00 48.54 ? 148 GLU A CB  1 
ATOM   1086 N N   . GLU A 1 151 ? -23.878 -4.763  -11.752 1.00 49.71 ? 149 GLU A N   1 
ATOM   1087 C CA  . GLU A 1 151 ? -23.596 -6.137  -11.361 1.00 49.06 ? 149 GLU A CA  1 
ATOM   1088 C C   . GLU A 1 151 ? -23.788 -6.334  -9.862  1.00 49.21 ? 149 GLU A C   1 
ATOM   1089 O O   . GLU A 1 151 ? -24.223 -7.396  -9.419  1.00 49.59 ? 149 GLU A O   1 
ATOM   1090 C CB  . GLU A 1 151 ? -22.176 -6.509  -11.757 1.00 49.07 ? 149 GLU A CB  1 
ATOM   1091 N N   . ARG A 1 152 ? -23.467 -5.304  -9.086  1.00 49.03 ? 150 ARG A N   1 
ATOM   1092 C CA  . ARG A 1 152 ? -23.600 -5.371  -7.637  1.00 48.44 ? 150 ARG A CA  1 
ATOM   1093 C C   . ARG A 1 152 ? -25.030 -5.702  -7.214  1.00 48.37 ? 150 ARG A C   1 
ATOM   1094 O O   . ARG A 1 152 ? -25.248 -6.420  -6.240  1.00 49.64 ? 150 ARG A O   1 
ATOM   1095 C CB  . ARG A 1 152 ? -23.186 -4.041  -7.007  1.00 48.25 ? 150 ARG A CB  1 
ATOM   1096 C CG  . ARG A 1 152 ? -23.181 -4.055  -5.489  1.00 47.47 ? 150 ARG A CG  1 
ATOM   1097 C CD  . ARG A 1 152 ? -23.190 -2.643  -4.932  1.00 47.36 ? 150 ARG A CD  1 
ATOM   1098 N NE  . ARG A 1 152 ? -22.092 -1.834  -5.449  1.00 45.08 ? 150 ARG A NE  1 
ATOM   1099 C CZ  . ARG A 1 152 ? -21.947 -0.535  -5.207  1.00 45.08 ? 150 ARG A CZ  1 
ATOM   1100 N NH1 . ARG A 1 152 ? -22.834 0.104   -4.454  1.00 44.32 ? 150 ARG A NH1 1 
ATOM   1101 N NH2 . ARG A 1 152 ? -20.911 0.124   -5.710  1.00 44.86 ? 150 ARG A NH2 1 
ATOM   1102 N N   . LYS A 1 153 ? -26.000 -5.168  -7.950  1.00 47.34 ? 151 LYS A N   1 
ATOM   1103 C CA  . LYS A 1 153 ? -27.412 -5.395  -7.652  1.00 46.60 ? 151 LYS A CA  1 
ATOM   1104 C C   . LYS A 1 153 ? -27.729 -6.882  -7.548  1.00 46.82 ? 151 LYS A C   1 
ATOM   1105 O O   . LYS A 1 153 ? -28.196 -7.353  -6.510  1.00 49.46 ? 151 LYS A O   1 
ATOM   1106 C CB  . LYS A 1 153 ? -28.282 -4.760  -8.738  1.00 42.21 ? 151 LYS A CB  1 
ATOM   1107 C CG  . LYS A 1 153 ? -27.867 -3.342  -9.088  1.00 43.24 ? 151 LYS A CG  1 
ATOM   1108 C CD  . LYS A 1 153 ? -27.996 -2.406  -7.898  1.00 39.05 ? 151 LYS A CD  1 
ATOM   1109 C CE  . LYS A 1 153 ? -29.311 -1.654  -7.941  1.00 37.75 ? 151 LYS A CE  1 
ATOM   1110 N NZ  . LYS A 1 153 ? -29.306 -0.660  -9.050  1.00 37.89 ? 151 LYS A NZ  1 
ATOM   1111 N N   . LYS A 1 154 ? -27.472 -7.612  -8.629  1.00 46.76 ? 152 LYS A N   1 
ATOM   1112 C CA  . LYS A 1 154 ? -27.725 -9.047  -8.669  1.00 46.94 ? 152 LYS A CA  1 
ATOM   1113 C C   . LYS A 1 154 ? -27.308 -9.702  -7.357  1.00 48.04 ? 152 LYS A C   1 
ATOM   1114 O O   . LYS A 1 154 ? -28.148 -10.034 -6.520  1.00 50.61 ? 152 LYS A O   1 
ATOM   1115 C CB  . LYS A 1 154 ? -26.946 -9.690  -9.815  1.00 42.27 ? 152 LYS A CB  1 
ATOM   1116 C CG  . LYS A 1 154 ? -27.204 -9.090  -11.187 1.00 42.89 ? 152 LYS A CG  1 
ATOM   1117 C CD  . LYS A 1 154 ? -26.364 -9.812  -12.224 1.00 38.99 ? 152 LYS A CD  1 
ATOM   1118 C CE  . LYS A 1 154 ? -26.535 -9.216  -13.604 1.00 35.44 ? 152 LYS A CE  1 
ATOM   1119 N NZ  . LYS A 1 154 ? -25.561 -9.838  -14.546 1.00 39.14 ? 152 LYS A NZ  1 
ATOM   1120 N N   . ARG A 1 155 ? -26.002 -9.879  -7.189  1.00 49.04 ? 153 ARG A N   1 
ATOM   1121 C CA  . ARG A 1 155 ? -25.451 -10.489 -5.986  1.00 48.09 ? 153 ARG A CA  1 
ATOM   1122 C C   . ARG A 1 155 ? -24.137 -9.803  -5.625  1.00 48.69 ? 153 ARG A C   1 
ATOM   1123 O O   . ARG A 1 155 ? -23.312 -9.529  -6.496  1.00 47.64 ? 153 ARG A O   1 
ATOM   1124 C CB  . ARG A 1 155 ? -25.216 -11.978 -6.219  1.00 49.86 ? 153 ARG A CB  1 
ATOM   1125 N N   . PRO A 1 156 ? -23.927 -9.513  -4.333  1.00 48.97 ? 154 PRO A N   1 
ATOM   1126 C CA  . PRO A 1 156 ? -22.685 -8.855  -3.921  1.00 47.36 ? 154 PRO A CA  1 
ATOM   1127 C C   . PRO A 1 156 ? -21.473 -9.696  -4.302  1.00 45.35 ? 154 PRO A C   1 
ATOM   1128 O O   . PRO A 1 156 ? -21.521 -10.925 -4.245  1.00 47.79 ? 154 PRO A O   1 
ATOM   1129 C CB  . PRO A 1 156 ? -22.856 -8.719  -2.410  1.00 44.23 ? 154 PRO A CB  1 
ATOM   1130 C CG  . PRO A 1 156 ? -23.696 -9.914  -2.062  1.00 51.53 ? 154 PRO A CG  1 
ATOM   1131 C CD  . PRO A 1 156 ? -24.730 -9.905  -3.162  1.00 51.46 ? 154 PRO A CD  1 
ATOM   1132 N N   . PHE A 1 157 ? -20.391 -9.034  -4.701  1.00 45.33 ? 155 PHE A N   1 
ATOM   1133 C CA  . PHE A 1 157 ? -19.181 -9.745  -5.090  1.00 45.15 ? 155 PHE A CA  1 
ATOM   1134 C C   . PHE A 1 157 ? -18.619 -10.515 -3.903  1.00 47.10 ? 155 PHE A C   1 
ATOM   1135 O O   . PHE A 1 157 ? -18.670 -10.046 -2.766  1.00 49.46 ? 155 PHE A O   1 
ATOM   1136 C CB  . PHE A 1 157 ? -18.128 -8.771  -5.617  1.00 40.11 ? 155 PHE A CB  1 
ATOM   1137 C CG  . PHE A 1 157 ? -18.647 -7.819  -6.654  1.00 38.48 ? 155 PHE A CG  1 
ATOM   1138 C CD1 . PHE A 1 157 ? -19.161 -6.582  -6.281  1.00 36.78 ? 155 PHE A CD1 1 
ATOM   1139 C CD2 . PHE A 1 157 ? -18.620 -8.154  -8.008  1.00 36.23 ? 155 PHE A CD2 1 
ATOM   1140 C CE1 . PHE A 1 157 ? -19.637 -5.687  -7.239  1.00 36.05 ? 155 PHE A CE1 1 
ATOM   1141 C CE2 . PHE A 1 157 ? -19.096 -7.267  -8.974  1.00 34.33 ? 155 PHE A CE2 1 
ATOM   1142 C CZ  . PHE A 1 157 ? -19.606 -6.030  -8.591  1.00 34.28 ? 155 PHE A CZ  1 
ATOM   1143 N N   . GLU A 1 158 ? -18.082 -11.700 -4.171  1.00 49.69 ? 156 GLU A N   1 
ATOM   1144 C CA  . GLU A 1 158 ? -17.522 -12.534 -3.118  1.00 50.92 ? 156 GLU A CA  1 
ATOM   1145 C C   . GLU A 1 158 ? -16.000 -12.597 -3.188  1.00 51.04 ? 156 GLU A C   1 
ATOM   1146 O O   . GLU A 1 158 ? -15.369 -13.304 -2.400  1.00 51.64 ? 156 GLU A O   1 
ATOM   1147 C CB  . GLU A 1 158 ? -18.107 -13.939 -3.205  1.00 51.72 ? 156 GLU A CB  1 
ATOM   1148 N N   . SER A 1 159 ? -15.414 -11.855 -4.124  1.00 50.23 ? 157 SER A N   1 
ATOM   1149 C CA  . SER A 1 159 ? -13.963 -11.844 -4.287  1.00 50.78 ? 157 SER A CA  1 
ATOM   1150 C C   . SER A 1 159 ? -13.499 -10.956 -5.440  1.00 50.30 ? 157 SER A C   1 
ATOM   1151 O O   . SER A 1 159 ? -14.300 -10.258 -6.066  1.00 50.80 ? 157 SER A O   1 
ATOM   1152 C CB  . SER A 1 159 ? -13.464 -13.268 -4.523  1.00 48.66 ? 157 SER A CB  1 
ATOM   1153 O OG  . SER A 1 159 ? -14.128 -13.844 -5.633  1.00 52.06 ? 157 SER A OG  1 
ATOM   1154 N N   . PHE A 1 160 ? -12.196 -10.993 -5.711  1.00 50.87 ? 158 PHE A N   1 
ATOM   1155 C CA  . PHE A 1 160 ? -11.601 -10.205 -6.785  1.00 50.47 ? 158 PHE A CA  1 
ATOM   1156 C C   . PHE A 1 160 ? -11.843 -10.891 -8.122  1.00 49.71 ? 158 PHE A C   1 
ATOM   1157 O O   . PHE A 1 160 ? -12.219 -10.250 -9.101  1.00 50.06 ? 158 PHE A O   1 
ATOM   1158 C CB  . PHE A 1 160 ? -10.103 -10.039 -6.547  1.00 50.57 ? 158 PHE A CB  1 
ATOM   1159 N N   . GLU A 1 161 ? -11.614 -12.199 -8.152  1.00 47.89 ? 159 GLU A N   1 
ATOM   1160 C CA  . GLU A 1 161 ? -11.816 -12.988 -9.360  1.00 47.04 ? 159 GLU A CA  1 
ATOM   1161 C C   . GLU A 1 161 ? -13.286 -12.866 -9.756  1.00 47.18 ? 159 GLU A C   1 
ATOM   1162 O O   . GLU A 1 161 ? -13.626 -12.828 -10.940 1.00 48.56 ? 159 GLU A O   1 
ATOM   1163 C CB  . GLU A 1 161 ? -11.451 -14.452 -9.087  1.00 42.49 ? 159 GLU A CB  1 
ATOM   1164 C CG  . GLU A 1 161 ? -11.520 -15.385 -10.292 1.00 44.34 ? 159 GLU A CG  1 
ATOM   1165 C CD  . GLU A 1 161 ? -10.557 -15.004 -11.395 1.00 44.31 ? 159 GLU A CD  1 
ATOM   1166 O OE1 . GLU A 1 161 ? -9.354  -14.794 -11.113 1.00 43.26 ? 159 GLU A OE1 1 
ATOM   1167 O OE2 . GLU A 1 161 ? -10.995 -14.928 -12.560 1.00 42.88 ? 159 GLU A OE2 1 
ATOM   1168 N N   . ASP A 1 162 ? -14.151 -12.791 -8.750  1.00 48.40 ? 160 ASP A N   1 
ATOM   1169 C CA  . ASP A 1 162 ? -15.588 -12.662 -8.965  1.00 49.44 ? 160 ASP A CA  1 
ATOM   1170 C C   . ASP A 1 162 ? -15.910 -11.333 -9.643  1.00 49.29 ? 160 ASP A C   1 
ATOM   1171 O O   . ASP A 1 162 ? -16.842 -11.242 -10.441 1.00 49.17 ? 160 ASP A O   1 
ATOM   1172 C CB  . ASP A 1 162 ? -16.326 -12.756 -7.626  1.00 50.86 ? 160 ASP A CB  1 
ATOM   1173 C CG  . ASP A 1 162 ? -17.830 -12.633 -7.778  1.00 52.11 ? 160 ASP A CG  1 
ATOM   1174 O OD1 . ASP A 1 162 ? -18.429 -13.462 -8.495  1.00 52.70 ? 160 ASP A OD1 1 
ATOM   1175 O OD2 . ASP A 1 162 ? -18.414 -11.705 -7.179  1.00 53.72 ? 160 ASP A OD2 1 
ATOM   1176 N N   . ILE A 1 163 ? -15.130 -10.307 -9.318  1.00 48.28 ? 161 ILE A N   1 
ATOM   1177 C CA  . ILE A 1 163 ? -15.321 -8.982  -9.895  1.00 47.12 ? 161 ILE A CA  1 
ATOM   1178 C C   . ILE A 1 163 ? -14.820 -8.932  -11.335 1.00 47.33 ? 161 ILE A C   1 
ATOM   1179 O O   . ILE A 1 163 ? -15.477 -8.371  -12.214 1.00 47.27 ? 161 ILE A O   1 
ATOM   1180 C CB  . ILE A 1 163 ? -14.570 -7.900  -9.078  1.00 46.22 ? 161 ILE A CB  1 
ATOM   1181 C CG1 . ILE A 1 163 ? -15.186 -7.778  -7.682  1.00 46.40 ? 161 ILE A CG1 1 
ATOM   1182 C CG2 . ILE A 1 163 ? -14.618 -6.565  -9.810  1.00 45.89 ? 161 ILE A CG2 1 
ATOM   1183 C CD1 . ILE A 1 163 ? -14.532 -6.724  -6.805  1.00 46.50 ? 161 ILE A CD1 1 
ATOM   1184 N N   . ALA A 1 164 ? -13.652 -9.522  -11.568 1.00 46.83 ? 162 ALA A N   1 
ATOM   1185 C CA  . ALA A 1 164 ? -13.048 -9.545  -12.896 1.00 47.45 ? 162 ALA A CA  1 
ATOM   1186 C C   . ALA A 1 164 ? -13.840 -10.415 -13.869 1.00 47.69 ? 162 ALA A C   1 
ATOM   1187 O O   . ALA A 1 164 ? -13.768 -10.223 -15.084 1.00 48.13 ? 162 ALA A O   1 
ATOM   1188 C CB  . ALA A 1 164 ? -11.610 -10.048 -12.805 1.00 46.07 ? 162 ALA A CB  1 
ATOM   1189 N N   . GLN A 1 165 ? -14.594 -11.366 -13.330 1.00 48.61 ? 163 GLN A N   1 
ATOM   1190 C CA  . GLN A 1 165 ? -15.390 -12.273 -14.150 1.00 49.47 ? 163 GLN A CA  1 
ATOM   1191 C C   . GLN A 1 165 ? -16.769 -11.708 -14.483 1.00 50.00 ? 163 GLN A C   1 
ATOM   1192 O O   . GLN A 1 165 ? -17.238 -11.817 -15.617 1.00 50.40 ? 163 GLN A O   1 
ATOM   1193 C CB  . GLN A 1 165 ? -15.535 -13.617 -13.439 1.00 49.06 ? 163 GLN A CB  1 
ATOM   1194 N N   . ARG A 1 166 ? -17.412 -11.101 -13.491 1.00 50.52 ? 164 ARG A N   1 
ATOM   1195 C CA  . ARG A 1 166 ? -18.742 -10.532 -13.673 1.00 50.57 ? 164 ARG A CA  1 
ATOM   1196 C C   . ARG A 1 166 ? -18.716 -9.173  -14.366 1.00 51.00 ? 164 ARG A C   1 
ATOM   1197 O O   . ARG A 1 166 ? -19.417 -8.963  -15.354 1.00 51.52 ? 164 ARG A O   1 
ATOM   1198 C CB  . ARG A 1 166 ? -19.439 -10.420 -12.318 1.00 51.07 ? 164 ARG A CB  1 
ATOM   1199 C CG  . ARG A 1 166 ? -19.704 -11.771 -11.671 1.00 50.29 ? 164 ARG A CG  1 
ATOM   1200 C CD  . ARG A 1 166 ? -20.137 -11.615 -10.227 1.00 49.90 ? 164 ARG A CD  1 
ATOM   1201 N NE  . ARG A 1 166 ? -21.218 -10.647 -10.092 1.00 50.19 ? 164 ARG A NE  1 
ATOM   1202 C CZ  . ARG A 1 166 ? -21.784 -10.317 -8.937  1.00 50.18 ? 164 ARG A CZ  1 
ATOM   1203 N NH1 . ARG A 1 166 ? -21.373 -10.880 -7.810  1.00 50.03 ? 164 ARG A NH1 1 
ATOM   1204 N NH2 . ARG A 1 166 ? -22.757 -9.419  -8.912  1.00 49.64 ? 164 ARG A NH2 1 
ATOM   1205 N N   . VAL A 1 167 ? -17.917 -8.248  -13.846 1.00 51.05 ? 165 VAL A N   1 
ATOM   1206 C CA  . VAL A 1 167 ? -17.813 -6.924  -14.449 1.00 50.66 ? 165 VAL A CA  1 
ATOM   1207 C C   . VAL A 1 167 ? -16.966 -7.038  -15.712 1.00 50.53 ? 165 VAL A C   1 
ATOM   1208 O O   . VAL A 1 167 ? -15.740 -7.051  -15.648 1.00 50.89 ? 165 VAL A O   1 
ATOM   1209 C CB  . VAL A 1 167 ? -17.173 -5.949  -13.471 1.00 51.00 ? 165 VAL A CB  1 
ATOM   1210 N N   . LYS A 1 168 ? -17.629 -7.127  -16.860 1.00 50.60 ? 166 LYS A N   1 
ATOM   1211 C CA  . LYS A 1 168 ? -16.936 -7.257  -18.136 1.00 50.28 ? 166 LYS A CA  1 
ATOM   1212 C C   . LYS A 1 168 ? -16.084 -6.040  -18.479 1.00 50.30 ? 166 LYS A C   1 
ATOM   1213 O O   . LYS A 1 168 ? -16.511 -4.898  -18.303 1.00 50.40 ? 166 LYS A O   1 
ATOM   1214 C CB  . LYS A 1 168 ? -17.946 -7.516  -19.252 1.00 50.16 ? 166 LYS A CB  1 
ATOM   1215 N N   . GLY A 1 169 ? -14.874 -6.304  -18.966 1.00 50.25 ? 167 GLY A N   1 
ATOM   1216 C CA  . GLY A 1 169 ? -13.929 -5.264  -19.369 1.00 50.05 ? 167 GLY A CA  1 
ATOM   1217 C C   . GLY A 1 169 ? -13.288 -4.497  -18.216 1.00 49.96 ? 167 GLY A C   1 
ATOM   1218 O O   . GLY A 1 169 ? -12.472 -3.601  -18.444 1.00 49.84 ? 167 GLY A O   1 
ATOM   1219 N N   . ILE A 1 170 ? -13.640 -4.842  -16.984 1.00 49.27 ? 168 ILE A N   1 
ATOM   1220 C CA  . ILE A 1 170 ? -13.066 -4.146  -15.838 1.00 48.79 ? 168 ILE A CA  1 
ATOM   1221 C C   . ILE A 1 170 ? -11.627 -4.591  -15.603 1.00 49.13 ? 168 ILE A C   1 
ATOM   1222 O O   . ILE A 1 170 ? -11.328 -5.786  -15.602 1.00 49.08 ? 168 ILE A O   1 
ATOM   1223 C CB  . ILE A 1 170 ? -13.882 -4.391  -14.546 1.00 48.23 ? 168 ILE A CB  1 
ATOM   1224 C CG1 . ILE A 1 170 ? -13.431 -3.410  -13.461 1.00 47.97 ? 168 ILE A CG1 1 
ATOM   1225 C CG2 . ILE A 1 170 ? -13.686 -5.823  -14.057 1.00 48.02 ? 168 ILE A CG2 1 
ATOM   1226 C CD1 . ILE A 1 170 ? -14.212 -3.515  -12.172 1.00 46.80 ? 168 ILE A CD1 1 
ATOM   1227 N N   . GLN A 1 171 ? -10.737 -3.622  -15.418 1.00 49.06 ? 169 GLN A N   1 
ATOM   1228 C CA  . GLN A 1 171 ? -9.334  -3.922  -15.168 1.00 48.43 ? 169 GLN A CA  1 
ATOM   1229 C C   . GLN A 1 171 ? -9.276  -4.666  -13.839 1.00 47.45 ? 169 GLN A C   1 
ATOM   1230 O O   . GLN A 1 171 ? -10.206 -4.564  -13.036 1.00 47.51 ? 169 GLN A O   1 
ATOM   1231 C CB  . GLN A 1 171 ? -8.532  -2.619  -15.097 1.00 50.15 ? 169 GLN A CB  1 
ATOM   1232 C CG  . GLN A 1 171 ? -7.026  -2.803  -15.162 1.00 52.62 ? 169 GLN A CG  1 
ATOM   1233 C CD  . GLN A 1 171 ? -6.292  -1.501  -15.430 1.00 53.05 ? 169 GLN A CD  1 
ATOM   1234 O OE1 . GLN A 1 171 ? -5.070  -1.484  -15.585 1.00 53.19 ? 169 GLN A OE1 1 
ATOM   1235 N NE2 . GLN A 1 171 ? -7.037  -0.401  -15.488 1.00 53.38 ? 169 GLN A NE2 1 
ATOM   1236 N N   . ARG A 1 172 ? -8.209  -5.428  -13.605 1.00 46.00 ? 170 ARG A N   1 
ATOM   1237 C CA  . ARG A 1 172 ? -8.096  -6.169  -12.350 1.00 44.50 ? 170 ARG A CA  1 
ATOM   1238 C C   . ARG A 1 172 ? -8.431  -5.258  -11.178 1.00 43.06 ? 170 ARG A C   1 
ATOM   1239 O O   . ARG A 1 172 ? -7.875  -4.169  -11.049 1.00 42.80 ? 170 ARG A O   1 
ATOM   1240 C CB  . ARG A 1 172 ? -6.683  -6.736  -12.173 1.00 44.95 ? 170 ARG A CB  1 
ATOM   1241 C CG  . ARG A 1 172 ? -6.365  -7.917  -13.077 1.00 46.65 ? 170 ARG A CG  1 
ATOM   1242 C CD  . ARG A 1 172 ? -7.319  -9.080  -12.836 1.00 47.15 ? 170 ARG A CD  1 
ATOM   1243 N NE  . ARG A 1 172 ? -7.195  -9.653  -11.498 1.00 47.63 ? 170 ARG A NE  1 
ATOM   1244 C CZ  . ARG A 1 172 ? -7.904  -10.693 -11.065 1.00 48.32 ? 170 ARG A CZ  1 
ATOM   1245 N NH1 . ARG A 1 172 ? -8.788  -11.273 -11.865 1.00 49.49 ? 170 ARG A NH1 1 
ATOM   1246 N NH2 . ARG A 1 172 ? -7.725  -11.158 -9.838  1.00 48.66 ? 170 ARG A NH2 1 
ATOM   1247 N N   . PRO A 1 173 ? -9.360  -5.690  -10.311 1.00 41.52 ? 171 PRO A N   1 
ATOM   1248 C CA  . PRO A 1 173 ? -9.744  -4.876  -9.156  1.00 40.29 ? 171 PRO A CA  1 
ATOM   1249 C C   . PRO A 1 173 ? -8.558  -4.535  -8.258  1.00 38.82 ? 171 PRO A C   1 
ATOM   1250 O O   . PRO A 1 173 ? -8.500  -3.444  -7.691  1.00 38.15 ? 171 PRO A O   1 
ATOM   1251 C CB  . PRO A 1 173 ? -10.791 -5.741  -8.454  1.00 40.53 ? 171 PRO A CB  1 
ATOM   1252 C CG  . PRO A 1 173 ? -10.397 -7.136  -8.831  1.00 41.60 ? 171 PRO A CG  1 
ATOM   1253 C CD  . PRO A 1 173 ? -10.048 -6.992  -10.289 1.00 41.23 ? 171 PRO A CD  1 
ATOM   1254 N N   . GLU A 1 174 ? -7.611  -5.462  -8.141  1.00 37.58 ? 172 GLU A N   1 
ATOM   1255 C CA  . GLU A 1 174 ? -6.433  -5.230  -7.312  1.00 37.06 ? 172 GLU A CA  1 
ATOM   1256 C C   . GLU A 1 174 ? -5.629  -4.062  -7.862  1.00 35.13 ? 172 GLU A C   1 
ATOM   1257 O O   . GLU A 1 174 ? -5.171  -3.203  -7.109  1.00 34.70 ? 172 GLU A O   1 
ATOM   1258 C CB  . GLU A 1 174 ? -5.540  -6.475  -7.261  1.00 37.86 ? 172 GLU A CB  1 
ATOM   1259 C CG  . GLU A 1 174 ? -6.236  -7.723  -6.755  1.00 40.16 ? 172 GLU A CG  1 
ATOM   1260 C CD  . GLU A 1 174 ? -6.831  -8.548  -7.877  1.00 41.42 ? 172 GLU A CD  1 
ATOM   1261 O OE1 . GLU A 1 174 ? -7.532  -7.973  -8.735  1.00 41.96 ? 172 GLU A OE1 1 
ATOM   1262 O OE2 . GLU A 1 174 ? -6.595  -9.773  -7.897  1.00 42.06 ? 172 GLU A OE2 1 
ATOM   1263 N N   . LYS A 1 175 ? -5.462  -4.035  -9.179  1.00 34.39 ? 173 LYS A N   1 
ATOM   1264 C CA  . LYS A 1 175 ? -4.708  -2.970  -9.829  1.00 35.35 ? 173 LYS A CA  1 
ATOM   1265 C C   . LYS A 1 175 ? -5.381  -1.623  -9.611  1.00 34.30 ? 173 LYS A C   1 
ATOM   1266 O O   . LYS A 1 175 ? -4.713  -0.605  -9.422  1.00 33.45 ? 173 LYS A O   1 
ATOM   1267 C CB  . LYS A 1 175 ? -4.578  -3.246  -11.328 1.00 37.05 ? 173 LYS A CB  1 
ATOM   1268 C CG  . LYS A 1 175 ? -3.775  -2.190  -12.065 1.00 41.22 ? 173 LYS A CG  1 
ATOM   1269 C CD  . LYS A 1 175 ? -3.393  -2.641  -13.463 1.00 43.39 ? 173 LYS A CD  1 
ATOM   1270 C CE  . LYS A 1 175 ? -2.488  -1.615  -14.124 1.00 45.77 ? 173 LYS A CE  1 
ATOM   1271 N NZ  . LYS A 1 175 ? -1.275  -1.358  -13.295 1.00 46.36 ? 173 LYS A NZ  1 
ATOM   1272 N N   . LEU A 1 176 ? -6.710  -1.620  -9.645  1.00 32.72 ? 174 LEU A N   1 
ATOM   1273 C CA  . LEU A 1 176 ? -7.464  -0.394  -9.433  1.00 31.83 ? 174 LEU A CA  1 
ATOM   1274 C C   . LEU A 1 176 ? -7.204  0.105   -8.020  1.00 29.49 ? 174 LEU A C   1 
ATOM   1275 O O   . LEU A 1 176 ? -6.979  1.294   -7.803  1.00 27.38 ? 174 LEU A O   1 
ATOM   1276 C CB  . LEU A 1 176 ? -8.962  -0.649  -9.615  1.00 32.06 ? 174 LEU A CB  1 
ATOM   1277 C CG  . LEU A 1 176 ? -9.447  -1.066  -11.004 1.00 32.59 ? 174 LEU A CG  1 
ATOM   1278 C CD1 . LEU A 1 176 ? -10.931 -1.401  -10.926 1.00 33.77 ? 174 LEU A CD1 1 
ATOM   1279 C CD2 . LEU A 1 176 ? -9.196  0.052   -12.008 1.00 32.33 ? 174 LEU A CD2 1 
ATOM   1280 N N   . ILE A 1 177 ? -7.238  -0.814  -7.061  1.00 27.75 ? 175 ILE A N   1 
ATOM   1281 C CA  . ILE A 1 177 ? -7.002  -0.463  -5.667  1.00 28.17 ? 175 ILE A CA  1 
ATOM   1282 C C   . ILE A 1 177 ? -5.572  0.041   -5.469  1.00 27.05 ? 175 ILE A C   1 
ATOM   1283 O O   . ILE A 1 177 ? -5.356  1.074   -4.839  1.00 25.62 ? 175 ILE A O   1 
ATOM   1284 C CB  . ILE A 1 177 ? -7.241  -1.670  -4.735  1.00 28.32 ? 175 ILE A CB  1 
ATOM   1285 C CG1 . ILE A 1 177 ? -8.707  -2.099  -4.802  1.00 30.00 ? 175 ILE A CG1 1 
ATOM   1286 C CG2 . ILE A 1 177 ? -6.864  -1.307  -3.306  1.00 29.08 ? 175 ILE A CG2 1 
ATOM   1287 C CD1 . ILE A 1 177 ? -9.685  -1.030  -4.349  1.00 30.28 ? 175 ILE A CD1 1 
ATOM   1288 N N   . VAL A 1 178 ? -4.601  -0.689  -6.009  1.00 26.69 ? 176 VAL A N   1 
ATOM   1289 C CA  . VAL A 1 178 ? -3.199  -0.293  -5.883  1.00 25.62 ? 176 VAL A CA  1 
ATOM   1290 C C   . VAL A 1 178 ? -2.988  1.105   -6.453  1.00 25.33 ? 176 VAL A C   1 
ATOM   1291 O O   . VAL A 1 178 ? -2.283  1.923   -5.859  1.00 24.72 ? 176 VAL A O   1 
ATOM   1292 C CB  . VAL A 1 178 ? -2.262  -1.286  -6.614  1.00 24.60 ? 176 VAL A CB  1 
ATOM   1293 C CG1 . VAL A 1 178 ? -0.835  -0.764  -6.600  1.00 24.70 ? 176 VAL A CG1 1 
ATOM   1294 C CG2 . VAL A 1 178 ? -2.330  -2.647  -5.941  1.00 24.94 ? 176 VAL A CG2 1 
ATOM   1295 N N   . SER A 1 179 ? -3.604  1.374   -7.602  1.00 25.25 ? 177 SER A N   1 
ATOM   1296 C CA  . SER A 1 179 ? -3.491  2.679   -8.245  1.00 25.45 ? 177 SER A CA  1 
ATOM   1297 C C   . SER A 1 179 ? -4.011  3.790   -7.347  1.00 23.98 ? 177 SER A C   1 
ATOM   1298 O O   . SER A 1 179 ? -3.410  4.860   -7.269  1.00 24.19 ? 177 SER A O   1 
ATOM   1299 C CB  . SER A 1 179 ? -4.267  2.703   -9.567  1.00 27.08 ? 177 SER A CB  1 
ATOM   1300 O OG  . SER A 1 179 ? -3.602  1.958   -10.568 1.00 29.81 ? 177 SER A OG  1 
ATOM   1301 N N   . ARG A 1 180 ? -5.134  3.542   -6.676  1.00 23.48 ? 178 ARG A N   1 
ATOM   1302 C CA  . ARG A 1 180 ? -5.708  4.546   -5.788  1.00 23.42 ? 178 ARG A CA  1 
ATOM   1303 C C   . ARG A 1 180 ? -4.817  4.771   -4.572  1.00 23.85 ? 178 ARG A C   1 
ATOM   1304 O O   . ARG A 1 180 ? -4.549  5.909   -4.194  1.00 24.00 ? 178 ARG A O   1 
ATOM   1305 C CB  . ARG A 1 180 ? -7.114  4.138   -5.334  1.00 23.36 ? 178 ARG A CB  1 
ATOM   1306 C CG  . ARG A 1 180 ? -7.769  5.137   -4.378  1.00 24.66 ? 178 ARG A CG  1 
ATOM   1307 C CD  . ARG A 1 180 ? -7.897  6.523   -5.007  1.00 23.82 ? 178 ARG A CD  1 
ATOM   1308 N NE  . ARG A 1 180 ? -8.298  7.535   -4.031  1.00 25.77 ? 178 ARG A NE  1 
ATOM   1309 C CZ  . ARG A 1 180 ? -8.521  8.812   -4.325  1.00 24.34 ? 178 ARG A CZ  1 
ATOM   1310 N NH1 . ARG A 1 180 ? -8.389  9.245   -5.570  1.00 26.92 ? 178 ARG A NH1 1 
ATOM   1311 N NH2 . ARG A 1 180 ? -8.865  9.664   -3.368  1.00 26.83 ? 178 ARG A NH2 1 
ATOM   1312 N N   . ILE A 1 181 ? -4.349  3.687   -3.962  1.00 21.90 ? 179 ILE A N   1 
ATOM   1313 C CA  . ILE A 1 181 ? -3.483  3.813   -2.792  1.00 23.18 ? 179 ILE A CA  1 
ATOM   1314 C C   . ILE A 1 181 ? -2.227  4.614   -3.132  1.00 22.79 ? 179 ILE A C   1 
ATOM   1315 O O   . ILE A 1 181 ? -1.853  5.540   -2.412  1.00 22.47 ? 179 ILE A O   1 
ATOM   1316 C CB  . ILE A 1 181 ? -3.095  2.425   -2.240  1.00 24.12 ? 179 ILE A CB  1 
ATOM   1317 C CG1 . ILE A 1 181 ? -4.350  1.730   -1.700  1.00 22.61 ? 179 ILE A CG1 1 
ATOM   1318 C CG2 . ILE A 1 181 ? -2.046  2.569   -1.139  1.00 23.05 ? 179 ILE A CG2 1 
ATOM   1319 C CD1 . ILE A 1 181 ? -4.134  0.286   -1.283  1.00 24.87 ? 179 ILE A CD1 1 
ATOM   1320 N N   . ILE A 1 182 ? -1.581  4.270   -4.236  1.00 22.17 ? 180 ILE A N   1 
ATOM   1321 C CA  . ILE A 1 182 ? -0.385  4.990   -4.645  1.00 25.00 ? 180 ILE A CA  1 
ATOM   1322 C C   . ILE A 1 182 ? -0.721  6.457   -4.897  1.00 24.42 ? 180 ILE A C   1 
ATOM   1323 O O   . ILE A 1 182 ? 0.056   7.346   -4.552  1.00 24.48 ? 180 ILE A O   1 
ATOM   1324 C CB  . ILE A 1 182 ? 0.233   4.351   -5.906  1.00 26.06 ? 180 ILE A CB  1 
ATOM   1325 C CG1 . ILE A 1 182 ? 0.898   3.024   -5.520  1.00 29.15 ? 180 ILE A CG1 1 
ATOM   1326 C CG2 . ILE A 1 182 ? 1.231   5.301   -6.549  1.00 30.19 ? 180 ILE A CG2 1 
ATOM   1327 C CD1 . ILE A 1 182 ? 1.540   2.283   -6.664  1.00 30.35 ? 180 ILE A CD1 1 
ATOM   1328 N N   . TYR A 1 183 ? -1.889  6.713   -5.483  1.00 24.33 ? 181 TYR A N   1 
ATOM   1329 C CA  . TYR A 1 183 ? -2.292  8.088   -5.751  1.00 25.25 ? 181 TYR A CA  1 
ATOM   1330 C C   . TYR A 1 183 ? -2.389  8.880   -4.449  1.00 24.64 ? 181 TYR A C   1 
ATOM   1331 O O   . TYR A 1 183 ? -1.907  10.008  -4.361  1.00 26.94 ? 181 TYR A O   1 
ATOM   1332 C CB  . TYR A 1 183 ? -3.645  8.129   -6.466  1.00 27.17 ? 181 TYR A CB  1 
ATOM   1333 C CG  . TYR A 1 183 ? -4.114  9.539   -6.743  1.00 28.63 ? 181 TYR A CG  1 
ATOM   1334 C CD1 . TYR A 1 183 ? -3.572  10.281  -7.791  1.00 31.23 ? 181 TYR A CD1 1 
ATOM   1335 C CD2 . TYR A 1 183 ? -5.062  10.150  -5.926  1.00 30.13 ? 181 TYR A CD2 1 
ATOM   1336 C CE1 . TYR A 1 183 ? -3.964  11.600  -8.018  1.00 33.37 ? 181 TYR A CE1 1 
ATOM   1337 C CE2 . TYR A 1 183 ? -5.460  11.469  -6.144  1.00 32.38 ? 181 TYR A CE2 1 
ATOM   1338 C CZ  . TYR A 1 183 ? -4.908  12.185  -7.190  1.00 32.29 ? 181 TYR A CZ  1 
ATOM   1339 O OH  . TYR A 1 183 ? -5.301  13.488  -7.406  1.00 37.08 ? 181 TYR A OH  1 
ATOM   1340 N N   . GLU A 1 184 ? -3.010  8.282   -3.440  1.00 23.37 ? 182 GLU A N   1 
ATOM   1341 C CA  . GLU A 1 184 ? -3.174  8.941   -2.150  1.00 24.94 ? 182 GLU A CA  1 
ATOM   1342 C C   . GLU A 1 184 ? -1.832  9.171   -1.463  1.00 25.34 ? 182 GLU A C   1 
ATOM   1343 O O   . GLU A 1 184 ? -1.598  10.228  -0.875  1.00 24.49 ? 182 GLU A O   1 
ATOM   1344 C CB  . GLU A 1 184 ? -4.110  8.117   -1.260  1.00 25.03 ? 182 GLU A CB  1 
ATOM   1345 C CG  . GLU A 1 184 ? -5.560  8.118   -1.761  1.00 25.90 ? 182 GLU A CG  1 
ATOM   1346 C CD  . GLU A 1 184 ? -6.499  7.267   -0.924  1.00 26.38 ? 182 GLU A CD  1 
ATOM   1347 O OE1 . GLU A 1 184 ? -6.117  6.863   0.192   1.00 26.88 ? 182 GLU A OE1 1 
ATOM   1348 O OE2 . GLU A 1 184 ? -7.638  7.010   -1.384  1.00 28.86 ? 182 GLU A OE2 1 
ATOM   1349 N N   . ILE A 1 185 ? -0.945  8.189   -1.551  1.00 25.10 ? 183 ILE A N   1 
ATOM   1350 C CA  . ILE A 1 185 ? 0.375   8.317   -0.948  1.00 26.44 ? 183 ILE A CA  1 
ATOM   1351 C C   . ILE A 1 185 ? 1.135   9.484   -1.578  1.00 28.71 ? 183 ILE A C   1 
ATOM   1352 O O   . ILE A 1 185 ? 1.834   10.227  -0.891  1.00 29.32 ? 183 ILE A O   1 
ATOM   1353 C CB  . ILE A 1 185 ? 1.190   7.022   -1.129  1.00 25.93 ? 183 ILE A CB  1 
ATOM   1354 C CG1 . ILE A 1 185 ? 0.570   5.909   -0.279  1.00 25.12 ? 183 ILE A CG1 1 
ATOM   1355 C CG2 . ILE A 1 185 ? 2.654   7.265   -0.766  1.00 26.73 ? 183 ILE A CG2 1 
ATOM   1356 C CD1 . ILE A 1 185 ? 1.271   4.573   -0.399  1.00 25.40 ? 183 ILE A CD1 1 
ATOM   1357 N N   . LYS A 1 186 ? 0.983   9.647   -2.889  1.00 29.72 ? 184 LYS A N   1 
ATOM   1358 C CA  . LYS A 1 186 ? 1.658   10.722  -3.605  1.00 32.14 ? 184 LYS A CA  1 
ATOM   1359 C C   . LYS A 1 186 ? 0.973   12.069  -3.416  1.00 32.77 ? 184 LYS A C   1 
ATOM   1360 O O   . LYS A 1 186 ? 1.609   13.117  -3.536  1.00 34.65 ? 184 LYS A O   1 
ATOM   1361 C CB  . LYS A 1 186 ? 1.725   10.412  -5.100  1.00 32.02 ? 184 LYS A CB  1 
ATOM   1362 C CG  . LYS A 1 186 ? 2.579   9.218   -5.465  1.00 35.41 ? 184 LYS A CG  1 
ATOM   1363 C CD  . LYS A 1 186 ? 2.666   9.075   -6.974  1.00 36.91 ? 184 LYS A CD  1 
ATOM   1364 C CE  . LYS A 1 186 ? 3.557   7.916   -7.377  1.00 40.22 ? 184 LYS A CE  1 
ATOM   1365 N NZ  . LYS A 1 186 ? 3.660   7.783   -8.862  1.00 42.66 ? 184 LYS A NZ  1 
ATOM   1366 N N   . ASN A 1 187 ? -0.323  12.043  -3.118  1.00 34.35 ? 185 ASN A N   1 
ATOM   1367 C CA  . ASN A 1 187 ? -1.077  13.278  -2.937  1.00 34.82 ? 185 ASN A CA  1 
ATOM   1368 C C   . ASN A 1 187 ? -1.773  13.368  -1.588  1.00 36.49 ? 185 ASN A C   1 
ATOM   1369 O O   . ASN A 1 187 ? -2.994  13.229  -1.496  1.00 35.48 ? 185 ASN A O   1 
ATOM   1370 C CB  . ASN A 1 187 ? -2.111  13.429  -4.054  1.00 35.00 ? 185 ASN A CB  1 
ATOM   1371 C CG  . ASN A 1 187 ? -1.487  13.382  -5.430  1.00 35.45 ? 185 ASN A CG  1 
ATOM   1372 O OD1 . ASN A 1 187 ? -1.293  12.311  -6.001  1.00 33.37 ? 185 ASN A OD1 1 
ATOM   1373 N ND2 . ASN A 1 187 ? -1.151  14.551  -5.966  1.00 37.73 ? 185 ASN A ND2 1 
ATOM   1374 N N   . PRO A 1 188 ? -1.004  13.615  -0.520  1.00 37.57 ? 186 PRO A N   1 
ATOM   1375 C CA  . PRO A 1 188 ? -1.576  13.721  0.822   1.00 38.79 ? 186 PRO A CA  1 
ATOM   1376 C C   . PRO A 1 188 ? -2.604  14.844  0.940   1.00 39.41 ? 186 PRO A C   1 
ATOM   1377 O O   . PRO A 1 188 ? -3.390  14.875  1.884   1.00 40.25 ? 186 PRO A O   1 
ATOM   1378 C CB  . PRO A 1 188 ? -0.346  13.948  1.701   1.00 39.06 ? 186 PRO A CB  1 
ATOM   1379 C CG  . PRO A 1 188 ? 0.581   14.688  0.786   1.00 38.08 ? 186 PRO A CG  1 
ATOM   1380 C CD  . PRO A 1 188 ? 0.439   13.918  -0.502  1.00 38.49 ? 186 PRO A CD  1 
ATOM   1381 N N   . GLN A 1 189 ? -2.602  15.762  -0.021  1.00 41.32 ? 187 GLN A N   1 
ATOM   1382 C CA  . GLN A 1 189 ? -3.550  16.868  0.004   1.00 42.96 ? 187 GLN A CA  1 
ATOM   1383 C C   . GLN A 1 189 ? -4.857  16.555  -0.726  1.00 43.06 ? 187 GLN A C   1 
ATOM   1384 O O   . GLN A 1 189 ? -5.787  17.365  -0.712  1.00 42.38 ? 187 GLN A O   1 
ATOM   1385 C CB  . GLN A 1 189 ? -2.916  18.138  -0.578  1.00 45.35 ? 187 GLN A CB  1 
ATOM   1386 C CG  . GLN A 1 189 ? -2.382  18.013  -1.997  1.00 48.40 ? 187 GLN A CG  1 
ATOM   1387 C CD  . GLN A 1 189 ? -1.190  17.080  -2.099  1.00 50.28 ? 187 GLN A CD  1 
ATOM   1388 O OE1 . GLN A 1 189 ? -0.210  17.219  -1.363  1.00 51.35 ? 187 GLN A OE1 1 
ATOM   1389 N NE2 . GLN A 1 189 ? -1.263  16.130  -3.020  1.00 49.97 ? 187 GLN A NE2 1 
ATOM   1390 N N   . THR A 1 190 ? -4.938  15.386  -1.360  1.00 42.46 ? 188 THR A N   1 
ATOM   1391 C CA  . THR A 1 190 ? -6.165  15.014  -2.062  1.00 42.36 ? 188 THR A CA  1 
ATOM   1392 C C   . THR A 1 190 ? -7.291  15.052  -1.034  1.00 42.26 ? 188 THR A C   1 
ATOM   1393 O O   . THR A 1 190 ? -7.083  14.710  0.129   1.00 42.62 ? 188 THR A O   1 
ATOM   1394 C CB  . THR A 1 190 ? -6.070  13.598  -2.683  1.00 42.51 ? 188 THR A CB  1 
ATOM   1395 O OG1 . THR A 1 190 ? -7.143  13.416  -3.617  1.00 41.39 ? 188 THR A OG1 1 
ATOM   1396 C CG2 . THR A 1 190 ? -6.166  12.523  -1.609  1.00 41.43 ? 188 THR A CG2 1 
ATOM   1397 N N   . LYS A 1 191 ? -8.481  15.468  -1.457  1.00 42.46 ? 189 LYS A N   1 
ATOM   1398 C CA  . LYS A 1 191 ? -9.611  15.578  -0.543  1.00 42.72 ? 189 LYS A CA  1 
ATOM   1399 C C   . LYS A 1 191 ? -10.121 14.273  0.056   1.00 41.95 ? 189 LYS A C   1 
ATOM   1400 O O   . LYS A 1 191 ? -10.629 14.264  1.178   1.00 42.50 ? 189 LYS A O   1 
ATOM   1401 C CB  . LYS A 1 191 ? -10.777 16.305  -1.223  1.00 44.59 ? 189 LYS A CB  1 
ATOM   1402 C CG  . LYS A 1 191 ? -12.014 16.416  -0.338  1.00 45.44 ? 189 LYS A CG  1 
ATOM   1403 C CD  . LYS A 1 191 ? -13.057 17.347  -0.928  1.00 46.71 ? 189 LYS A CD  1 
ATOM   1404 C CE  . LYS A 1 191 ? -14.282 17.423  -0.026  1.00 48.18 ? 189 LYS A CE  1 
ATOM   1405 N NZ  . LYS A 1 191 ? -13.931 17.822  1.369   1.00 48.58 ? 189 LYS A NZ  1 
ATOM   1406 N N   . TYR A 1 192 ? -9.988  13.174  -0.676  1.00 40.92 ? 190 TYR A N   1 
ATOM   1407 C CA  . TYR A 1 192 ? -10.469 11.893  -0.177  1.00 40.08 ? 190 TYR A CA  1 
ATOM   1408 C C   . TYR A 1 192 ? -9.379  10.848  0.049   1.00 38.42 ? 190 TYR A C   1 
ATOM   1409 O O   . TYR A 1 192 ? -8.594  10.549  -0.845  1.00 36.77 ? 190 TYR A O   1 
ATOM   1410 C CB  . TYR A 1 192 ? -11.527 11.335  -1.131  1.00 42.02 ? 190 TYR A CB  1 
ATOM   1411 C CG  . TYR A 1 192 ? -12.780 12.177  -1.198  1.00 43.83 ? 190 TYR A CG  1 
ATOM   1412 C CD1 . TYR A 1 192 ? -13.630 12.284  -0.098  1.00 44.55 ? 190 TYR A CD1 1 
ATOM   1413 C CD2 . TYR A 1 192 ? -13.110 12.882  -2.356  1.00 44.47 ? 190 TYR A CD2 1 
ATOM   1414 C CE1 . TYR A 1 192 ? -14.778 13.072  -0.147  1.00 45.81 ? 190 TYR A CE1 1 
ATOM   1415 C CE2 . TYR A 1 192 ? -14.256 13.674  -2.415  1.00 45.96 ? 190 TYR A CE2 1 
ATOM   1416 C CZ  . TYR A 1 192 ? -15.082 13.765  -1.307  1.00 45.93 ? 190 TYR A CZ  1 
ATOM   1417 O OH  . TYR A 1 192 ? -16.208 14.555  -1.354  1.00 47.82 ? 190 TYR A OH  1 
ATOM   1418 N N   . LYS A 1 193 ? -9.342  10.301  1.260   1.00 37.41 ? 191 LYS A N   1 
ATOM   1419 C CA  . LYS A 1 193 ? -8.374  9.269   1.616   1.00 37.46 ? 191 LYS A CA  1 
ATOM   1420 C C   . LYS A 1 193 ? -9.152  7.980   1.858   1.00 36.16 ? 191 LYS A C   1 
ATOM   1421 O O   . LYS A 1 193 ? -9.537  7.677   2.987   1.00 36.95 ? 191 LYS A O   1 
ATOM   1422 C CB  . LYS A 1 193 ? -7.605  9.655   2.886   1.00 37.45 ? 191 LYS A CB  1 
ATOM   1423 C CG  . LYS A 1 193 ? -6.789  10.941  2.787   1.00 38.41 ? 191 LYS A CG  1 
ATOM   1424 C CD  . LYS A 1 193 ? -5.771  10.887  1.660   1.00 37.33 ? 191 LYS A CD  1 
ATOM   1425 C CE  . LYS A 1 193 ? -4.801  12.057  1.739   1.00 40.59 ? 191 LYS A CE  1 
ATOM   1426 N NZ  . LYS A 1 193 ? -5.499  13.373  1.803   1.00 39.87 ? 191 LYS A NZ  1 
ATOM   1427 N N   . LEU A 1 194 ? -9.376  7.225   0.788   1.00 34.69 ? 192 LEU A N   1 
ATOM   1428 C CA  . LEU A 1 194 ? -10.129 5.979   0.864   1.00 33.07 ? 192 LEU A CA  1 
ATOM   1429 C C   . LEU A 1 194 ? -9.422  4.838   1.581   1.00 31.86 ? 192 LEU A C   1 
ATOM   1430 O O   . LEU A 1 194 ? -10.034 4.125   2.377   1.00 30.86 ? 192 LEU A O   1 
ATOM   1431 C CB  . LEU A 1 194 ? -10.501 5.510   -0.545  1.00 34.11 ? 192 LEU A CB  1 
ATOM   1432 C CG  . LEU A 1 194 ? -11.370 6.443   -1.386  1.00 35.20 ? 192 LEU A CG  1 
ATOM   1433 C CD1 . LEU A 1 194 ? -11.552 5.846   -2.772  1.00 36.61 ? 192 LEU A CD1 1 
ATOM   1434 C CD2 . LEU A 1 194 ? -12.713 6.652   -0.700  1.00 35.69 ? 192 LEU A CD2 1 
ATOM   1435 N N   . PHE A 1 195 ? -8.134  4.662   1.303   1.00 30.37 ? 193 PHE A N   1 
ATOM   1436 C CA  . PHE A 1 195 ? -7.390  3.564   1.905   1.00 30.56 ? 193 PHE A CA  1 
ATOM   1437 C C   . PHE A 1 195 ? -6.175  3.965   2.729   1.00 31.00 ? 193 PHE A C   1 
ATOM   1438 O O   . PHE A 1 195 ? -5.560  3.111   3.369   1.00 29.67 ? 193 PHE A O   1 
ATOM   1439 C CB  . PHE A 1 195 ? -6.942  2.596   0.808   1.00 30.46 ? 193 PHE A CB  1 
ATOM   1440 C CG  . PHE A 1 195 ? -8.029  2.229   -0.153  1.00 30.97 ? 193 PHE A CG  1 
ATOM   1441 C CD1 . PHE A 1 195 ? -9.162  1.547   0.285   1.00 32.61 ? 193 PHE A CD1 1 
ATOM   1442 C CD2 . PHE A 1 195 ? -7.933  2.577   -1.496  1.00 29.98 ? 193 PHE A CD2 1 
ATOM   1443 C CE1 . PHE A 1 195 ? -10.183 1.217   -0.605  1.00 31.95 ? 193 PHE A CE1 1 
ATOM   1444 C CE2 . PHE A 1 195 ? -8.947  2.252   -2.392  1.00 31.44 ? 193 PHE A CE2 1 
ATOM   1445 C CZ  . PHE A 1 195 ? -10.077 1.569   -1.945  1.00 31.79 ? 193 PHE A CZ  1 
ATOM   1446 N N   . THR A 1 196 ? -5.827  5.247   2.720   1.00 31.63 ? 194 THR A N   1 
ATOM   1447 C CA  . THR A 1 196 ? -4.656  5.701   3.464   1.00 32.88 ? 194 THR A CA  1 
ATOM   1448 C C   . THR A 1 196 ? -4.977  6.652   4.613   1.00 36.23 ? 194 THR A C   1 
ATOM   1449 O O   . THR A 1 196 ? -4.078  7.297   5.157   1.00 37.73 ? 194 THR A O   1 
ATOM   1450 C CB  . THR A 1 196 ? -3.647  6.396   2.533   1.00 32.51 ? 194 THR A CB  1 
ATOM   1451 O OG1 . THR A 1 196 ? -4.243  7.570   1.971   1.00 27.82 ? 194 THR A OG1 1 
ATOM   1452 C CG2 . THR A 1 196 ? -3.226  5.460   1.409   1.00 29.57 ? 194 THR A CG2 1 
ATOM   1453 N N   . ALA A 1 197 ? -6.251  6.735   4.983   1.00 37.97 ? 195 ALA A N   1 
ATOM   1454 C CA  . ALA A 1 197 ? -6.668  7.615   6.068   1.00 40.94 ? 195 ALA A CA  1 
ATOM   1455 C C   . ALA A 1 197 ? -6.031  7.180   7.384   1.00 42.18 ? 195 ALA A C   1 
ATOM   1456 O O   . ALA A 1 197 ? -5.533  6.037   7.446   1.00 43.32 ? 195 ALA A O   1 
ATOM   1457 C CB  . ALA A 1 197 ? -8.189  7.602   6.196   1.00 41.24 ? 195 ALA A CB  1 
HETATM 1458 O O   . HOH B 2 .   ? 10.351  -6.346  13.978  1.00 17.37 ? 204 HOH A O   1 
HETATM 1459 O O   . HOH B 2 .   ? 25.908  4.191   3.385   1.00 15.22 ? 205 HOH A O   1 
HETATM 1460 O O   . HOH B 2 .   ? 10.949  3.039   17.576  1.00 19.04 ? 206 HOH A O   1 
HETATM 1461 O O   . HOH B 2 .   ? 21.905  6.285   6.255   1.00 16.32 ? 207 HOH A O   1 
HETATM 1462 O O   . HOH B 2 .   ? 9.262   -8.779  12.738  1.00 19.56 ? 208 HOH A O   1 
HETATM 1463 O O   . HOH B 2 .   ? 25.389  -0.939  9.219   1.00 20.39 ? 209 HOH A O   1 
HETATM 1464 O O   . HOH B 2 .   ? 3.843   8.062   4.695   1.00 20.84 ? 210 HOH A O   1 
HETATM 1465 O O   . HOH B 2 .   ? 9.099   12.643  8.712   1.00 19.78 ? 211 HOH A O   1 
HETATM 1466 O O   . HOH B 2 .   ? 12.468  -10.937 -1.533  1.00 21.15 ? 212 HOH A O   1 
HETATM 1467 O O   . HOH B 2 .   ? 20.767  -5.728  10.172  1.00 21.32 ? 213 HOH A O   1 
HETATM 1468 O O   . HOH B 2 .   ? 22.690  1.283   0.540   1.00 19.24 ? 214 HOH A O   1 
HETATM 1469 O O   . HOH B 2 .   ? 7.745   10.744  11.473  1.00 18.33 ? 215 HOH A O   1 
HETATM 1470 O O   . HOH B 2 .   ? 21.296  -2.275  14.313  1.00 18.62 ? 216 HOH A O   1 
HETATM 1471 O O   . HOH B 2 .   ? 22.026  4.516   8.524   1.00 17.53 ? 217 HOH A O   1 
HETATM 1472 O O   . HOH B 2 .   ? 5.115   11.668  11.152  1.00 23.98 ? 218 HOH A O   1 
HETATM 1473 O O   . HOH B 2 .   ? 8.345   17.818  -1.974  1.00 25.55 ? 219 HOH A O   1 
HETATM 1474 O O   . HOH B 2 .   ? 5.813   3.491   -7.036  1.00 20.52 ? 220 HOH A O   1 
HETATM 1475 O O   . HOH B 2 .   ? 14.262  -3.161  -2.878  1.00 22.95 ? 221 HOH A O   1 
HETATM 1476 O O   . HOH B 2 .   ? 4.055   11.697  -0.686  1.00 23.70 ? 222 HOH A O   1 
HETATM 1477 O O   . HOH B 2 .   ? 7.074   18.251  0.738   1.00 21.26 ? 223 HOH A O   1 
HETATM 1478 O O   . HOH B 2 .   ? 12.682  -5.077  20.592  1.00 21.89 ? 224 HOH A O   1 
HETATM 1479 O O   . HOH B 2 .   ? 7.056   -0.650  -10.214 1.00 22.34 ? 225 HOH A O   1 
HETATM 1480 O O   . HOH B 2 .   ? 17.798  2.067   -4.793  1.00 24.35 ? 226 HOH A O   1 
HETATM 1481 O O   . HOH B 2 .   ? 17.303  -11.981 8.612   1.00 24.59 ? 227 HOH A O   1 
HETATM 1482 O O   . HOH B 2 .   ? 20.825  6.003   10.550  1.00 27.98 ? 228 HOH A O   1 
HETATM 1483 O O   . HOH B 2 .   ? 23.894  -2.587  13.421  1.00 26.94 ? 229 HOH A O   1 
HETATM 1484 O O   . HOH B 2 .   ? 7.893   -7.274  -4.466  1.00 24.38 ? 230 HOH A O   1 
HETATM 1485 O O   . HOH B 2 .   ? 6.843   13.109  -2.429  1.00 24.87 ? 231 HOH A O   1 
HETATM 1486 O O   . HOH B 2 .   ? 29.308  11.599  12.159  1.00 28.30 ? 232 HOH A O   1 
HETATM 1487 O O   . HOH B 2 .   ? 18.133  3.435   15.275  1.00 19.92 ? 233 HOH A O   1 
HETATM 1488 O O   . HOH B 2 .   ? 11.440  11.932  12.997  1.00 28.17 ? 234 HOH A O   1 
HETATM 1489 O O   . HOH B 2 .   ? 14.567  11.849  2.694   1.00 23.56 ? 235 HOH A O   1 
HETATM 1490 O O   . HOH B 2 .   ? -1.935  9.730   9.253   1.00 43.60 ? 236 HOH A O   1 
HETATM 1491 O O   . HOH B 2 .   ? 19.176  -1.486  -1.224  1.00 26.31 ? 237 HOH A O   1 
HETATM 1492 O O   . HOH B 2 .   ? 12.714  -9.626  8.033   1.00 22.59 ? 238 HOH A O   1 
HETATM 1493 O O   . HOH B 2 .   ? 15.444  9.229   1.703   1.00 39.53 ? 239 HOH A O   1 
HETATM 1494 O O   . HOH B 2 .   ? 4.502   3.197   -9.280  1.00 30.54 ? 240 HOH A O   1 
HETATM 1495 O O   . HOH B 2 .   ? 21.840  0.457   14.809  1.00 28.54 ? 241 HOH A O   1 
HETATM 1496 O O   . HOH B 2 .   ? 6.620   -7.627  24.154  1.00 32.25 ? 242 HOH A O   1 
HETATM 1497 O O   . HOH B 2 .   ? -15.112 10.052  -14.121 1.00 41.68 ? 243 HOH A O   1 
HETATM 1498 O O   . HOH B 2 .   ? 8.098   -9.988  24.718  1.00 25.09 ? 244 HOH A O   1 
HETATM 1499 O O   . HOH B 2 .   ? 15.331  -8.903  -0.966  1.00 32.13 ? 245 HOH A O   1 
HETATM 1500 O O   . HOH B 2 .   ? 14.203  -4.452  -5.241  1.00 29.55 ? 246 HOH A O   1 
HETATM 1501 O O   . HOH B 2 .   ? 14.746  9.655   14.026  1.00 23.05 ? 247 HOH A O   1 
HETATM 1502 O O   . HOH B 2 .   ? 26.783  12.932  0.211   1.00 43.56 ? 248 HOH A O   1 
HETATM 1503 O O   . HOH B 2 .   ? 7.439   -12.068 6.275   1.00 30.64 ? 249 HOH A O   1 
HETATM 1504 O O   . HOH B 2 .   ? 2.629   10.303  11.398  1.00 38.74 ? 250 HOH A O   1 
HETATM 1505 O O   . HOH B 2 .   ? 12.959  5.262   19.514  1.00 40.79 ? 251 HOH A O   1 
HETATM 1506 O O   . HOH B 2 .   ? 32.000  12.544  12.129  1.00 32.08 ? 252 HOH A O   1 
HETATM 1507 O O   . HOH B 2 .   ? 19.185  4.636   17.935  1.00 40.34 ? 253 HOH A O   1 
HETATM 1508 O O   . HOH B 2 .   ? 28.232  0.707   10.433  1.00 28.94 ? 254 HOH A O   1 
HETATM 1509 O O   . HOH B 2 .   ? 13.223  -10.481 19.568  1.00 28.02 ? 255 HOH A O   1 
HETATM 1510 O O   . HOH B 2 .   ? -1.379  6.543   5.791   1.00 37.25 ? 256 HOH A O   1 
HETATM 1511 O O   . HOH B 2 .   ? 6.117   -10.342 11.286  1.00 41.19 ? 257 HOH A O   1 
HETATM 1512 O O   . HOH B 2 .   ? 24.601  5.649   14.696  1.00 35.83 ? 258 HOH A O   1 
HETATM 1513 O O   . HOH B 2 .   ? -11.562 7.089   -11.946 1.00 35.65 ? 259 HOH A O   1 
HETATM 1514 O O   . HOH B 2 .   ? -0.768  19.230  1.210   1.00 43.83 ? 260 HOH A O   1 
HETATM 1515 O O   . HOH B 2 .   ? 10.364  -10.686 9.287   1.00 41.74 ? 261 HOH A O   1 
HETATM 1516 O O   . HOH B 2 .   ? 32.721  -2.451  6.376   1.00 30.20 ? 262 HOH A O   1 
HETATM 1517 O O   . HOH B 2 .   ? 1.827   -12.049 -3.435  1.00 42.75 ? 263 HOH A O   1 
HETATM 1518 O O   . HOH B 2 .   ? 18.321  1.602   -2.165  1.00 27.61 ? 264 HOH A O   1 
HETATM 1519 O O   . HOH B 2 .   ? 2.427   -8.303  -5.720  1.00 34.24 ? 265 HOH A O   1 
HETATM 1520 O O   . HOH B 2 .   ? 16.664  -4.746  -0.396  1.00 27.45 ? 266 HOH A O   1 
HETATM 1521 O O   . HOH B 2 .   ? -9.112  12.008  -6.647  1.00 40.38 ? 267 HOH A O   1 
HETATM 1522 O O   . HOH B 2 .   ? 14.860  -10.934 8.969   1.00 37.59 ? 268 HOH A O   1 
HETATM 1523 O O   . HOH B 2 .   ? 10.604  5.406   18.441  1.00 45.13 ? 269 HOH A O   1 
HETATM 1524 O O   . HOH B 2 .   ? 7.982   3.269   18.017  1.00 38.43 ? 270 HOH A O   1 
HETATM 1525 O O   . HOH B 2 .   ? 13.877  -3.667  18.654  1.00 30.99 ? 271 HOH A O   1 
HETATM 1526 O O   . HOH B 2 .   ? 8.378   -8.984  16.647  1.00 38.95 ? 272 HOH A O   1 
HETATM 1527 O O   . HOH B 2 .   ? 13.708  8.173   -7.201  1.00 36.36 ? 273 HOH A O   1 
HETATM 1528 O O   . HOH B 2 .   ? -0.366  -2.300  10.715  1.00 36.66 ? 274 HOH A O   1 
HETATM 1529 O O   . HOH B 2 .   ? 23.983  -13.850 4.017   1.00 41.01 ? 275 HOH A O   1 
HETATM 1530 O O   . HOH B 2 .   ? 20.225  8.120   6.894   1.00 32.43 ? 276 HOH A O   1 
HETATM 1531 O O   . HOH B 2 .   ? 14.172  11.206  5.017   1.00 43.72 ? 277 HOH A O   1 
HETATM 1532 O O   . HOH B 2 .   ? 8.803   11.430  -6.473  1.00 38.43 ? 278 HOH A O   1 
HETATM 1533 O O   . HOH B 2 .   ? 13.785  -12.831 6.233   1.00 34.88 ? 279 HOH A O   1 
HETATM 1534 O O   . HOH B 2 .   ? 33.831  6.193   6.560   1.00 38.48 ? 280 HOH A O   1 
HETATM 1535 O O   . HOH B 2 .   ? 33.412  10.397  13.761  1.00 43.00 ? 281 HOH A O   1 
HETATM 1536 O O   . HOH B 2 .   ? -6.845  1.949   5.625   1.00 46.59 ? 282 HOH A O   1 
HETATM 1537 O O   . HOH B 2 .   ? 13.705  6.784   16.535  1.00 40.97 ? 283 HOH A O   1 
HETATM 1538 O O   . HOH B 2 .   ? 22.105  6.728   13.759  1.00 35.91 ? 284 HOH A O   1 
HETATM 1539 O O   . HOH B 2 .   ? -8.371  4.132   5.061   1.00 37.86 ? 285 HOH A O   1 
HETATM 1540 O O   . HOH B 2 .   ? 6.003   -8.420  20.532  1.00 40.08 ? 286 HOH A O   1 
HETATM 1541 O O   . HOH B 2 .   ? 1.773   -1.739  19.348  1.00 38.23 ? 287 HOH A O   1 
HETATM 1542 O O   . HOH B 2 .   ? 17.227  6.119   16.317  1.00 38.08 ? 288 HOH A O   1 
HETATM 1543 O O   . HOH B 2 .   ? -3.814  -8.120  -10.483 1.00 44.42 ? 289 HOH A O   1 
HETATM 1544 O O   . HOH B 2 .   ? 16.042  9.515   9.815   1.00 42.09 ? 290 HOH A O   1 
HETATM 1545 O O   . HOH B 2 .   ? 18.255  -13.839 10.129  1.00 42.40 ? 291 HOH A O   1 
HETATM 1546 O O   . HOH B 2 .   ? 16.531  10.575  12.324  1.00 41.65 ? 292 HOH A O   1 
HETATM 1547 O O   . HOH B 2 .   ? 6.191   -12.197 2.748   1.00 43.45 ? 293 HOH A O   1 
HETATM 1548 O O   . HOH B 2 .   ? 0.346   11.379  12.521  1.00 39.87 ? 294 HOH A O   1 
HETATM 1549 O O   . HOH B 2 .   ? 24.583  0.469   13.488  1.00 38.13 ? 295 HOH A O   1 
HETATM 1550 O O   . HOH B 2 .   ? 19.817  -8.940  16.651  1.00 39.31 ? 296 HOH A O   1 
HETATM 1551 O O   . HOH B 2 .   ? 17.164  -7.728  1.115   1.00 45.68 ? 297 HOH A O   1 
HETATM 1552 O O   . HOH B 2 .   ? 8.205   8.704   13.235  1.00 39.93 ? 298 HOH A O   1 
HETATM 1553 O O   . HOH B 2 .   ? -2.146  -4.352  10.711  1.00 43.17 ? 299 HOH A O   1 
HETATM 1554 O O   . HOH B 2 .   ? 6.468   18.394  -3.799  1.00 40.25 ? 300 HOH A O   1 
HETATM 1555 O O   . HOH B 2 .   ? -4.920  -3.209  4.527   1.00 36.67 ? 301 HOH A O   1 
HETATM 1556 O O   . HOH B 2 .   ? -5.746  1.167   -12.492 1.00 45.39 ? 302 HOH A O   1 
HETATM 1557 O O   . HOH B 2 .   ? -7.283  0.738   3.458   1.00 33.57 ? 303 HOH A O   1 
HETATM 1558 O O   . HOH B 2 .   ? -9.692  8.888   -10.790 1.00 46.77 ? 304 HOH A O   1 
HETATM 1559 O O   . HOH B 2 .   ? -2.792  9.666   2.973   1.00 40.24 ? 305 HOH A O   1 
HETATM 1560 O O   . HOH B 2 .   ? 12.793  11.404  -5.008  1.00 37.02 ? 306 HOH A O   1 
HETATM 1561 O O   . HOH B 2 .   ? 12.272  3.721   -9.140  1.00 33.07 ? 307 HOH A O   1 
HETATM 1562 O O   . HOH B 2 .   ? 8.531   -1.562  20.276  1.00 43.15 ? 308 HOH A O   1 
HETATM 1563 O O   . HOH B 2 .   ? 0.987   -4.060  -8.339  1.00 39.93 ? 309 HOH A O   1 
HETATM 1564 O O   . HOH B 2 .   ? 2.534   4.079   11.702  1.00 39.02 ? 310 HOH A O   1 
HETATM 1565 O O   . HOH B 2 .   ? -4.468  -11.258 -9.612  1.00 44.68 ? 311 HOH A O   1 
HETATM 1566 O O   . HOH B 2 .   ? -1.068  -10.029 13.138  1.00 46.19 ? 312 HOH A O   1 
HETATM 1567 O O   . HOH B 2 .   ? -9.581  12.675  -3.735  1.00 45.87 ? 313 HOH A O   1 
HETATM 1568 O O   . HOH B 2 .   ? 2.825   -12.418 3.686   1.00 47.61 ? 314 HOH A O   1 
HETATM 1569 O O   . HOH B 2 .   ? 4.754   16.780  0.956   1.00 40.71 ? 315 HOH A O   1 
HETATM 1570 O O   . HOH B 2 .   ? 17.571  7.559   8.895   1.00 43.04 ? 316 HOH A O   1 
HETATM 1571 O O   . HOH B 2 .   ? 0.763   -10.301 -5.011  1.00 47.65 ? 317 HOH A O   1 
HETATM 1572 O O   . HOH B 2 .   ? -2.815  -1.467  13.599  1.00 48.67 ? 318 HOH A O   1 
HETATM 1573 O O   . HOH B 2 .   ? 0.049   3.787   14.627  1.00 47.12 ? 319 HOH A O   1 
HETATM 1574 O O   . HOH B 2 .   ? 12.140  -1.283  19.856  1.00 51.65 ? 320 HOH A O   1 
HETATM 1575 O O   . HOH B 2 .   ? 0.203   6.738   3.457   1.00 46.07 ? 321 HOH A O   1 
HETATM 1576 O O   . HOH B 2 .   ? 28.338  8.171   1.317   1.00 33.34 ? 322 HOH A O   1 
HETATM 1577 O O   . HOH B 2 .   ? 9.189   -10.430 19.392  1.00 45.86 ? 323 HOH A O   1 
HETATM 1578 O O   . HOH B 2 .   ? 6.760   2.662   -10.507 1.00 43.86 ? 324 HOH A O   1 
HETATM 1579 O O   . HOH B 2 .   ? -2.975  -7.668  4.405   1.00 44.23 ? 325 HOH A O   1 
HETATM 1580 O O   . HOH B 2 .   ? -3.380  10.066  5.799   1.00 46.45 ? 326 HOH A O   1 
HETATM 1581 O O   . HOH B 2 .   ? -6.897  -1.626  6.541   1.00 40.68 ? 327 HOH A O   1 
HETATM 1582 O O   . HOH B 2 .   ? 19.055  6.416   -0.905  1.00 33.20 ? 328 HOH A O   1 
HETATM 1583 O O   . HOH B 2 .   ? -1.818  5.688   -9.305  1.00 36.94 ? 329 HOH A O   1 
HETATM 1584 O O   . HOH B 2 .   ? 0.626   -1.783  -15.672 1.00 49.89 ? 330 HOH A O   1 
HETATM 1585 O O   . HOH B 2 .   ? 14.949  8.734   4.280   1.00 48.94 ? 331 HOH A O   1 
HETATM 1586 O O   . HOH B 2 .   ? -10.158 7.176   -13.941 1.00 44.18 ? 332 HOH A O   1 
HETATM 1587 O O   . HOH B 2 .   ? 0.333   -8.092  17.435  1.00 46.44 ? 333 HOH A O   1 
HETATM 1588 O O   . HOH B 2 .   ? 11.732  4.468   21.876  1.00 46.16 ? 334 HOH A O   1 
HETATM 1589 O O   . HOH B 2 .   ? -11.386 -0.567  -15.405 1.00 46.30 ? 335 HOH A O   1 
# 
